data_3ZBV
# 
_entry.id   3ZBV 
# 
_audit_conform.dict_name       mmcif_pdbx.dic 
_audit_conform.dict_version    5.398 
_audit_conform.dict_location   http://mmcif.pdb.org/dictionaries/ascii/mmcif_pdbx.dic 
# 
loop_
_database_2.database_id 
_database_2.database_code 
_database_2.pdbx_database_accession 
_database_2.pdbx_DOI 
PDB   3ZBV         pdb_00003zbv 10.2210/pdb3zbv/pdb 
PDBE  EBI-54790    ?            ?                   
WWPDB D_1290054790 ?            ?                   
# 
loop_
_pdbx_audit_revision_history.ordinal 
_pdbx_audit_revision_history.data_content_type 
_pdbx_audit_revision_history.major_revision 
_pdbx_audit_revision_history.minor_revision 
_pdbx_audit_revision_history.revision_date 
1 'Structure model' 1 0 2012-12-26 
2 'Structure model' 1 1 2013-01-16 
3 'Structure model' 1 2 2023-12-20 
4 'Structure model' 1 3 2024-11-13 
# 
_pdbx_audit_revision_details.ordinal             1 
_pdbx_audit_revision_details.revision_ordinal    1 
_pdbx_audit_revision_details.data_content_type   'Structure model' 
_pdbx_audit_revision_details.provider            repository 
_pdbx_audit_revision_details.type                'Initial release' 
_pdbx_audit_revision_details.description         ? 
_pdbx_audit_revision_details.details             ? 
# 
loop_
_pdbx_audit_revision_group.ordinal 
_pdbx_audit_revision_group.revision_ordinal 
_pdbx_audit_revision_group.data_content_type 
_pdbx_audit_revision_group.group 
1 2 'Structure model' 'Database references'    
2 3 'Structure model' 'Data collection'        
3 3 'Structure model' 'Database references'    
4 3 'Structure model' 'Derived calculations'   
5 3 'Structure model' Other                    
6 3 'Structure model' 'Refinement description' 
7 4 'Structure model' 'Structure summary'      
# 
loop_
_pdbx_audit_revision_category.ordinal 
_pdbx_audit_revision_category.revision_ordinal 
_pdbx_audit_revision_category.data_content_type 
_pdbx_audit_revision_category.category 
1  3 'Structure model' chem_comp_atom                
2  3 'Structure model' chem_comp_bond                
3  3 'Structure model' database_2                    
4  3 'Structure model' pdbx_database_status          
5  3 'Structure model' pdbx_initial_refinement_model 
6  3 'Structure model' pdbx_struct_conn_angle        
7  3 'Structure model' struct_conn                   
8  3 'Structure model' struct_site                   
9  4 'Structure model' pdbx_entry_details            
10 4 'Structure model' pdbx_modification_feature     
# 
loop_
_pdbx_audit_revision_item.ordinal 
_pdbx_audit_revision_item.revision_ordinal 
_pdbx_audit_revision_item.data_content_type 
_pdbx_audit_revision_item.item 
1  3 'Structure model' '_database_2.pdbx_DOI'                        
2  3 'Structure model' '_database_2.pdbx_database_accession'         
3  3 'Structure model' '_pdbx_database_status.status_code_sf'        
4  3 'Structure model' '_pdbx_struct_conn_angle.ptnr1_auth_comp_id'  
5  3 'Structure model' '_pdbx_struct_conn_angle.ptnr1_auth_seq_id'   
6  3 'Structure model' '_pdbx_struct_conn_angle.ptnr1_label_asym_id' 
7  3 'Structure model' '_pdbx_struct_conn_angle.ptnr1_label_atom_id' 
8  3 'Structure model' '_pdbx_struct_conn_angle.ptnr1_label_comp_id' 
9  3 'Structure model' '_pdbx_struct_conn_angle.ptnr1_label_seq_id'  
10 3 'Structure model' '_pdbx_struct_conn_angle.ptnr1_symmetry'      
11 3 'Structure model' '_pdbx_struct_conn_angle.ptnr3_auth_comp_id'  
12 3 'Structure model' '_pdbx_struct_conn_angle.ptnr3_auth_seq_id'   
13 3 'Structure model' '_pdbx_struct_conn_angle.ptnr3_label_asym_id' 
14 3 'Structure model' '_pdbx_struct_conn_angle.ptnr3_label_atom_id' 
15 3 'Structure model' '_pdbx_struct_conn_angle.ptnr3_label_comp_id' 
16 3 'Structure model' '_pdbx_struct_conn_angle.ptnr3_label_seq_id'  
17 3 'Structure model' '_pdbx_struct_conn_angle.ptnr3_symmetry'      
18 3 'Structure model' '_pdbx_struct_conn_angle.value'               
19 3 'Structure model' '_struct_conn.pdbx_dist_value'                
20 3 'Structure model' '_struct_conn.ptnr1_auth_comp_id'             
21 3 'Structure model' '_struct_conn.ptnr1_auth_seq_id'              
22 3 'Structure model' '_struct_conn.ptnr1_label_asym_id'            
23 3 'Structure model' '_struct_conn.ptnr1_label_atom_id'            
24 3 'Structure model' '_struct_conn.ptnr1_label_comp_id'            
25 3 'Structure model' '_struct_conn.ptnr1_label_seq_id'             
26 3 'Structure model' '_struct_conn.ptnr1_symmetry'                 
27 3 'Structure model' '_struct_conn.ptnr2_auth_comp_id'             
28 3 'Structure model' '_struct_conn.ptnr2_auth_seq_id'              
29 3 'Structure model' '_struct_conn.ptnr2_label_asym_id'            
30 3 'Structure model' '_struct_conn.ptnr2_label_atom_id'            
31 3 'Structure model' '_struct_conn.ptnr2_label_comp_id'            
32 3 'Structure model' '_struct_conn.ptnr2_label_seq_id'             
33 3 'Structure model' '_struct_conn.ptnr2_symmetry'                 
34 3 'Structure model' '_struct_site.pdbx_auth_asym_id'              
35 3 'Structure model' '_struct_site.pdbx_auth_comp_id'              
36 3 'Structure model' '_struct_site.pdbx_auth_seq_id'               
# 
_pdbx_database_status.status_code                     REL 
_pdbx_database_status.entry_id                        3ZBV 
_pdbx_database_status.deposit_site                    PDBE 
_pdbx_database_status.process_site                    PDBE 
_pdbx_database_status.SG_entry                        . 
_pdbx_database_status.recvd_initial_deposition_date   2012-11-13 
_pdbx_database_status.pdb_format_compatible           Y 
_pdbx_database_status.status_code_sf                  REL 
_pdbx_database_status.status_code_mr                  ? 
_pdbx_database_status.status_code_cs                  ? 
_pdbx_database_status.methods_development_category    ? 
_pdbx_database_status.status_code_nmr_data            ? 
# 
_pdbx_database_related.db_name        PDB 
_pdbx_database_related.db_id          3ZBW 
_pdbx_database_related.content_type   unspecified 
_pdbx_database_related.details        'CRYSTAL STRUCTURE OF MURINE ANGIOGENIN-3' 
# 
loop_
_audit_author.name 
_audit_author.pdbx_ordinal 
'Iyer, S.'       1 
'Holloway, D.E.' 2 
'Acharya, K.R.'  3 
# 
_citation.id                        primary 
_citation.title                     
;Crystal Structures of Murine Angiogenin-2 and -3 - Probing 'Structure - Function' Relationships Amongst Angiogenin Homologues.
;
_citation.journal_abbrev            'FEBS J.' 
_citation.journal_volume            280 
_citation.page_first                302 
_citation.page_last                 ? 
_citation.year                      2013 
_citation.journal_id_ASTM           ? 
_citation.country                   UK 
_citation.journal_id_ISSN           1742-464X 
_citation.journal_id_CSD            ? 
_citation.book_publisher            ? 
_citation.pdbx_database_id_PubMed   23170778 
_citation.pdbx_database_id_DOI      10.1111/FEBS.12071 
# 
loop_
_citation_author.citation_id 
_citation_author.name 
_citation_author.ordinal 
_citation_author.identifier_ORCID 
primary 'Iyer, S.'       1 ? 
primary 'Holloway, D.E.' 2 ? 
primary 'Acharya, K.R.'  3 ? 
# 
loop_
_entity.id 
_entity.type 
_entity.src_method 
_entity.pdbx_description 
_entity.formula_weight 
_entity.pdbx_number_of_molecules 
_entity.pdbx_ec 
_entity.pdbx_mutation 
_entity.pdbx_fragment 
_entity.details 
1 polymer     man ANGIOGENIN-2  14127.202 1   ? ? ? ? 
2 non-polymer syn 'ZINC ION'    65.409    1   ? ? ? ? 
3 non-polymer syn 'SULFATE ION' 96.063    2   ? ? ? ? 
4 non-polymer syn GLYCEROL      92.094    1   ? ? ? ? 
5 water       nat water         18.015    137 ? ? ? ? 
# 
_entity_name_com.entity_id   1 
_entity_name_com.name        'ANGIOGENIN-RELATED PROTEIN' 
# 
_entity_poly.entity_id                      1 
_entity_poly.type                           'polypeptide(L)' 
_entity_poly.nstd_linkage                   no 
_entity_poly.nstd_monomer                   no 
_entity_poly.pdbx_seq_one_letter_code       
;QDDSRYTKFLTQHYDAKPKGRDDRYCESMMVKRKLTSFCKDVNTFIHDTKNNIKAICGKKGSPYGRNLRISKSHFQVTTC
THKGRSPRPPCRYRASKGFRYIIIGCENGWPVHFDESFISP
;
_entity_poly.pdbx_seq_one_letter_code_can   
;QDDSRYTKFLTQHYDAKPKGRDDRYCESMMVKRKLTSFCKDVNTFIHDTKNNIKAICGKKGSPYGRNLRISKSHFQVTTC
THKGRSPRPPCRYRASKGFRYIIIGCENGWPVHFDESFISP
;
_entity_poly.pdbx_strand_id                 A 
_entity_poly.pdbx_target_identifier         ? 
# 
loop_
_pdbx_entity_nonpoly.entity_id 
_pdbx_entity_nonpoly.name 
_pdbx_entity_nonpoly.comp_id 
2 'ZINC ION'    ZN  
3 'SULFATE ION' SO4 
4 GLYCEROL      GOL 
5 water         HOH 
# 
loop_
_entity_poly_seq.entity_id 
_entity_poly_seq.num 
_entity_poly_seq.mon_id 
_entity_poly_seq.hetero 
1 1   GLN n 
1 2   ASP n 
1 3   ASP n 
1 4   SER n 
1 5   ARG n 
1 6   TYR n 
1 7   THR n 
1 8   LYS n 
1 9   PHE n 
1 10  LEU n 
1 11  THR n 
1 12  GLN n 
1 13  HIS n 
1 14  TYR n 
1 15  ASP n 
1 16  ALA n 
1 17  LYS n 
1 18  PRO n 
1 19  LYS n 
1 20  GLY n 
1 21  ARG n 
1 22  ASP n 
1 23  ASP n 
1 24  ARG n 
1 25  TYR n 
1 26  CYS n 
1 27  GLU n 
1 28  SER n 
1 29  MET n 
1 30  MET n 
1 31  VAL n 
1 32  LYS n 
1 33  ARG n 
1 34  LYS n 
1 35  LEU n 
1 36  THR n 
1 37  SER n 
1 38  PHE n 
1 39  CYS n 
1 40  LYS n 
1 41  ASP n 
1 42  VAL n 
1 43  ASN n 
1 44  THR n 
1 45  PHE n 
1 46  ILE n 
1 47  HIS n 
1 48  ASP n 
1 49  THR n 
1 50  LYS n 
1 51  ASN n 
1 52  ASN n 
1 53  ILE n 
1 54  LYS n 
1 55  ALA n 
1 56  ILE n 
1 57  CYS n 
1 58  GLY n 
1 59  LYS n 
1 60  LYS n 
1 61  GLY n 
1 62  SER n 
1 63  PRO n 
1 64  TYR n 
1 65  GLY n 
1 66  ARG n 
1 67  ASN n 
1 68  LEU n 
1 69  ARG n 
1 70  ILE n 
1 71  SER n 
1 72  LYS n 
1 73  SER n 
1 74  HIS n 
1 75  PHE n 
1 76  GLN n 
1 77  VAL n 
1 78  THR n 
1 79  THR n 
1 80  CYS n 
1 81  THR n 
1 82  HIS n 
1 83  LYS n 
1 84  GLY n 
1 85  ARG n 
1 86  SER n 
1 87  PRO n 
1 88  ARG n 
1 89  PRO n 
1 90  PRO n 
1 91  CYS n 
1 92  ARG n 
1 93  TYR n 
1 94  ARG n 
1 95  ALA n 
1 96  SER n 
1 97  LYS n 
1 98  GLY n 
1 99  PHE n 
1 100 ARG n 
1 101 TYR n 
1 102 ILE n 
1 103 ILE n 
1 104 ILE n 
1 105 GLY n 
1 106 CYS n 
1 107 GLU n 
1 108 ASN n 
1 109 GLY n 
1 110 TRP n 
1 111 PRO n 
1 112 VAL n 
1 113 HIS n 
1 114 PHE n 
1 115 ASP n 
1 116 GLU n 
1 117 SER n 
1 118 PHE n 
1 119 ILE n 
1 120 SER n 
1 121 PRO n 
# 
_entity_src_gen.entity_id                          1 
_entity_src_gen.pdbx_src_id                        1 
_entity_src_gen.pdbx_alt_source_flag               sample 
_entity_src_gen.pdbx_seq_type                      ? 
_entity_src_gen.pdbx_beg_seq_num                   ? 
_entity_src_gen.pdbx_end_seq_num                   ? 
_entity_src_gen.gene_src_common_name               'HOUSE MOUSE' 
_entity_src_gen.gene_src_genus                     ? 
_entity_src_gen.pdbx_gene_src_gene                 ? 
_entity_src_gen.gene_src_species                   ? 
_entity_src_gen.gene_src_strain                    ? 
_entity_src_gen.gene_src_tissue                    ? 
_entity_src_gen.gene_src_tissue_fraction           ? 
_entity_src_gen.gene_src_details                   ? 
_entity_src_gen.pdbx_gene_src_fragment             ? 
_entity_src_gen.pdbx_gene_src_scientific_name      'MUS MUSCULUS' 
_entity_src_gen.pdbx_gene_src_ncbi_taxonomy_id     10090 
_entity_src_gen.pdbx_gene_src_variant              ? 
_entity_src_gen.pdbx_gene_src_cell_line            ? 
_entity_src_gen.pdbx_gene_src_atcc                 ? 
_entity_src_gen.pdbx_gene_src_organ                ? 
_entity_src_gen.pdbx_gene_src_organelle            ? 
_entity_src_gen.pdbx_gene_src_cell                 ? 
_entity_src_gen.pdbx_gene_src_cellular_location    ? 
_entity_src_gen.host_org_common_name               ? 
_entity_src_gen.pdbx_host_org_scientific_name      'ESCHERICHIA COLI' 
_entity_src_gen.pdbx_host_org_ncbi_taxonomy_id     469008 
_entity_src_gen.host_org_genus                     ? 
_entity_src_gen.pdbx_host_org_gene                 ? 
_entity_src_gen.pdbx_host_org_organ                ? 
_entity_src_gen.host_org_species                   ? 
_entity_src_gen.pdbx_host_org_tissue               ? 
_entity_src_gen.pdbx_host_org_tissue_fraction      ? 
_entity_src_gen.pdbx_host_org_strain               'BL21(DE3)' 
_entity_src_gen.pdbx_host_org_variant              'CODONPLUS -RIPL' 
_entity_src_gen.pdbx_host_org_cell_line            ? 
_entity_src_gen.pdbx_host_org_atcc                 ? 
_entity_src_gen.pdbx_host_org_culture_collection   ? 
_entity_src_gen.pdbx_host_org_cell                 ? 
_entity_src_gen.pdbx_host_org_organelle            ? 
_entity_src_gen.pdbx_host_org_cellular_location    ? 
_entity_src_gen.pdbx_host_org_vector_type          PLASMID 
_entity_src_gen.pdbx_host_org_vector               PET22B 
_entity_src_gen.host_org_details                   ? 
_entity_src_gen.expression_system_id               ? 
_entity_src_gen.plasmid_name                       ? 
_entity_src_gen.plasmid_details                    ? 
_entity_src_gen.pdbx_description                   ? 
# 
loop_
_chem_comp.id 
_chem_comp.type 
_chem_comp.mon_nstd_flag 
_chem_comp.name 
_chem_comp.pdbx_synonyms 
_chem_comp.formula 
_chem_comp.formula_weight 
ALA 'L-peptide linking' y ALANINE         ?                               'C3 H7 N O2'     89.093  
ARG 'L-peptide linking' y ARGININE        ?                               'C6 H15 N4 O2 1' 175.209 
ASN 'L-peptide linking' y ASPARAGINE      ?                               'C4 H8 N2 O3'    132.118 
ASP 'L-peptide linking' y 'ASPARTIC ACID' ?                               'C4 H7 N O4'     133.103 
CYS 'L-peptide linking' y CYSTEINE        ?                               'C3 H7 N O2 S'   121.158 
GLN 'L-peptide linking' y GLUTAMINE       ?                               'C5 H10 N2 O3'   146.144 
GLU 'L-peptide linking' y 'GLUTAMIC ACID' ?                               'C5 H9 N O4'     147.129 
GLY 'peptide linking'   y GLYCINE         ?                               'C2 H5 N O2'     75.067  
GOL non-polymer         . GLYCEROL        'GLYCERIN; PROPANE-1,2,3-TRIOL' 'C3 H8 O3'       92.094  
HIS 'L-peptide linking' y HISTIDINE       ?                               'C6 H10 N3 O2 1' 156.162 
HOH non-polymer         . WATER           ?                               'H2 O'           18.015  
ILE 'L-peptide linking' y ISOLEUCINE      ?                               'C6 H13 N O2'    131.173 
LEU 'L-peptide linking' y LEUCINE         ?                               'C6 H13 N O2'    131.173 
LYS 'L-peptide linking' y LYSINE          ?                               'C6 H15 N2 O2 1' 147.195 
MET 'L-peptide linking' y METHIONINE      ?                               'C5 H11 N O2 S'  149.211 
PHE 'L-peptide linking' y PHENYLALANINE   ?                               'C9 H11 N O2'    165.189 
PRO 'L-peptide linking' y PROLINE         ?                               'C5 H9 N O2'     115.130 
SER 'L-peptide linking' y SERINE          ?                               'C3 H7 N O3'     105.093 
SO4 non-polymer         . 'SULFATE ION'   ?                               'O4 S -2'        96.063  
THR 'L-peptide linking' y THREONINE       ?                               'C4 H9 N O3'     119.119 
TRP 'L-peptide linking' y TRYPTOPHAN      ?                               'C11 H12 N2 O2'  204.225 
TYR 'L-peptide linking' y TYROSINE        ?                               'C9 H11 N O3'    181.189 
VAL 'L-peptide linking' y VALINE          ?                               'C5 H11 N O2'    117.146 
ZN  non-polymer         . 'ZINC ION'      ?                               'Zn 2'           65.409  
# 
loop_
_pdbx_poly_seq_scheme.asym_id 
_pdbx_poly_seq_scheme.entity_id 
_pdbx_poly_seq_scheme.seq_id 
_pdbx_poly_seq_scheme.mon_id 
_pdbx_poly_seq_scheme.ndb_seq_num 
_pdbx_poly_seq_scheme.pdb_seq_num 
_pdbx_poly_seq_scheme.auth_seq_num 
_pdbx_poly_seq_scheme.pdb_mon_id 
_pdbx_poly_seq_scheme.auth_mon_id 
_pdbx_poly_seq_scheme.pdb_strand_id 
_pdbx_poly_seq_scheme.pdb_ins_code 
_pdbx_poly_seq_scheme.hetero 
A 1 1   GLN 1   1   ?   ?   ?   A . n 
A 1 2   ASP 2   2   ?   ?   ?   A . n 
A 1 3   ASP 3   3   3   ASP ASP A . n 
A 1 4   SER 4   4   4   SER SER A . n 
A 1 5   ARG 5   5   5   ARG ARG A . n 
A 1 6   TYR 6   6   6   TYR TYR A . n 
A 1 7   THR 7   7   7   THR THR A . n 
A 1 8   LYS 8   8   8   LYS LYS A . n 
A 1 9   PHE 9   9   9   PHE PHE A . n 
A 1 10  LEU 10  10  10  LEU LEU A . n 
A 1 11  THR 11  11  11  THR THR A . n 
A 1 12  GLN 12  12  12  GLN GLN A . n 
A 1 13  HIS 13  13  13  HIS HIS A . n 
A 1 14  TYR 14  14  14  TYR TYR A . n 
A 1 15  ASP 15  15  15  ASP ASP A . n 
A 1 16  ALA 16  16  16  ALA ALA A . n 
A 1 17  LYS 17  17  17  LYS LYS A . n 
A 1 18  PRO 18  18  18  PRO PRO A . n 
A 1 19  LYS 19  19  19  LYS LYS A . n 
A 1 20  GLY 20  20  20  GLY GLY A . n 
A 1 21  ARG 21  21  21  ARG ARG A . n 
A 1 22  ASP 22  22  22  ASP ASP A . n 
A 1 23  ASP 23  23  23  ASP ASP A . n 
A 1 24  ARG 24  24  24  ARG ARG A . n 
A 1 25  TYR 25  25  25  TYR TYR A . n 
A 1 26  CYS 26  26  26  CYS CYS A . n 
A 1 27  GLU 27  27  27  GLU GLU A . n 
A 1 28  SER 28  28  28  SER SER A . n 
A 1 29  MET 29  29  29  MET MET A . n 
A 1 30  MET 30  30  30  MET MET A . n 
A 1 31  VAL 31  31  31  VAL VAL A . n 
A 1 32  LYS 32  32  32  LYS LYS A . n 
A 1 33  ARG 33  33  33  ARG ARG A . n 
A 1 34  LYS 34  34  34  LYS LYS A . n 
A 1 35  LEU 35  35  35  LEU LEU A . n 
A 1 36  THR 36  36  36  THR THR A . n 
A 1 37  SER 37  37  37  SER SER A . n 
A 1 38  PHE 38  38  38  PHE PHE A . n 
A 1 39  CYS 39  39  39  CYS CYS A . n 
A 1 40  LYS 40  40  40  LYS LYS A . n 
A 1 41  ASP 41  41  41  ASP ASP A . n 
A 1 42  VAL 42  42  42  VAL VAL A . n 
A 1 43  ASN 43  43  43  ASN ASN A . n 
A 1 44  THR 44  44  44  THR THR A . n 
A 1 45  PHE 45  45  45  PHE PHE A . n 
A 1 46  ILE 46  46  46  ILE ILE A . n 
A 1 47  HIS 47  47  47  HIS HIS A . n 
A 1 48  ASP 48  48  48  ASP ASP A . n 
A 1 49  THR 49  49  49  THR THR A . n 
A 1 50  LYS 50  50  50  LYS LYS A . n 
A 1 51  ASN 51  51  51  ASN ASN A . n 
A 1 52  ASN 52  52  52  ASN ASN A . n 
A 1 53  ILE 53  53  53  ILE ILE A . n 
A 1 54  LYS 54  54  54  LYS LYS A . n 
A 1 55  ALA 55  55  55  ALA ALA A . n 
A 1 56  ILE 56  56  56  ILE ILE A . n 
A 1 57  CYS 57  57  57  CYS CYS A . n 
A 1 58  GLY 58  58  58  GLY GLY A . n 
A 1 59  LYS 59  59  59  LYS LYS A . n 
A 1 60  LYS 60  60  60  LYS LYS A . n 
A 1 61  GLY 61  61  61  GLY GLY A . n 
A 1 62  SER 62  62  62  SER SER A . n 
A 1 63  PRO 63  63  63  PRO PRO A . n 
A 1 64  TYR 64  64  64  TYR TYR A . n 
A 1 65  GLY 65  65  65  GLY GLY A . n 
A 1 66  ARG 66  66  66  ARG ARG A . n 
A 1 67  ASN 67  67  67  ASN ASN A . n 
A 1 68  LEU 68  68  68  LEU LEU A . n 
A 1 69  ARG 69  69  69  ARG ARG A . n 
A 1 70  ILE 70  70  70  ILE ILE A . n 
A 1 71  SER 71  71  71  SER SER A . n 
A 1 72  LYS 72  72  72  LYS LYS A . n 
A 1 73  SER 73  73  73  SER SER A . n 
A 1 74  HIS 74  74  74  HIS HIS A . n 
A 1 75  PHE 75  75  75  PHE PHE A . n 
A 1 76  GLN 76  76  76  GLN GLN A . n 
A 1 77  VAL 77  77  77  VAL VAL A . n 
A 1 78  THR 78  78  78  THR THR A . n 
A 1 79  THR 79  79  79  THR THR A . n 
A 1 80  CYS 80  80  80  CYS CYS A . n 
A 1 81  THR 81  81  81  THR THR A . n 
A 1 82  HIS 82  82  82  HIS HIS A . n 
A 1 83  LYS 83  83  83  LYS LYS A . n 
A 1 84  GLY 84  84  84  GLY GLY A . n 
A 1 85  ARG 85  85  85  ARG ARG A . n 
A 1 86  SER 86  86  86  SER SER A . n 
A 1 87  PRO 87  87  87  PRO PRO A . n 
A 1 88  ARG 88  88  88  ARG ARG A . n 
A 1 89  PRO 89  89  89  PRO PRO A . n 
A 1 90  PRO 90  90  90  PRO PRO A . n 
A 1 91  CYS 91  91  91  CYS CYS A . n 
A 1 92  ARG 92  92  92  ARG ARG A . n 
A 1 93  TYR 93  93  93  TYR TYR A . n 
A 1 94  ARG 94  94  94  ARG ARG A . n 
A 1 95  ALA 95  95  95  ALA ALA A . n 
A 1 96  SER 96  96  96  SER SER A . n 
A 1 97  LYS 97  97  97  LYS LYS A . n 
A 1 98  GLY 98  98  98  GLY GLY A . n 
A 1 99  PHE 99  99  99  PHE PHE A . n 
A 1 100 ARG 100 100 100 ARG ARG A . n 
A 1 101 TYR 101 101 101 TYR TYR A . n 
A 1 102 ILE 102 102 102 ILE ILE A . n 
A 1 103 ILE 103 103 103 ILE ILE A . n 
A 1 104 ILE 104 104 104 ILE ILE A . n 
A 1 105 GLY 105 105 105 GLY GLY A . n 
A 1 106 CYS 106 106 106 CYS CYS A . n 
A 1 107 GLU 107 107 107 GLU GLU A . n 
A 1 108 ASN 108 108 108 ASN ASN A . n 
A 1 109 GLY 109 109 109 GLY GLY A . n 
A 1 110 TRP 110 110 110 TRP TRP A . n 
A 1 111 PRO 111 111 111 PRO PRO A . n 
A 1 112 VAL 112 112 112 VAL VAL A . n 
A 1 113 HIS 113 113 113 HIS HIS A . n 
A 1 114 PHE 114 114 114 PHE PHE A . n 
A 1 115 ASP 115 115 115 ASP ASP A . n 
A 1 116 GLU 116 116 116 GLU GLU A . n 
A 1 117 SER 117 117 117 SER SER A . n 
A 1 118 PHE 118 118 118 PHE PHE A . n 
A 1 119 ILE 119 119 119 ILE ILE A . n 
A 1 120 SER 120 120 120 SER SER A . n 
A 1 121 PRO 121 121 ?   ?   ?   A . n 
# 
loop_
_pdbx_nonpoly_scheme.asym_id 
_pdbx_nonpoly_scheme.entity_id 
_pdbx_nonpoly_scheme.mon_id 
_pdbx_nonpoly_scheme.ndb_seq_num 
_pdbx_nonpoly_scheme.pdb_seq_num 
_pdbx_nonpoly_scheme.auth_seq_num 
_pdbx_nonpoly_scheme.pdb_mon_id 
_pdbx_nonpoly_scheme.auth_mon_id 
_pdbx_nonpoly_scheme.pdb_strand_id 
_pdbx_nonpoly_scheme.pdb_ins_code 
B 2 ZN  1   1121 1121 ZN  ZN  A . 
C 3 SO4 1   1122 1122 SO4 SO4 A . 
D 3 SO4 1   1123 1123 SO4 SO4 A . 
E 4 GOL 1   1124 1124 GOL GOL A . 
F 5 HOH 1   2001 2001 HOH HOH A . 
F 5 HOH 2   2002 2002 HOH HOH A . 
F 5 HOH 3   2003 2003 HOH HOH A . 
F 5 HOH 4   2004 2004 HOH HOH A . 
F 5 HOH 5   2005 2005 HOH HOH A . 
F 5 HOH 6   2006 2006 HOH HOH A . 
F 5 HOH 7   2007 2007 HOH HOH A . 
F 5 HOH 8   2008 2008 HOH HOH A . 
F 5 HOH 9   2009 2009 HOH HOH A . 
F 5 HOH 10  2010 2010 HOH HOH A . 
F 5 HOH 11  2011 2011 HOH HOH A . 
F 5 HOH 12  2012 2012 HOH HOH A . 
F 5 HOH 13  2013 2013 HOH HOH A . 
F 5 HOH 14  2014 2014 HOH HOH A . 
F 5 HOH 15  2015 2015 HOH HOH A . 
F 5 HOH 16  2016 2016 HOH HOH A . 
F 5 HOH 17  2017 2017 HOH HOH A . 
F 5 HOH 18  2018 2018 HOH HOH A . 
F 5 HOH 19  2019 2019 HOH HOH A . 
F 5 HOH 20  2020 2020 HOH HOH A . 
F 5 HOH 21  2021 2021 HOH HOH A . 
F 5 HOH 22  2022 2022 HOH HOH A . 
F 5 HOH 23  2023 2023 HOH HOH A . 
F 5 HOH 24  2024 2024 HOH HOH A . 
F 5 HOH 25  2025 2025 HOH HOH A . 
F 5 HOH 26  2026 2026 HOH HOH A . 
F 5 HOH 27  2027 2027 HOH HOH A . 
F 5 HOH 28  2028 2028 HOH HOH A . 
F 5 HOH 29  2029 2029 HOH HOH A . 
F 5 HOH 30  2030 2030 HOH HOH A . 
F 5 HOH 31  2031 2031 HOH HOH A . 
F 5 HOH 32  2032 2032 HOH HOH A . 
F 5 HOH 33  2033 2033 HOH HOH A . 
F 5 HOH 34  2034 2034 HOH HOH A . 
F 5 HOH 35  2035 2035 HOH HOH A . 
F 5 HOH 36  2036 2036 HOH HOH A . 
F 5 HOH 37  2037 2037 HOH HOH A . 
F 5 HOH 38  2038 2038 HOH HOH A . 
F 5 HOH 39  2039 2039 HOH HOH A . 
F 5 HOH 40  2040 2040 HOH HOH A . 
F 5 HOH 41  2041 2041 HOH HOH A . 
F 5 HOH 42  2042 2042 HOH HOH A . 
F 5 HOH 43  2043 2043 HOH HOH A . 
F 5 HOH 44  2044 2044 HOH HOH A . 
F 5 HOH 45  2045 2045 HOH HOH A . 
F 5 HOH 46  2046 2046 HOH HOH A . 
F 5 HOH 47  2047 2047 HOH HOH A . 
F 5 HOH 48  2048 2048 HOH HOH A . 
F 5 HOH 49  2049 2049 HOH HOH A . 
F 5 HOH 50  2050 2050 HOH HOH A . 
F 5 HOH 51  2051 2051 HOH HOH A . 
F 5 HOH 52  2052 2052 HOH HOH A . 
F 5 HOH 53  2053 2053 HOH HOH A . 
F 5 HOH 54  2054 2054 HOH HOH A . 
F 5 HOH 55  2055 2055 HOH HOH A . 
F 5 HOH 56  2056 2056 HOH HOH A . 
F 5 HOH 57  2057 2057 HOH HOH A . 
F 5 HOH 58  2058 2058 HOH HOH A . 
F 5 HOH 59  2059 2059 HOH HOH A . 
F 5 HOH 60  2060 2060 HOH HOH A . 
F 5 HOH 61  2061 2061 HOH HOH A . 
F 5 HOH 62  2062 2062 HOH HOH A . 
F 5 HOH 63  2063 2063 HOH HOH A . 
F 5 HOH 64  2064 2064 HOH HOH A . 
F 5 HOH 65  2065 2065 HOH HOH A . 
F 5 HOH 66  2066 2066 HOH HOH A . 
F 5 HOH 67  2067 2067 HOH HOH A . 
F 5 HOH 68  2068 2068 HOH HOH A . 
F 5 HOH 69  2069 2069 HOH HOH A . 
F 5 HOH 70  2070 2070 HOH HOH A . 
F 5 HOH 71  2071 2071 HOH HOH A . 
F 5 HOH 72  2072 2072 HOH HOH A . 
F 5 HOH 73  2073 2073 HOH HOH A . 
F 5 HOH 74  2074 2074 HOH HOH A . 
F 5 HOH 75  2075 2075 HOH HOH A . 
F 5 HOH 76  2076 2076 HOH HOH A . 
F 5 HOH 77  2077 2077 HOH HOH A . 
F 5 HOH 78  2078 2078 HOH HOH A . 
F 5 HOH 79  2079 2079 HOH HOH A . 
F 5 HOH 80  2080 2080 HOH HOH A . 
F 5 HOH 81  2081 2081 HOH HOH A . 
F 5 HOH 82  2082 2082 HOH HOH A . 
F 5 HOH 83  2083 2083 HOH HOH A . 
F 5 HOH 84  2084 2084 HOH HOH A . 
F 5 HOH 85  2085 2085 HOH HOH A . 
F 5 HOH 86  2086 2086 HOH HOH A . 
F 5 HOH 87  2087 2087 HOH HOH A . 
F 5 HOH 88  2088 2088 HOH HOH A . 
F 5 HOH 89  2089 2089 HOH HOH A . 
F 5 HOH 90  2090 2090 HOH HOH A . 
F 5 HOH 91  2091 2091 HOH HOH A . 
F 5 HOH 92  2092 2092 HOH HOH A . 
F 5 HOH 93  2093 2093 HOH HOH A . 
F 5 HOH 94  2094 2094 HOH HOH A . 
F 5 HOH 95  2095 2095 HOH HOH A . 
F 5 HOH 96  2096 2096 HOH HOH A . 
F 5 HOH 97  2097 2097 HOH HOH A . 
F 5 HOH 98  2098 2098 HOH HOH A . 
F 5 HOH 99  2099 2099 HOH HOH A . 
F 5 HOH 100 2100 2100 HOH HOH A . 
F 5 HOH 101 2101 2101 HOH HOH A . 
F 5 HOH 102 2102 2102 HOH HOH A . 
F 5 HOH 103 2103 2103 HOH HOH A . 
F 5 HOH 104 2104 2104 HOH HOH A . 
F 5 HOH 105 2105 2105 HOH HOH A . 
F 5 HOH 106 2106 2106 HOH HOH A . 
F 5 HOH 107 2107 2107 HOH HOH A . 
F 5 HOH 108 2108 2108 HOH HOH A . 
F 5 HOH 109 2109 2109 HOH HOH A . 
F 5 HOH 110 2110 2110 HOH HOH A . 
F 5 HOH 111 2111 2111 HOH HOH A . 
F 5 HOH 112 2112 2112 HOH HOH A . 
F 5 HOH 113 2113 2113 HOH HOH A . 
F 5 HOH 114 2114 2114 HOH HOH A . 
F 5 HOH 115 2115 2115 HOH HOH A . 
F 5 HOH 116 2116 2116 HOH HOH A . 
F 5 HOH 117 2117 2117 HOH HOH A . 
F 5 HOH 118 2118 2118 HOH HOH A . 
F 5 HOH 119 2119 2119 HOH HOH A . 
F 5 HOH 120 2120 2120 HOH HOH A . 
F 5 HOH 121 2121 2121 HOH HOH A . 
F 5 HOH 122 2122 2122 HOH HOH A . 
F 5 HOH 123 2123 2123 HOH HOH A . 
F 5 HOH 124 2124 2124 HOH HOH A . 
F 5 HOH 125 2125 2125 HOH HOH A . 
F 5 HOH 126 2126 2126 HOH HOH A . 
F 5 HOH 127 2127 2127 HOH HOH A . 
F 5 HOH 128 2128 2128 HOH HOH A . 
F 5 HOH 129 2129 2129 HOH HOH A . 
F 5 HOH 130 2130 2130 HOH HOH A . 
F 5 HOH 131 2131 2131 HOH HOH A . 
F 5 HOH 132 2132 2132 HOH HOH A . 
F 5 HOH 133 2133 2133 HOH HOH A . 
F 5 HOH 134 2134 2134 HOH HOH A . 
F 5 HOH 135 2135 2135 HOH HOH A . 
F 5 HOH 136 2136 2136 HOH HOH A . 
F 5 HOH 137 2137 2137 HOH HOH A . 
# 
loop_
_pdbx_unobs_or_zero_occ_atoms.id 
_pdbx_unobs_or_zero_occ_atoms.PDB_model_num 
_pdbx_unobs_or_zero_occ_atoms.polymer_flag 
_pdbx_unobs_or_zero_occ_atoms.occupancy_flag 
_pdbx_unobs_or_zero_occ_atoms.auth_asym_id 
_pdbx_unobs_or_zero_occ_atoms.auth_comp_id 
_pdbx_unobs_or_zero_occ_atoms.auth_seq_id 
_pdbx_unobs_or_zero_occ_atoms.PDB_ins_code 
_pdbx_unobs_or_zero_occ_atoms.auth_atom_id 
_pdbx_unobs_or_zero_occ_atoms.label_alt_id 
_pdbx_unobs_or_zero_occ_atoms.label_asym_id 
_pdbx_unobs_or_zero_occ_atoms.label_comp_id 
_pdbx_unobs_or_zero_occ_atoms.label_seq_id 
_pdbx_unobs_or_zero_occ_atoms.label_atom_id 
1  1 Y 1 A ASP 3   ? CB  ? A ASP 3   CB  
2  1 Y 1 A ASP 3   ? CG  ? A ASP 3   CG  
3  1 Y 1 A ASP 3   ? OD1 ? A ASP 3   OD1 
4  1 Y 1 A ASP 3   ? OD2 ? A ASP 3   OD2 
5  1 Y 1 A ARG 24  ? CG  ? A ARG 24  CG  
6  1 Y 1 A ARG 24  ? CD  ? A ARG 24  CD  
7  1 Y 1 A ARG 24  ? NE  ? A ARG 24  NE  
8  1 Y 1 A ARG 24  ? CZ  ? A ARG 24  CZ  
9  1 Y 1 A ARG 24  ? NH1 ? A ARG 24  NH1 
10 1 Y 1 A ARG 24  ? NH2 ? A ARG 24  NH2 
11 1 Y 1 A SER 120 ? CB  ? A SER 120 CB  
12 1 Y 1 A SER 120 ? OG  ? A SER 120 OG  
# 
loop_
_software.name 
_software.classification 
_software.version 
_software.citation_id 
_software.pdbx_ordinal 
REFMAC   refinement       5.6.0117 ? 1 
HKL-2000 'data reduction' .        ? 2 
HKL-2000 'data scaling'   .        ? 3 
AMoRE    phasing          .        ? 4 
# 
_cell.entry_id           3ZBV 
_cell.length_a           89.724 
_cell.length_b           89.724 
_cell.length_c           64.555 
_cell.angle_alpha        90.00 
_cell.angle_beta         90.00 
_cell.angle_gamma        90.00 
_cell.Z_PDB              16 
_cell.pdbx_unique_axis   ? 
# 
_symmetry.entry_id                         3ZBV 
_symmetry.space_group_name_H-M             'I 41 2 2' 
_symmetry.pdbx_full_space_group_name_H-M   ? 
_symmetry.cell_setting                     ? 
_symmetry.Int_Tables_number                98 
# 
_exptl.entry_id          3ZBV 
_exptl.method            'X-RAY DIFFRACTION' 
_exptl.crystals_number   1 
# 
_exptl_crystal.id                    1 
_exptl_crystal.density_meas          ? 
_exptl_crystal.density_Matthews      2.32 
_exptl_crystal.density_percent_sol   47.02 
_exptl_crystal.description           NONE 
# 
_exptl_crystal_grow.crystal_id      1 
_exptl_crystal_grow.method          ? 
_exptl_crystal_grow.temp            ? 
_exptl_crystal_grow.temp_details    ? 
_exptl_crystal_grow.pH              6.5 
_exptl_crystal_grow.pdbx_pH_range   ? 
_exptl_crystal_grow.pdbx_details    '25% PEG 550 MME, 0.1M MES; PH 6.5 AND 0.01M ZNSO4' 
# 
_diffrn.id                     1 
_diffrn.ambient_temp           100 
_diffrn.ambient_temp_details   ? 
_diffrn.crystal_id             1 
# 
_diffrn_detector.diffrn_id              1 
_diffrn_detector.detector               CCD 
_diffrn_detector.type                   'ADSC QUANTUM 4' 
_diffrn_detector.pdbx_collection_date   2007-06-04 
_diffrn_detector.details                MIRRORS 
# 
_diffrn_radiation.diffrn_id                        1 
_diffrn_radiation.wavelength_id                    1 
_diffrn_radiation.pdbx_monochromatic_or_laue_m_l   M 
_diffrn_radiation.monochromator                    ? 
_diffrn_radiation.pdbx_diffrn_protocol             'SINGLE WAVELENGTH' 
_diffrn_radiation.pdbx_scattering_type             x-ray 
# 
_diffrn_radiation_wavelength.id           1 
_diffrn_radiation_wavelength.wavelength   0.87 
_diffrn_radiation_wavelength.wt           1.0 
# 
_diffrn_source.diffrn_id                   1 
_diffrn_source.source                      SYNCHROTRON 
_diffrn_source.type                        'SRS BEAMLINE PX9.6' 
_diffrn_source.pdbx_synchrotron_site       SRS 
_diffrn_source.pdbx_synchrotron_beamline   PX9.6 
_diffrn_source.pdbx_wavelength             0.87 
_diffrn_source.pdbx_wavelength_list        ? 
# 
_reflns.pdbx_diffrn_id               1 
_reflns.pdbx_ordinal                 1 
_reflns.entry_id                     3ZBV 
_reflns.observed_criterion_sigma_I   0.0 
_reflns.observed_criterion_sigma_F   ? 
_reflns.d_resolution_low             40.00 
_reflns.d_resolution_high            1.64 
_reflns.number_obs                   29725 
_reflns.number_all                   ? 
_reflns.percent_possible_obs         91.8 
_reflns.pdbx_Rmerge_I_obs            0.06 
_reflns.pdbx_Rsym_value              ? 
_reflns.pdbx_netI_over_sigmaI        16.90 
_reflns.B_iso_Wilson_estimate        ? 
_reflns.pdbx_redundancy              2.2 
# 
_reflns_shell.pdbx_diffrn_id         1 
_reflns_shell.pdbx_ordinal           1 
_reflns_shell.d_res_high             1.64 
_reflns_shell.d_res_low              1.74 
_reflns_shell.percent_possible_all   92.1 
_reflns_shell.Rmerge_I_obs           ? 
_reflns_shell.pdbx_Rsym_value        ? 
_reflns_shell.meanI_over_sigI_obs    5.20 
_reflns_shell.pdbx_redundancy        ? 
# 
_refine.pdbx_refine_id                           'X-RAY DIFFRACTION' 
_refine.entry_id                                 3ZBV 
_refine.pdbx_diffrn_id                           1 
_refine.pdbx_TLS_residual_ADP_flag               ? 
_refine.ls_number_reflns_obs                     14855 
_refine.ls_number_reflns_all                     ? 
_refine.pdbx_ls_sigma_I                          ? 
_refine.pdbx_ls_sigma_F                          . 
_refine.pdbx_data_cutoff_high_absF               ? 
_refine.pdbx_data_cutoff_low_absF                ? 
_refine.pdbx_data_cutoff_high_rms_absF           ? 
_refine.ls_d_res_low                             17.69 
_refine.ls_d_res_high                            1.64 
_refine.ls_percent_reflns_obs                    91.66 
_refine.ls_R_factor_obs                          0.19774 
_refine.ls_R_factor_all                          ? 
_refine.ls_R_factor_R_work                       0.19764 
_refine.ls_R_factor_R_free                       0.20120 
_refine.ls_R_factor_R_free_error                 ? 
_refine.ls_R_factor_R_free_error_details         ? 
_refine.ls_percent_reflns_R_free                 2.4 
_refine.ls_number_reflns_R_free                  359 
_refine.ls_number_parameters                     ? 
_refine.ls_number_restraints                     ? 
_refine.occupancy_min                            ? 
_refine.occupancy_max                            ? 
_refine.correlation_coeff_Fo_to_Fc               ? 
_refine.correlation_coeff_Fo_to_Fc_free          ? 
_refine.B_iso_mean                               19.568 
_refine.aniso_B[1][1]                            0.06 
_refine.aniso_B[2][2]                            0.06 
_refine.aniso_B[3][3]                            -0.13 
_refine.aniso_B[1][2]                            0.00 
_refine.aniso_B[1][3]                            0.00 
_refine.aniso_B[2][3]                            0.00 
_refine.solvent_model_details                    MASK 
_refine.solvent_model_param_ksol                 ? 
_refine.solvent_model_param_bsol                 ? 
_refine.pdbx_solvent_vdw_probe_radii             1.20 
_refine.pdbx_solvent_ion_probe_radii             0.80 
_refine.pdbx_solvent_shrinkage_radii             0.80 
_refine.pdbx_ls_cross_valid_method               THROUGHOUT 
_refine.details                                  'HYDROGENS HAVE BEEN ADDED IN THE RIDING POSITIONS.' 
_refine.pdbx_starting_model                      'PDB ENTRY 2BWK' 
_refine.pdbx_method_to_determine_struct          'MOLECULAR REPLACEMENT' 
_refine.pdbx_isotropic_thermal_model             ? 
_refine.pdbx_stereochemistry_target_values       'MAXIMUM LIKELIHOOD' 
_refine.pdbx_stereochem_target_val_spec_case     ? 
_refine.pdbx_R_Free_selection_details            RANDOM 
_refine.pdbx_overall_ESU_R                       0.109 
_refine.pdbx_overall_ESU_R_Free                  0.093 
_refine.overall_SU_ML                            0.053 
_refine.pdbx_overall_phase_error                 ? 
_refine.overall_SU_B                             1.508 
_refine.overall_SU_R_Cruickshank_DPI             ? 
_refine.pdbx_overall_SU_R_free_Cruickshank_DPI   ? 
_refine.pdbx_overall_SU_R_Blow_DPI               ? 
_refine.pdbx_overall_SU_R_free_Blow_DPI          ? 
# 
_refine_hist.pdbx_refine_id                   'X-RAY DIFFRACTION' 
_refine_hist.cycle_id                         LAST 
_refine_hist.pdbx_number_atoms_protein        953 
_refine_hist.pdbx_number_atoms_nucleic_acid   0 
_refine_hist.pdbx_number_atoms_ligand         17 
_refine_hist.number_atoms_solvent             137 
_refine_hist.number_atoms_total               1107 
_refine_hist.d_res_high                       1.64 
_refine_hist.d_res_low                        17.69 
# 
loop_
_refine_ls_restr.type 
_refine_ls_restr.dev_ideal 
_refine_ls_restr.dev_ideal_target 
_refine_ls_restr.weight 
_refine_ls_restr.number 
_refine_ls_restr.pdbx_refine_id 
_refine_ls_restr.pdbx_restraint_function 
r_bond_refined_d             0.008  0.020  ? 996  'X-RAY DIFFRACTION' ? 
r_bond_other_d               ?      ?      ? ?    'X-RAY DIFFRACTION' ? 
r_angle_refined_deg          1.228  1.956  ? 1334 'X-RAY DIFFRACTION' ? 
r_angle_other_deg            ?      ?      ? ?    'X-RAY DIFFRACTION' ? 
r_dihedral_angle_1_deg       6.172  5.000  ? 117  'X-RAY DIFFRACTION' ? 
r_dihedral_angle_2_deg       24.956 21.111 ? 45   'X-RAY DIFFRACTION' ? 
r_dihedral_angle_3_deg       11.212 15.000 ? 181  'X-RAY DIFFRACTION' ? 
r_dihedral_angle_4_deg       15.214 15.000 ? 11   'X-RAY DIFFRACTION' ? 
r_chiral_restr               0.081  0.200  ? 134  'X-RAY DIFFRACTION' ? 
r_gen_planes_refined         0.005  0.021  ? 742  'X-RAY DIFFRACTION' ? 
r_gen_planes_other           ?      ?      ? ?    'X-RAY DIFFRACTION' ? 
r_nbd_refined                ?      ?      ? ?    'X-RAY DIFFRACTION' ? 
r_nbd_other                  ?      ?      ? ?    'X-RAY DIFFRACTION' ? 
r_nbtor_refined              ?      ?      ? ?    'X-RAY DIFFRACTION' ? 
r_nbtor_other                ?      ?      ? ?    'X-RAY DIFFRACTION' ? 
r_xyhbond_nbd_refined        ?      ?      ? ?    'X-RAY DIFFRACTION' ? 
r_xyhbond_nbd_other          ?      ?      ? ?    'X-RAY DIFFRACTION' ? 
r_metal_ion_refined          ?      ?      ? ?    'X-RAY DIFFRACTION' ? 
r_metal_ion_other            ?      ?      ? ?    'X-RAY DIFFRACTION' ? 
r_symmetry_vdw_refined       ?      ?      ? ?    'X-RAY DIFFRACTION' ? 
r_symmetry_vdw_other         ?      ?      ? ?    'X-RAY DIFFRACTION' ? 
r_symmetry_hbond_refined     ?      ?      ? ?    'X-RAY DIFFRACTION' ? 
r_symmetry_hbond_other       ?      ?      ? ?    'X-RAY DIFFRACTION' ? 
r_symmetry_metal_ion_refined ?      ?      ? ?    'X-RAY DIFFRACTION' ? 
r_symmetry_metal_ion_other   ?      ?      ? ?    'X-RAY DIFFRACTION' ? 
r_mcbond_it                  ?      ?      ? ?    'X-RAY DIFFRACTION' ? 
r_mcbond_other               ?      ?      ? ?    'X-RAY DIFFRACTION' ? 
r_mcangle_it                 ?      ?      ? ?    'X-RAY DIFFRACTION' ? 
r_mcangle_other              ?      ?      ? ?    'X-RAY DIFFRACTION' ? 
r_scbond_it                  ?      ?      ? ?    'X-RAY DIFFRACTION' ? 
r_scbond_other               ?      ?      ? ?    'X-RAY DIFFRACTION' ? 
r_scangle_it                 ?      ?      ? ?    'X-RAY DIFFRACTION' ? 
r_scangle_other              ?      ?      ? ?    'X-RAY DIFFRACTION' ? 
r_long_range_B_refined       ?      ?      ? ?    'X-RAY DIFFRACTION' ? 
r_long_range_B_other         ?      ?      ? ?    'X-RAY DIFFRACTION' ? 
r_rigid_bond_restr           ?      ?      ? ?    'X-RAY DIFFRACTION' ? 
r_sphericity_free            ?      ?      ? ?    'X-RAY DIFFRACTION' ? 
r_sphericity_bonded          ?      ?      ? ?    'X-RAY DIFFRACTION' ? 
# 
_refine_ls_shell.pdbx_refine_id                   'X-RAY DIFFRACTION' 
_refine_ls_shell.pdbx_total_number_of_bins_used   20 
_refine_ls_shell.d_res_high                       1.635 
_refine_ls_shell.d_res_low                        1.677 
_refine_ls_shell.number_reflns_R_work             1891 
_refine_ls_shell.R_factor_R_work                  0.250 
_refine_ls_shell.percent_reflns_obs               93.49 
_refine_ls_shell.R_factor_R_free                  0.331 
_refine_ls_shell.R_factor_R_free_error            ? 
_refine_ls_shell.percent_reflns_R_free            ? 
_refine_ls_shell.number_reflns_R_free             48 
_refine_ls_shell.number_reflns_all                ? 
_refine_ls_shell.R_factor_all                     ? 
# 
_struct.entry_id                  3ZBV 
_struct.title                     'Crystal Structure of murine Angiogenin-2' 
_struct.pdbx_model_details        ? 
_struct.pdbx_CASP_flag            ? 
_struct.pdbx_model_type_details   ? 
# 
_struct_keywords.entry_id        3ZBV 
_struct_keywords.pdbx_keywords   HYDROLASE 
_struct_keywords.text            'HYDROLASE, RIBONUCLEASE A' 
# 
loop_
_struct_asym.id 
_struct_asym.pdbx_blank_PDB_chainid_flag 
_struct_asym.pdbx_modified 
_struct_asym.entity_id 
_struct_asym.details 
A N N 1 ? 
B N N 2 ? 
C N N 3 ? 
D N N 3 ? 
E N N 4 ? 
F N N 5 ? 
# 
_struct_ref.id                         1 
_struct_ref.db_name                    UNP 
_struct_ref.db_code                    ANG2_MOUSE 
_struct_ref.entity_id                  1 
_struct_ref.pdbx_seq_one_letter_code   ? 
_struct_ref.pdbx_align_begin           ? 
_struct_ref.pdbx_db_accession          Q64438 
_struct_ref.pdbx_db_isoform            ? 
# 
_struct_ref_seq.align_id                      1 
_struct_ref_seq.ref_id                        1 
_struct_ref_seq.pdbx_PDB_id_code              3ZBV 
_struct_ref_seq.pdbx_strand_id                A 
_struct_ref_seq.seq_align_beg                 1 
_struct_ref_seq.pdbx_seq_align_beg_ins_code   ? 
_struct_ref_seq.seq_align_end                 121 
_struct_ref_seq.pdbx_seq_align_end_ins_code   ? 
_struct_ref_seq.pdbx_db_accession             Q64438 
_struct_ref_seq.db_align_beg                  25 
_struct_ref_seq.pdbx_db_align_beg_ins_code    ? 
_struct_ref_seq.db_align_end                  145 
_struct_ref_seq.pdbx_db_align_end_ins_code    ? 
_struct_ref_seq.pdbx_auth_seq_align_beg       1 
_struct_ref_seq.pdbx_auth_seq_align_end       121 
# 
_pdbx_struct_assembly.id                   1 
_pdbx_struct_assembly.details              author_and_software_defined_assembly 
_pdbx_struct_assembly.method_details       PISA 
_pdbx_struct_assembly.oligomeric_details   dimeric 
_pdbx_struct_assembly.oligomeric_count     2 
# 
loop_
_pdbx_struct_assembly_prop.biol_id 
_pdbx_struct_assembly_prop.type 
_pdbx_struct_assembly_prop.value 
_pdbx_struct_assembly_prop.details 
1 'ABSA (A^2)' 3610   ? 
1 MORE         -123.8 ? 
1 'SSA (A^2)'  11790  ? 
# 
_pdbx_struct_assembly_gen.assembly_id       1 
_pdbx_struct_assembly_gen.oper_expression   1,2 
_pdbx_struct_assembly_gen.asym_id_list      A,B,C,D,E,F 
# 
loop_
_pdbx_struct_oper_list.id 
_pdbx_struct_oper_list.type 
_pdbx_struct_oper_list.name 
_pdbx_struct_oper_list.symmetry_operation 
_pdbx_struct_oper_list.matrix[1][1] 
_pdbx_struct_oper_list.matrix[1][2] 
_pdbx_struct_oper_list.matrix[1][3] 
_pdbx_struct_oper_list.vector[1] 
_pdbx_struct_oper_list.matrix[2][1] 
_pdbx_struct_oper_list.matrix[2][2] 
_pdbx_struct_oper_list.matrix[2][3] 
_pdbx_struct_oper_list.vector[2] 
_pdbx_struct_oper_list.matrix[3][1] 
_pdbx_struct_oper_list.matrix[3][2] 
_pdbx_struct_oper_list.matrix[3][3] 
_pdbx_struct_oper_list.vector[3] 
1 'identity operation'         1_555 x,y,z           1.0000000000  0.0000000000  0.0000000000 0.0000000000  0.0000000000  1.0000000000  0.0000000000  0.0000000000   0.0000000000 0.0000000000  1.0000000000 0.0000000000   
2 'crystal symmetry operation' 6_544 x,-y-1/2,-z-3/4 -0.5883508952 -0.3447503923 0.7314303734 11.6473235246 -0.3447503923 -0.7112763478 -0.6125627511 -13.5650114631 0.7314303734 -0.6125627511 0.2996272430 -12.9488105352 
# 
_struct_biol.id   1 
# 
loop_
_struct_conf.conf_type_id 
_struct_conf.id 
_struct_conf.pdbx_PDB_helix_id 
_struct_conf.beg_label_comp_id 
_struct_conf.beg_label_asym_id 
_struct_conf.beg_label_seq_id 
_struct_conf.pdbx_beg_PDB_ins_code 
_struct_conf.end_label_comp_id 
_struct_conf.end_label_asym_id 
_struct_conf.end_label_seq_id 
_struct_conf.pdbx_end_PDB_ins_code 
_struct_conf.beg_auth_comp_id 
_struct_conf.beg_auth_asym_id 
_struct_conf.beg_auth_seq_id 
_struct_conf.end_auth_comp_id 
_struct_conf.end_auth_asym_id 
_struct_conf.end_auth_seq_id 
_struct_conf.pdbx_PDB_helix_class 
_struct_conf.details 
_struct_conf.pdbx_PDB_helix_length 
HELX_P HELX_P1 1 ASP A 3  ? TYR A 14 ? ASP A 3  TYR A 14 1 ? 12 
HELX_P HELX_P2 2 ASP A 22 ? ARG A 33 ? ASP A 22 ARG A 33 1 ? 12 
HELX_P HELX_P3 3 THR A 49 ? ALA A 55 ? THR A 49 ALA A 55 1 ? 7  
HELX_P HELX_P4 4 ILE A 56 ? GLY A 58 ? ILE A 56 GLY A 58 5 ? 3  
# 
_struct_conf_type.id          HELX_P 
_struct_conf_type.criteria    ? 
_struct_conf_type.reference   ? 
# 
loop_
_struct_conn.id 
_struct_conn.conn_type_id 
_struct_conn.pdbx_leaving_atom_flag 
_struct_conn.pdbx_PDB_id 
_struct_conn.ptnr1_label_asym_id 
_struct_conn.ptnr1_label_comp_id 
_struct_conn.ptnr1_label_seq_id 
_struct_conn.ptnr1_label_atom_id 
_struct_conn.pdbx_ptnr1_label_alt_id 
_struct_conn.pdbx_ptnr1_PDB_ins_code 
_struct_conn.pdbx_ptnr1_standard_comp_id 
_struct_conn.ptnr1_symmetry 
_struct_conn.ptnr2_label_asym_id 
_struct_conn.ptnr2_label_comp_id 
_struct_conn.ptnr2_label_seq_id 
_struct_conn.ptnr2_label_atom_id 
_struct_conn.pdbx_ptnr2_label_alt_id 
_struct_conn.pdbx_ptnr2_PDB_ins_code 
_struct_conn.ptnr1_auth_asym_id 
_struct_conn.ptnr1_auth_comp_id 
_struct_conn.ptnr1_auth_seq_id 
_struct_conn.ptnr2_auth_asym_id 
_struct_conn.ptnr2_auth_comp_id 
_struct_conn.ptnr2_auth_seq_id 
_struct_conn.ptnr2_symmetry 
_struct_conn.pdbx_ptnr3_label_atom_id 
_struct_conn.pdbx_ptnr3_label_seq_id 
_struct_conn.pdbx_ptnr3_label_comp_id 
_struct_conn.pdbx_ptnr3_label_asym_id 
_struct_conn.pdbx_ptnr3_label_alt_id 
_struct_conn.pdbx_ptnr3_PDB_ins_code 
_struct_conn.details 
_struct_conn.pdbx_dist_value 
_struct_conn.pdbx_value_order 
_struct_conn.pdbx_role 
disulf1 disulf ? ? A CYS 26  SG  ? ? ? 1_555 A CYS 80  SG ? ? A CYS 26   A CYS 80   1_555 ? ? ? ? ? ? ? 2.044 ? ? 
disulf2 disulf ? ? A CYS 39  SG  ? ? ? 1_555 A CYS 91  SG ? ? A CYS 39   A CYS 91   1_555 ? ? ? ? ? ? ? 2.027 ? ? 
disulf3 disulf ? ? A CYS 57  SG  ? ? ? 1_555 A CYS 106 SG ? ? A CYS 57   A CYS 106  1_555 ? ? ? ? ? ? ? 2.015 ? ? 
metalc1 metalc ? ? A ASP 41  OD1 ? ? ? 1_555 B ZN  .   ZN ? ? A ASP 41   A ZN  1121 1_555 ? ? ? ? ? ? ? 1.987 ? ? 
metalc2 metalc ? ? A HIS 82  ND1 ? ? ? 1_555 B ZN  .   ZN ? ? A HIS 82   A ZN  1121 1_555 ? ? ? ? ? ? ? 2.072 ? ? 
metalc3 metalc ? ? A HIS 113 NE2 ? ? ? 6_544 B ZN  .   ZN ? ? A HIS 113  A ZN  1121 1_555 ? ? ? ? ? ? ? 2.013 ? ? 
metalc4 metalc ? ? B ZN  .   ZN  ? ? ? 1_555 F HOH .   O  ? ? A ZN  1121 A HOH 2126 6_544 ? ? ? ? ? ? ? 2.287 ? ? 
metalc5 metalc ? ? B ZN  .   ZN  ? ? ? 1_555 F HOH .   O  ? ? A ZN  1121 A HOH 2128 6_544 ? ? ? ? ? ? ? 2.161 ? ? 
# 
loop_
_struct_conn_type.id 
_struct_conn_type.criteria 
_struct_conn_type.reference 
disulf ? ? 
metalc ? ? 
# 
loop_
_pdbx_struct_conn_angle.id 
_pdbx_struct_conn_angle.ptnr1_label_atom_id 
_pdbx_struct_conn_angle.ptnr1_label_alt_id 
_pdbx_struct_conn_angle.ptnr1_label_asym_id 
_pdbx_struct_conn_angle.ptnr1_label_comp_id 
_pdbx_struct_conn_angle.ptnr1_label_seq_id 
_pdbx_struct_conn_angle.ptnr1_auth_atom_id 
_pdbx_struct_conn_angle.ptnr1_auth_asym_id 
_pdbx_struct_conn_angle.ptnr1_auth_comp_id 
_pdbx_struct_conn_angle.ptnr1_auth_seq_id 
_pdbx_struct_conn_angle.ptnr1_PDB_ins_code 
_pdbx_struct_conn_angle.ptnr1_symmetry 
_pdbx_struct_conn_angle.ptnr2_label_atom_id 
_pdbx_struct_conn_angle.ptnr2_label_alt_id 
_pdbx_struct_conn_angle.ptnr2_label_asym_id 
_pdbx_struct_conn_angle.ptnr2_label_comp_id 
_pdbx_struct_conn_angle.ptnr2_label_seq_id 
_pdbx_struct_conn_angle.ptnr2_auth_atom_id 
_pdbx_struct_conn_angle.ptnr2_auth_asym_id 
_pdbx_struct_conn_angle.ptnr2_auth_comp_id 
_pdbx_struct_conn_angle.ptnr2_auth_seq_id 
_pdbx_struct_conn_angle.ptnr2_PDB_ins_code 
_pdbx_struct_conn_angle.ptnr2_symmetry 
_pdbx_struct_conn_angle.ptnr3_label_atom_id 
_pdbx_struct_conn_angle.ptnr3_label_alt_id 
_pdbx_struct_conn_angle.ptnr3_label_asym_id 
_pdbx_struct_conn_angle.ptnr3_label_comp_id 
_pdbx_struct_conn_angle.ptnr3_label_seq_id 
_pdbx_struct_conn_angle.ptnr3_auth_atom_id 
_pdbx_struct_conn_angle.ptnr3_auth_asym_id 
_pdbx_struct_conn_angle.ptnr3_auth_comp_id 
_pdbx_struct_conn_angle.ptnr3_auth_seq_id 
_pdbx_struct_conn_angle.ptnr3_PDB_ins_code 
_pdbx_struct_conn_angle.ptnr3_symmetry 
_pdbx_struct_conn_angle.value 
_pdbx_struct_conn_angle.value_esd 
1  OD1 ? A ASP 41  ? A ASP 41   ? 1_555 ZN ? B ZN . ? A ZN 1121 ? 1_555 ND1 ? A HIS 82  ? A HIS 82   ? 1_555 104.6 ? 
2  OD1 ? A ASP 41  ? A ASP 41   ? 1_555 ZN ? B ZN . ? A ZN 1121 ? 1_555 NE2 ? A HIS 113 ? A HIS 113  ? 6_544 148.8 ? 
3  ND1 ? A HIS 82  ? A HIS 82   ? 1_555 ZN ? B ZN . ? A ZN 1121 ? 1_555 NE2 ? A HIS 113 ? A HIS 113  ? 6_544 106.6 ? 
4  OD1 ? A ASP 41  ? A ASP 41   ? 1_555 ZN ? B ZN . ? A ZN 1121 ? 1_555 O   ? F HOH .   ? A HOH 2126 ? 6_544 87.3  ? 
5  ND1 ? A HIS 82  ? A HIS 82   ? 1_555 ZN ? B ZN . ? A ZN 1121 ? 1_555 O   ? F HOH .   ? A HOH 2126 ? 6_544 91.9  ? 
6  NE2 ? A HIS 113 ? A HIS 113  ? 6_544 ZN ? B ZN . ? A ZN 1121 ? 1_555 O   ? F HOH .   ? A HOH 2126 ? 6_544 90.9  ? 
7  OD1 ? A ASP 41  ? A ASP 41   ? 1_555 ZN ? B ZN . ? A ZN 1121 ? 1_555 O   ? F HOH .   ? A HOH 2128 ? 6_544 85.0  ? 
8  ND1 ? A HIS 82  ? A HIS 82   ? 1_555 ZN ? B ZN . ? A ZN 1121 ? 1_555 O   ? F HOH .   ? A HOH 2128 ? 6_544 95.7  ? 
9  NE2 ? A HIS 113 ? A HIS 113  ? 6_544 ZN ? B ZN . ? A ZN 1121 ? 1_555 O   ? F HOH .   ? A HOH 2128 ? 6_544 92.6  ? 
10 O   ? F HOH .   ? A HOH 2126 ? 6_544 ZN ? B ZN . ? A ZN 1121 ? 1_555 O   ? F HOH .   ? A HOH 2128 ? 6_544 170.4 ? 
# 
loop_
_pdbx_modification_feature.ordinal 
_pdbx_modification_feature.label_comp_id 
_pdbx_modification_feature.label_asym_id 
_pdbx_modification_feature.label_seq_id 
_pdbx_modification_feature.label_alt_id 
_pdbx_modification_feature.modified_residue_label_comp_id 
_pdbx_modification_feature.modified_residue_label_asym_id 
_pdbx_modification_feature.modified_residue_label_seq_id 
_pdbx_modification_feature.modified_residue_label_alt_id 
_pdbx_modification_feature.auth_comp_id 
_pdbx_modification_feature.auth_asym_id 
_pdbx_modification_feature.auth_seq_id 
_pdbx_modification_feature.PDB_ins_code 
_pdbx_modification_feature.symmetry 
_pdbx_modification_feature.modified_residue_auth_comp_id 
_pdbx_modification_feature.modified_residue_auth_asym_id 
_pdbx_modification_feature.modified_residue_auth_seq_id 
_pdbx_modification_feature.modified_residue_PDB_ins_code 
_pdbx_modification_feature.modified_residue_symmetry 
_pdbx_modification_feature.comp_id_linking_atom 
_pdbx_modification_feature.modified_residue_id_linking_atom 
_pdbx_modification_feature.modified_residue_id 
_pdbx_modification_feature.ref_pcm_id 
_pdbx_modification_feature.ref_comp_id 
_pdbx_modification_feature.type 
_pdbx_modification_feature.category 
1 CYS A 26 ? CYS A 80  ? CYS A 26 ? 1_555 CYS A 80  ? 1_555 SG SG . . . None 'Disulfide bridge' 
2 CYS A 39 ? CYS A 91  ? CYS A 39 ? 1_555 CYS A 91  ? 1_555 SG SG . . . None 'Disulfide bridge' 
3 CYS A 57 ? CYS A 106 ? CYS A 57 ? 1_555 CYS A 106 ? 1_555 SG SG . . . None 'Disulfide bridge' 
# 
_struct_mon_prot_cis.pdbx_id                1 
_struct_mon_prot_cis.label_comp_id          PRO 
_struct_mon_prot_cis.label_seq_id           89 
_struct_mon_prot_cis.label_asym_id          A 
_struct_mon_prot_cis.label_alt_id           . 
_struct_mon_prot_cis.pdbx_PDB_ins_code      ? 
_struct_mon_prot_cis.auth_comp_id           PRO 
_struct_mon_prot_cis.auth_seq_id            89 
_struct_mon_prot_cis.auth_asym_id           A 
_struct_mon_prot_cis.pdbx_label_comp_id_2   PRO 
_struct_mon_prot_cis.pdbx_label_seq_id_2    90 
_struct_mon_prot_cis.pdbx_label_asym_id_2   A 
_struct_mon_prot_cis.pdbx_PDB_ins_code_2    ? 
_struct_mon_prot_cis.pdbx_auth_comp_id_2    PRO 
_struct_mon_prot_cis.pdbx_auth_seq_id_2     90 
_struct_mon_prot_cis.pdbx_auth_asym_id_2    A 
_struct_mon_prot_cis.pdbx_PDB_model_num     1 
_struct_mon_prot_cis.pdbx_omega_angle       1.79 
# 
loop_
_struct_sheet.id 
_struct_sheet.type 
_struct_sheet.number_strands 
_struct_sheet.details 
AA ? 3 ? 
AB ? 4 ? 
# 
loop_
_struct_sheet_order.sheet_id 
_struct_sheet_order.range_id_1 
_struct_sheet_order.range_id_2 
_struct_sheet_order.offset 
_struct_sheet_order.sense 
AA 1 2 ? anti-parallel 
AA 2 3 ? anti-parallel 
AB 1 2 ? anti-parallel 
AB 2 3 ? anti-parallel 
AB 3 4 ? anti-parallel 
# 
loop_
_struct_sheet_range.sheet_id 
_struct_sheet_range.id 
_struct_sheet_range.beg_label_comp_id 
_struct_sheet_range.beg_label_asym_id 
_struct_sheet_range.beg_label_seq_id 
_struct_sheet_range.pdbx_beg_PDB_ins_code 
_struct_sheet_range.end_label_comp_id 
_struct_sheet_range.end_label_asym_id 
_struct_sheet_range.end_label_seq_id 
_struct_sheet_range.pdbx_end_PDB_ins_code 
_struct_sheet_range.beg_auth_comp_id 
_struct_sheet_range.beg_auth_asym_id 
_struct_sheet_range.beg_auth_seq_id 
_struct_sheet_range.end_auth_comp_id 
_struct_sheet_range.end_auth_asym_id 
_struct_sheet_range.end_auth_seq_id 
AA 1 VAL A 42  ? ILE A 46  ? VAL A 42  ILE A 46  
AA 2 PHE A 75  ? HIS A 82  ? PHE A 75  HIS A 82  
AA 3 TYR A 93  ? ARG A 100 ? TYR A 93  ARG A 100 
AB 1 GLY A 61  ? PRO A 63  ? GLY A 61  PRO A 63  
AB 2 LEU A 68  ? SER A 71  ? LEU A 68  SER A 71  
AB 3 ILE A 103 ? GLU A 107 ? ILE A 103 GLU A 107 
AB 4 TRP A 110 ? PHE A 114 ? TRP A 110 PHE A 114 
# 
loop_
_pdbx_struct_sheet_hbond.sheet_id 
_pdbx_struct_sheet_hbond.range_id_1 
_pdbx_struct_sheet_hbond.range_id_2 
_pdbx_struct_sheet_hbond.range_1_label_atom_id 
_pdbx_struct_sheet_hbond.range_1_label_comp_id 
_pdbx_struct_sheet_hbond.range_1_label_asym_id 
_pdbx_struct_sheet_hbond.range_1_label_seq_id 
_pdbx_struct_sheet_hbond.range_1_PDB_ins_code 
_pdbx_struct_sheet_hbond.range_1_auth_atom_id 
_pdbx_struct_sheet_hbond.range_1_auth_comp_id 
_pdbx_struct_sheet_hbond.range_1_auth_asym_id 
_pdbx_struct_sheet_hbond.range_1_auth_seq_id 
_pdbx_struct_sheet_hbond.range_2_label_atom_id 
_pdbx_struct_sheet_hbond.range_2_label_comp_id 
_pdbx_struct_sheet_hbond.range_2_label_asym_id 
_pdbx_struct_sheet_hbond.range_2_label_seq_id 
_pdbx_struct_sheet_hbond.range_2_PDB_ins_code 
_pdbx_struct_sheet_hbond.range_2_auth_atom_id 
_pdbx_struct_sheet_hbond.range_2_auth_comp_id 
_pdbx_struct_sheet_hbond.range_2_auth_asym_id 
_pdbx_struct_sheet_hbond.range_2_auth_seq_id 
AA 1 2 N PHE A 45  ? N PHE A 45  O THR A 78  ? O THR A 78  
AA 2 3 N THR A 81  ? N THR A 81  O ARG A 94  ? O ARG A 94  
AB 1 2 N SER A 62  ? N SER A 62  O ILE A 70  ? O ILE A 70  
AB 2 3 N ARG A 69  ? N ARG A 69  O ILE A 104 ? O ILE A 104 
AB 3 4 N GLU A 107 ? N GLU A 107 O TRP A 110 ? O TRP A 110 
# 
loop_
_struct_site.id 
_struct_site.pdbx_evidence_code 
_struct_site.pdbx_auth_asym_id 
_struct_site.pdbx_auth_comp_id 
_struct_site.pdbx_auth_seq_id 
_struct_site.pdbx_auth_ins_code 
_struct_site.pdbx_num_residues 
_struct_site.details 
AC1 Software A ZN  1121 ? 5 'BINDING SITE FOR RESIDUE ZN A 1121'  
AC2 Software A SO4 1122 ? 8 'BINDING SITE FOR RESIDUE SO4 A 1122' 
AC3 Software A SO4 1123 ? 9 'BINDING SITE FOR RESIDUE SO4 A 1123' 
AC4 Software A GOL 1124 ? 4 'BINDING SITE FOR RESIDUE GOL A 1124' 
# 
loop_
_struct_site_gen.id 
_struct_site_gen.site_id 
_struct_site_gen.pdbx_num_res 
_struct_site_gen.label_comp_id 
_struct_site_gen.label_asym_id 
_struct_site_gen.label_seq_id 
_struct_site_gen.pdbx_auth_ins_code 
_struct_site_gen.auth_comp_id 
_struct_site_gen.auth_asym_id 
_struct_site_gen.auth_seq_id 
_struct_site_gen.label_atom_id 
_struct_site_gen.label_alt_id 
_struct_site_gen.symmetry 
_struct_site_gen.details 
1  AC1 5 ASP A 41  ? ASP A 41   . ? 1_555 ? 
2  AC1 5 HIS A 82  ? HIS A 82   . ? 1_555 ? 
3  AC1 5 HIS A 113 ? HIS A 113  . ? 6_544 ? 
4  AC1 5 HOH F .   ? HOH A 2126 . ? 6_544 ? 
5  AC1 5 HOH F .   ? HOH A 2128 . ? 6_544 ? 
6  AC2 8 PHE A 38  ? PHE A 38   . ? 1_555 ? 
7  AC2 8 PHE A 38  ? PHE A 38   . ? 6_544 ? 
8  AC2 8 LYS A 40  ? LYS A 40   . ? 1_555 ? 
9  AC2 8 LYS A 40  ? LYS A 40   . ? 6_544 ? 
10 AC2 8 ASP A 41  ? ASP A 41   . ? 1_555 ? 
11 AC2 8 ASP A 41  ? ASP A 41   . ? 6_544 ? 
12 AC2 8 VAL A 42  ? VAL A 42   . ? 1_555 ? 
13 AC2 8 VAL A 42  ? VAL A 42   . ? 6_544 ? 
14 AC3 9 ASN A 67  ? ASN A 67   . ? 6_544 ? 
15 AC3 9 GLY A 84  ? GLY A 84   . ? 1_555 ? 
16 AC3 9 ARG A 85  ? ARG A 85   . ? 1_555 ? 
17 AC3 9 SER A 86  ? SER A 86   . ? 1_555 ? 
18 AC3 9 ARG A 92  ? ARG A 92   . ? 1_555 ? 
19 AC3 9 HOH F .   ? HOH A 2102 . ? 1_555 ? 
20 AC3 9 HOH F .   ? HOH A 2105 . ? 1_555 ? 
21 AC3 9 HOH F .   ? HOH A 2109 . ? 1_555 ? 
22 AC3 9 HOH F .   ? HOH A 2111 . ? 1_555 ? 
23 AC4 4 TYR A 14  ? TYR A 14   . ? 1_555 ? 
24 AC4 4 THR A 49  ? THR A 49   . ? 1_555 ? 
25 AC4 4 LYS A 50  ? LYS A 50   . ? 1_555 ? 
26 AC4 4 ASN A 51  ? ASN A 51   . ? 1_555 ? 
# 
_pdbx_entry_details.entry_id                   3ZBV 
_pdbx_entry_details.compound_details           ? 
_pdbx_entry_details.source_details             ? 
_pdbx_entry_details.nonpolymer_details         ? 
_pdbx_entry_details.sequence_details           ? 
_pdbx_entry_details.has_ligand_of_interest     ? 
_pdbx_entry_details.has_protein_modification   Y 
# 
loop_
_pdbx_struct_special_symmetry.id 
_pdbx_struct_special_symmetry.PDB_model_num 
_pdbx_struct_special_symmetry.auth_asym_id 
_pdbx_struct_special_symmetry.auth_comp_id 
_pdbx_struct_special_symmetry.auth_seq_id 
_pdbx_struct_special_symmetry.PDB_ins_code 
_pdbx_struct_special_symmetry.label_asym_id 
_pdbx_struct_special_symmetry.label_comp_id 
_pdbx_struct_special_symmetry.label_seq_id 
1 1 A SO4 1122 ? C SO4 . 
2 1 A HOH 2022 ? F HOH . 
3 1 A HOH 2036 ? F HOH . 
4 1 A HOH 2112 ? F HOH . 
# 
loop_
_pdbx_unobs_or_zero_occ_residues.id 
_pdbx_unobs_or_zero_occ_residues.PDB_model_num 
_pdbx_unobs_or_zero_occ_residues.polymer_flag 
_pdbx_unobs_or_zero_occ_residues.occupancy_flag 
_pdbx_unobs_or_zero_occ_residues.auth_asym_id 
_pdbx_unobs_or_zero_occ_residues.auth_comp_id 
_pdbx_unobs_or_zero_occ_residues.auth_seq_id 
_pdbx_unobs_or_zero_occ_residues.PDB_ins_code 
_pdbx_unobs_or_zero_occ_residues.label_asym_id 
_pdbx_unobs_or_zero_occ_residues.label_comp_id 
_pdbx_unobs_or_zero_occ_residues.label_seq_id 
1 1 Y 1 A GLN 1   ? A GLN 1   
2 1 Y 1 A ASP 2   ? A ASP 2   
3 1 Y 1 A PRO 121 ? A PRO 121 
# 
loop_
_chem_comp_atom.comp_id 
_chem_comp_atom.atom_id 
_chem_comp_atom.type_symbol 
_chem_comp_atom.pdbx_aromatic_flag 
_chem_comp_atom.pdbx_stereo_config 
_chem_comp_atom.pdbx_ordinal 
ALA N    N  N N 1   
ALA CA   C  N S 2   
ALA C    C  N N 3   
ALA O    O  N N 4   
ALA CB   C  N N 5   
ALA OXT  O  N N 6   
ALA H    H  N N 7   
ALA H2   H  N N 8   
ALA HA   H  N N 9   
ALA HB1  H  N N 10  
ALA HB2  H  N N 11  
ALA HB3  H  N N 12  
ALA HXT  H  N N 13  
ARG N    N  N N 14  
ARG CA   C  N S 15  
ARG C    C  N N 16  
ARG O    O  N N 17  
ARG CB   C  N N 18  
ARG CG   C  N N 19  
ARG CD   C  N N 20  
ARG NE   N  N N 21  
ARG CZ   C  N N 22  
ARG NH1  N  N N 23  
ARG NH2  N  N N 24  
ARG OXT  O  N N 25  
ARG H    H  N N 26  
ARG H2   H  N N 27  
ARG HA   H  N N 28  
ARG HB2  H  N N 29  
ARG HB3  H  N N 30  
ARG HG2  H  N N 31  
ARG HG3  H  N N 32  
ARG HD2  H  N N 33  
ARG HD3  H  N N 34  
ARG HE   H  N N 35  
ARG HH11 H  N N 36  
ARG HH12 H  N N 37  
ARG HH21 H  N N 38  
ARG HH22 H  N N 39  
ARG HXT  H  N N 40  
ASN N    N  N N 41  
ASN CA   C  N S 42  
ASN C    C  N N 43  
ASN O    O  N N 44  
ASN CB   C  N N 45  
ASN CG   C  N N 46  
ASN OD1  O  N N 47  
ASN ND2  N  N N 48  
ASN OXT  O  N N 49  
ASN H    H  N N 50  
ASN H2   H  N N 51  
ASN HA   H  N N 52  
ASN HB2  H  N N 53  
ASN HB3  H  N N 54  
ASN HD21 H  N N 55  
ASN HD22 H  N N 56  
ASN HXT  H  N N 57  
ASP N    N  N N 58  
ASP CA   C  N S 59  
ASP C    C  N N 60  
ASP O    O  N N 61  
ASP CB   C  N N 62  
ASP CG   C  N N 63  
ASP OD1  O  N N 64  
ASP OD2  O  N N 65  
ASP OXT  O  N N 66  
ASP H    H  N N 67  
ASP H2   H  N N 68  
ASP HA   H  N N 69  
ASP HB2  H  N N 70  
ASP HB3  H  N N 71  
ASP HD2  H  N N 72  
ASP HXT  H  N N 73  
CYS N    N  N N 74  
CYS CA   C  N R 75  
CYS C    C  N N 76  
CYS O    O  N N 77  
CYS CB   C  N N 78  
CYS SG   S  N N 79  
CYS OXT  O  N N 80  
CYS H    H  N N 81  
CYS H2   H  N N 82  
CYS HA   H  N N 83  
CYS HB2  H  N N 84  
CYS HB3  H  N N 85  
CYS HG   H  N N 86  
CYS HXT  H  N N 87  
GLN N    N  N N 88  
GLN CA   C  N S 89  
GLN C    C  N N 90  
GLN O    O  N N 91  
GLN CB   C  N N 92  
GLN CG   C  N N 93  
GLN CD   C  N N 94  
GLN OE1  O  N N 95  
GLN NE2  N  N N 96  
GLN OXT  O  N N 97  
GLN H    H  N N 98  
GLN H2   H  N N 99  
GLN HA   H  N N 100 
GLN HB2  H  N N 101 
GLN HB3  H  N N 102 
GLN HG2  H  N N 103 
GLN HG3  H  N N 104 
GLN HE21 H  N N 105 
GLN HE22 H  N N 106 
GLN HXT  H  N N 107 
GLU N    N  N N 108 
GLU CA   C  N S 109 
GLU C    C  N N 110 
GLU O    O  N N 111 
GLU CB   C  N N 112 
GLU CG   C  N N 113 
GLU CD   C  N N 114 
GLU OE1  O  N N 115 
GLU OE2  O  N N 116 
GLU OXT  O  N N 117 
GLU H    H  N N 118 
GLU H2   H  N N 119 
GLU HA   H  N N 120 
GLU HB2  H  N N 121 
GLU HB3  H  N N 122 
GLU HG2  H  N N 123 
GLU HG3  H  N N 124 
GLU HE2  H  N N 125 
GLU HXT  H  N N 126 
GLY N    N  N N 127 
GLY CA   C  N N 128 
GLY C    C  N N 129 
GLY O    O  N N 130 
GLY OXT  O  N N 131 
GLY H    H  N N 132 
GLY H2   H  N N 133 
GLY HA2  H  N N 134 
GLY HA3  H  N N 135 
GLY HXT  H  N N 136 
GOL C1   C  N N 137 
GOL O1   O  N N 138 
GOL C2   C  N N 139 
GOL O2   O  N N 140 
GOL C3   C  N N 141 
GOL O3   O  N N 142 
GOL H11  H  N N 143 
GOL H12  H  N N 144 
GOL HO1  H  N N 145 
GOL H2   H  N N 146 
GOL HO2  H  N N 147 
GOL H31  H  N N 148 
GOL H32  H  N N 149 
GOL HO3  H  N N 150 
HIS N    N  N N 151 
HIS CA   C  N S 152 
HIS C    C  N N 153 
HIS O    O  N N 154 
HIS CB   C  N N 155 
HIS CG   C  Y N 156 
HIS ND1  N  Y N 157 
HIS CD2  C  Y N 158 
HIS CE1  C  Y N 159 
HIS NE2  N  Y N 160 
HIS OXT  O  N N 161 
HIS H    H  N N 162 
HIS H2   H  N N 163 
HIS HA   H  N N 164 
HIS HB2  H  N N 165 
HIS HB3  H  N N 166 
HIS HD1  H  N N 167 
HIS HD2  H  N N 168 
HIS HE1  H  N N 169 
HIS HE2  H  N N 170 
HIS HXT  H  N N 171 
HOH O    O  N N 172 
HOH H1   H  N N 173 
HOH H2   H  N N 174 
ILE N    N  N N 175 
ILE CA   C  N S 176 
ILE C    C  N N 177 
ILE O    O  N N 178 
ILE CB   C  N S 179 
ILE CG1  C  N N 180 
ILE CG2  C  N N 181 
ILE CD1  C  N N 182 
ILE OXT  O  N N 183 
ILE H    H  N N 184 
ILE H2   H  N N 185 
ILE HA   H  N N 186 
ILE HB   H  N N 187 
ILE HG12 H  N N 188 
ILE HG13 H  N N 189 
ILE HG21 H  N N 190 
ILE HG22 H  N N 191 
ILE HG23 H  N N 192 
ILE HD11 H  N N 193 
ILE HD12 H  N N 194 
ILE HD13 H  N N 195 
ILE HXT  H  N N 196 
LEU N    N  N N 197 
LEU CA   C  N S 198 
LEU C    C  N N 199 
LEU O    O  N N 200 
LEU CB   C  N N 201 
LEU CG   C  N N 202 
LEU CD1  C  N N 203 
LEU CD2  C  N N 204 
LEU OXT  O  N N 205 
LEU H    H  N N 206 
LEU H2   H  N N 207 
LEU HA   H  N N 208 
LEU HB2  H  N N 209 
LEU HB3  H  N N 210 
LEU HG   H  N N 211 
LEU HD11 H  N N 212 
LEU HD12 H  N N 213 
LEU HD13 H  N N 214 
LEU HD21 H  N N 215 
LEU HD22 H  N N 216 
LEU HD23 H  N N 217 
LEU HXT  H  N N 218 
LYS N    N  N N 219 
LYS CA   C  N S 220 
LYS C    C  N N 221 
LYS O    O  N N 222 
LYS CB   C  N N 223 
LYS CG   C  N N 224 
LYS CD   C  N N 225 
LYS CE   C  N N 226 
LYS NZ   N  N N 227 
LYS OXT  O  N N 228 
LYS H    H  N N 229 
LYS H2   H  N N 230 
LYS HA   H  N N 231 
LYS HB2  H  N N 232 
LYS HB3  H  N N 233 
LYS HG2  H  N N 234 
LYS HG3  H  N N 235 
LYS HD2  H  N N 236 
LYS HD3  H  N N 237 
LYS HE2  H  N N 238 
LYS HE3  H  N N 239 
LYS HZ1  H  N N 240 
LYS HZ2  H  N N 241 
LYS HZ3  H  N N 242 
LYS HXT  H  N N 243 
MET N    N  N N 244 
MET CA   C  N S 245 
MET C    C  N N 246 
MET O    O  N N 247 
MET CB   C  N N 248 
MET CG   C  N N 249 
MET SD   S  N N 250 
MET CE   C  N N 251 
MET OXT  O  N N 252 
MET H    H  N N 253 
MET H2   H  N N 254 
MET HA   H  N N 255 
MET HB2  H  N N 256 
MET HB3  H  N N 257 
MET HG2  H  N N 258 
MET HG3  H  N N 259 
MET HE1  H  N N 260 
MET HE2  H  N N 261 
MET HE3  H  N N 262 
MET HXT  H  N N 263 
PHE N    N  N N 264 
PHE CA   C  N S 265 
PHE C    C  N N 266 
PHE O    O  N N 267 
PHE CB   C  N N 268 
PHE CG   C  Y N 269 
PHE CD1  C  Y N 270 
PHE CD2  C  Y N 271 
PHE CE1  C  Y N 272 
PHE CE2  C  Y N 273 
PHE CZ   C  Y N 274 
PHE OXT  O  N N 275 
PHE H    H  N N 276 
PHE H2   H  N N 277 
PHE HA   H  N N 278 
PHE HB2  H  N N 279 
PHE HB3  H  N N 280 
PHE HD1  H  N N 281 
PHE HD2  H  N N 282 
PHE HE1  H  N N 283 
PHE HE2  H  N N 284 
PHE HZ   H  N N 285 
PHE HXT  H  N N 286 
PRO N    N  N N 287 
PRO CA   C  N S 288 
PRO C    C  N N 289 
PRO O    O  N N 290 
PRO CB   C  N N 291 
PRO CG   C  N N 292 
PRO CD   C  N N 293 
PRO OXT  O  N N 294 
PRO H    H  N N 295 
PRO HA   H  N N 296 
PRO HB2  H  N N 297 
PRO HB3  H  N N 298 
PRO HG2  H  N N 299 
PRO HG3  H  N N 300 
PRO HD2  H  N N 301 
PRO HD3  H  N N 302 
PRO HXT  H  N N 303 
SER N    N  N N 304 
SER CA   C  N S 305 
SER C    C  N N 306 
SER O    O  N N 307 
SER CB   C  N N 308 
SER OG   O  N N 309 
SER OXT  O  N N 310 
SER H    H  N N 311 
SER H2   H  N N 312 
SER HA   H  N N 313 
SER HB2  H  N N 314 
SER HB3  H  N N 315 
SER HG   H  N N 316 
SER HXT  H  N N 317 
SO4 S    S  N N 318 
SO4 O1   O  N N 319 
SO4 O2   O  N N 320 
SO4 O3   O  N N 321 
SO4 O4   O  N N 322 
THR N    N  N N 323 
THR CA   C  N S 324 
THR C    C  N N 325 
THR O    O  N N 326 
THR CB   C  N R 327 
THR OG1  O  N N 328 
THR CG2  C  N N 329 
THR OXT  O  N N 330 
THR H    H  N N 331 
THR H2   H  N N 332 
THR HA   H  N N 333 
THR HB   H  N N 334 
THR HG1  H  N N 335 
THR HG21 H  N N 336 
THR HG22 H  N N 337 
THR HG23 H  N N 338 
THR HXT  H  N N 339 
TRP N    N  N N 340 
TRP CA   C  N S 341 
TRP C    C  N N 342 
TRP O    O  N N 343 
TRP CB   C  N N 344 
TRP CG   C  Y N 345 
TRP CD1  C  Y N 346 
TRP CD2  C  Y N 347 
TRP NE1  N  Y N 348 
TRP CE2  C  Y N 349 
TRP CE3  C  Y N 350 
TRP CZ2  C  Y N 351 
TRP CZ3  C  Y N 352 
TRP CH2  C  Y N 353 
TRP OXT  O  N N 354 
TRP H    H  N N 355 
TRP H2   H  N N 356 
TRP HA   H  N N 357 
TRP HB2  H  N N 358 
TRP HB3  H  N N 359 
TRP HD1  H  N N 360 
TRP HE1  H  N N 361 
TRP HE3  H  N N 362 
TRP HZ2  H  N N 363 
TRP HZ3  H  N N 364 
TRP HH2  H  N N 365 
TRP HXT  H  N N 366 
TYR N    N  N N 367 
TYR CA   C  N S 368 
TYR C    C  N N 369 
TYR O    O  N N 370 
TYR CB   C  N N 371 
TYR CG   C  Y N 372 
TYR CD1  C  Y N 373 
TYR CD2  C  Y N 374 
TYR CE1  C  Y N 375 
TYR CE2  C  Y N 376 
TYR CZ   C  Y N 377 
TYR OH   O  N N 378 
TYR OXT  O  N N 379 
TYR H    H  N N 380 
TYR H2   H  N N 381 
TYR HA   H  N N 382 
TYR HB2  H  N N 383 
TYR HB3  H  N N 384 
TYR HD1  H  N N 385 
TYR HD2  H  N N 386 
TYR HE1  H  N N 387 
TYR HE2  H  N N 388 
TYR HH   H  N N 389 
TYR HXT  H  N N 390 
VAL N    N  N N 391 
VAL CA   C  N S 392 
VAL C    C  N N 393 
VAL O    O  N N 394 
VAL CB   C  N N 395 
VAL CG1  C  N N 396 
VAL CG2  C  N N 397 
VAL OXT  O  N N 398 
VAL H    H  N N 399 
VAL H2   H  N N 400 
VAL HA   H  N N 401 
VAL HB   H  N N 402 
VAL HG11 H  N N 403 
VAL HG12 H  N N 404 
VAL HG13 H  N N 405 
VAL HG21 H  N N 406 
VAL HG22 H  N N 407 
VAL HG23 H  N N 408 
VAL HXT  H  N N 409 
ZN  ZN   ZN N N 410 
# 
loop_
_chem_comp_bond.comp_id 
_chem_comp_bond.atom_id_1 
_chem_comp_bond.atom_id_2 
_chem_comp_bond.value_order 
_chem_comp_bond.pdbx_aromatic_flag 
_chem_comp_bond.pdbx_stereo_config 
_chem_comp_bond.pdbx_ordinal 
ALA N   CA   sing N N 1   
ALA N   H    sing N N 2   
ALA N   H2   sing N N 3   
ALA CA  C    sing N N 4   
ALA CA  CB   sing N N 5   
ALA CA  HA   sing N N 6   
ALA C   O    doub N N 7   
ALA C   OXT  sing N N 8   
ALA CB  HB1  sing N N 9   
ALA CB  HB2  sing N N 10  
ALA CB  HB3  sing N N 11  
ALA OXT HXT  sing N N 12  
ARG N   CA   sing N N 13  
ARG N   H    sing N N 14  
ARG N   H2   sing N N 15  
ARG CA  C    sing N N 16  
ARG CA  CB   sing N N 17  
ARG CA  HA   sing N N 18  
ARG C   O    doub N N 19  
ARG C   OXT  sing N N 20  
ARG CB  CG   sing N N 21  
ARG CB  HB2  sing N N 22  
ARG CB  HB3  sing N N 23  
ARG CG  CD   sing N N 24  
ARG CG  HG2  sing N N 25  
ARG CG  HG3  sing N N 26  
ARG CD  NE   sing N N 27  
ARG CD  HD2  sing N N 28  
ARG CD  HD3  sing N N 29  
ARG NE  CZ   sing N N 30  
ARG NE  HE   sing N N 31  
ARG CZ  NH1  sing N N 32  
ARG CZ  NH2  doub N N 33  
ARG NH1 HH11 sing N N 34  
ARG NH1 HH12 sing N N 35  
ARG NH2 HH21 sing N N 36  
ARG NH2 HH22 sing N N 37  
ARG OXT HXT  sing N N 38  
ASN N   CA   sing N N 39  
ASN N   H    sing N N 40  
ASN N   H2   sing N N 41  
ASN CA  C    sing N N 42  
ASN CA  CB   sing N N 43  
ASN CA  HA   sing N N 44  
ASN C   O    doub N N 45  
ASN C   OXT  sing N N 46  
ASN CB  CG   sing N N 47  
ASN CB  HB2  sing N N 48  
ASN CB  HB3  sing N N 49  
ASN CG  OD1  doub N N 50  
ASN CG  ND2  sing N N 51  
ASN ND2 HD21 sing N N 52  
ASN ND2 HD22 sing N N 53  
ASN OXT HXT  sing N N 54  
ASP N   CA   sing N N 55  
ASP N   H    sing N N 56  
ASP N   H2   sing N N 57  
ASP CA  C    sing N N 58  
ASP CA  CB   sing N N 59  
ASP CA  HA   sing N N 60  
ASP C   O    doub N N 61  
ASP C   OXT  sing N N 62  
ASP CB  CG   sing N N 63  
ASP CB  HB2  sing N N 64  
ASP CB  HB3  sing N N 65  
ASP CG  OD1  doub N N 66  
ASP CG  OD2  sing N N 67  
ASP OD2 HD2  sing N N 68  
ASP OXT HXT  sing N N 69  
CYS N   CA   sing N N 70  
CYS N   H    sing N N 71  
CYS N   H2   sing N N 72  
CYS CA  C    sing N N 73  
CYS CA  CB   sing N N 74  
CYS CA  HA   sing N N 75  
CYS C   O    doub N N 76  
CYS C   OXT  sing N N 77  
CYS CB  SG   sing N N 78  
CYS CB  HB2  sing N N 79  
CYS CB  HB3  sing N N 80  
CYS SG  HG   sing N N 81  
CYS OXT HXT  sing N N 82  
GLN N   CA   sing N N 83  
GLN N   H    sing N N 84  
GLN N   H2   sing N N 85  
GLN CA  C    sing N N 86  
GLN CA  CB   sing N N 87  
GLN CA  HA   sing N N 88  
GLN C   O    doub N N 89  
GLN C   OXT  sing N N 90  
GLN CB  CG   sing N N 91  
GLN CB  HB2  sing N N 92  
GLN CB  HB3  sing N N 93  
GLN CG  CD   sing N N 94  
GLN CG  HG2  sing N N 95  
GLN CG  HG3  sing N N 96  
GLN CD  OE1  doub N N 97  
GLN CD  NE2  sing N N 98  
GLN NE2 HE21 sing N N 99  
GLN NE2 HE22 sing N N 100 
GLN OXT HXT  sing N N 101 
GLU N   CA   sing N N 102 
GLU N   H    sing N N 103 
GLU N   H2   sing N N 104 
GLU CA  C    sing N N 105 
GLU CA  CB   sing N N 106 
GLU CA  HA   sing N N 107 
GLU C   O    doub N N 108 
GLU C   OXT  sing N N 109 
GLU CB  CG   sing N N 110 
GLU CB  HB2  sing N N 111 
GLU CB  HB3  sing N N 112 
GLU CG  CD   sing N N 113 
GLU CG  HG2  sing N N 114 
GLU CG  HG3  sing N N 115 
GLU CD  OE1  doub N N 116 
GLU CD  OE2  sing N N 117 
GLU OE2 HE2  sing N N 118 
GLU OXT HXT  sing N N 119 
GLY N   CA   sing N N 120 
GLY N   H    sing N N 121 
GLY N   H2   sing N N 122 
GLY CA  C    sing N N 123 
GLY CA  HA2  sing N N 124 
GLY CA  HA3  sing N N 125 
GLY C   O    doub N N 126 
GLY C   OXT  sing N N 127 
GLY OXT HXT  sing N N 128 
GOL C1  O1   sing N N 129 
GOL C1  C2   sing N N 130 
GOL C1  H11  sing N N 131 
GOL C1  H12  sing N N 132 
GOL O1  HO1  sing N N 133 
GOL C2  O2   sing N N 134 
GOL C2  C3   sing N N 135 
GOL C2  H2   sing N N 136 
GOL O2  HO2  sing N N 137 
GOL C3  O3   sing N N 138 
GOL C3  H31  sing N N 139 
GOL C3  H32  sing N N 140 
GOL O3  HO3  sing N N 141 
HIS N   CA   sing N N 142 
HIS N   H    sing N N 143 
HIS N   H2   sing N N 144 
HIS CA  C    sing N N 145 
HIS CA  CB   sing N N 146 
HIS CA  HA   sing N N 147 
HIS C   O    doub N N 148 
HIS C   OXT  sing N N 149 
HIS CB  CG   sing N N 150 
HIS CB  HB2  sing N N 151 
HIS CB  HB3  sing N N 152 
HIS CG  ND1  sing Y N 153 
HIS CG  CD2  doub Y N 154 
HIS ND1 CE1  doub Y N 155 
HIS ND1 HD1  sing N N 156 
HIS CD2 NE2  sing Y N 157 
HIS CD2 HD2  sing N N 158 
HIS CE1 NE2  sing Y N 159 
HIS CE1 HE1  sing N N 160 
HIS NE2 HE2  sing N N 161 
HIS OXT HXT  sing N N 162 
HOH O   H1   sing N N 163 
HOH O   H2   sing N N 164 
ILE N   CA   sing N N 165 
ILE N   H    sing N N 166 
ILE N   H2   sing N N 167 
ILE CA  C    sing N N 168 
ILE CA  CB   sing N N 169 
ILE CA  HA   sing N N 170 
ILE C   O    doub N N 171 
ILE C   OXT  sing N N 172 
ILE CB  CG1  sing N N 173 
ILE CB  CG2  sing N N 174 
ILE CB  HB   sing N N 175 
ILE CG1 CD1  sing N N 176 
ILE CG1 HG12 sing N N 177 
ILE CG1 HG13 sing N N 178 
ILE CG2 HG21 sing N N 179 
ILE CG2 HG22 sing N N 180 
ILE CG2 HG23 sing N N 181 
ILE CD1 HD11 sing N N 182 
ILE CD1 HD12 sing N N 183 
ILE CD1 HD13 sing N N 184 
ILE OXT HXT  sing N N 185 
LEU N   CA   sing N N 186 
LEU N   H    sing N N 187 
LEU N   H2   sing N N 188 
LEU CA  C    sing N N 189 
LEU CA  CB   sing N N 190 
LEU CA  HA   sing N N 191 
LEU C   O    doub N N 192 
LEU C   OXT  sing N N 193 
LEU CB  CG   sing N N 194 
LEU CB  HB2  sing N N 195 
LEU CB  HB3  sing N N 196 
LEU CG  CD1  sing N N 197 
LEU CG  CD2  sing N N 198 
LEU CG  HG   sing N N 199 
LEU CD1 HD11 sing N N 200 
LEU CD1 HD12 sing N N 201 
LEU CD1 HD13 sing N N 202 
LEU CD2 HD21 sing N N 203 
LEU CD2 HD22 sing N N 204 
LEU CD2 HD23 sing N N 205 
LEU OXT HXT  sing N N 206 
LYS N   CA   sing N N 207 
LYS N   H    sing N N 208 
LYS N   H2   sing N N 209 
LYS CA  C    sing N N 210 
LYS CA  CB   sing N N 211 
LYS CA  HA   sing N N 212 
LYS C   O    doub N N 213 
LYS C   OXT  sing N N 214 
LYS CB  CG   sing N N 215 
LYS CB  HB2  sing N N 216 
LYS CB  HB3  sing N N 217 
LYS CG  CD   sing N N 218 
LYS CG  HG2  sing N N 219 
LYS CG  HG3  sing N N 220 
LYS CD  CE   sing N N 221 
LYS CD  HD2  sing N N 222 
LYS CD  HD3  sing N N 223 
LYS CE  NZ   sing N N 224 
LYS CE  HE2  sing N N 225 
LYS CE  HE3  sing N N 226 
LYS NZ  HZ1  sing N N 227 
LYS NZ  HZ2  sing N N 228 
LYS NZ  HZ3  sing N N 229 
LYS OXT HXT  sing N N 230 
MET N   CA   sing N N 231 
MET N   H    sing N N 232 
MET N   H2   sing N N 233 
MET CA  C    sing N N 234 
MET CA  CB   sing N N 235 
MET CA  HA   sing N N 236 
MET C   O    doub N N 237 
MET C   OXT  sing N N 238 
MET CB  CG   sing N N 239 
MET CB  HB2  sing N N 240 
MET CB  HB3  sing N N 241 
MET CG  SD   sing N N 242 
MET CG  HG2  sing N N 243 
MET CG  HG3  sing N N 244 
MET SD  CE   sing N N 245 
MET CE  HE1  sing N N 246 
MET CE  HE2  sing N N 247 
MET CE  HE3  sing N N 248 
MET OXT HXT  sing N N 249 
PHE N   CA   sing N N 250 
PHE N   H    sing N N 251 
PHE N   H2   sing N N 252 
PHE CA  C    sing N N 253 
PHE CA  CB   sing N N 254 
PHE CA  HA   sing N N 255 
PHE C   O    doub N N 256 
PHE C   OXT  sing N N 257 
PHE CB  CG   sing N N 258 
PHE CB  HB2  sing N N 259 
PHE CB  HB3  sing N N 260 
PHE CG  CD1  doub Y N 261 
PHE CG  CD2  sing Y N 262 
PHE CD1 CE1  sing Y N 263 
PHE CD1 HD1  sing N N 264 
PHE CD2 CE2  doub Y N 265 
PHE CD2 HD2  sing N N 266 
PHE CE1 CZ   doub Y N 267 
PHE CE1 HE1  sing N N 268 
PHE CE2 CZ   sing Y N 269 
PHE CE2 HE2  sing N N 270 
PHE CZ  HZ   sing N N 271 
PHE OXT HXT  sing N N 272 
PRO N   CA   sing N N 273 
PRO N   CD   sing N N 274 
PRO N   H    sing N N 275 
PRO CA  C    sing N N 276 
PRO CA  CB   sing N N 277 
PRO CA  HA   sing N N 278 
PRO C   O    doub N N 279 
PRO C   OXT  sing N N 280 
PRO CB  CG   sing N N 281 
PRO CB  HB2  sing N N 282 
PRO CB  HB3  sing N N 283 
PRO CG  CD   sing N N 284 
PRO CG  HG2  sing N N 285 
PRO CG  HG3  sing N N 286 
PRO CD  HD2  sing N N 287 
PRO CD  HD3  sing N N 288 
PRO OXT HXT  sing N N 289 
SER N   CA   sing N N 290 
SER N   H    sing N N 291 
SER N   H2   sing N N 292 
SER CA  C    sing N N 293 
SER CA  CB   sing N N 294 
SER CA  HA   sing N N 295 
SER C   O    doub N N 296 
SER C   OXT  sing N N 297 
SER CB  OG   sing N N 298 
SER CB  HB2  sing N N 299 
SER CB  HB3  sing N N 300 
SER OG  HG   sing N N 301 
SER OXT HXT  sing N N 302 
SO4 S   O1   doub N N 303 
SO4 S   O2   doub N N 304 
SO4 S   O3   sing N N 305 
SO4 S   O4   sing N N 306 
THR N   CA   sing N N 307 
THR N   H    sing N N 308 
THR N   H2   sing N N 309 
THR CA  C    sing N N 310 
THR CA  CB   sing N N 311 
THR CA  HA   sing N N 312 
THR C   O    doub N N 313 
THR C   OXT  sing N N 314 
THR CB  OG1  sing N N 315 
THR CB  CG2  sing N N 316 
THR CB  HB   sing N N 317 
THR OG1 HG1  sing N N 318 
THR CG2 HG21 sing N N 319 
THR CG2 HG22 sing N N 320 
THR CG2 HG23 sing N N 321 
THR OXT HXT  sing N N 322 
TRP N   CA   sing N N 323 
TRP N   H    sing N N 324 
TRP N   H2   sing N N 325 
TRP CA  C    sing N N 326 
TRP CA  CB   sing N N 327 
TRP CA  HA   sing N N 328 
TRP C   O    doub N N 329 
TRP C   OXT  sing N N 330 
TRP CB  CG   sing N N 331 
TRP CB  HB2  sing N N 332 
TRP CB  HB3  sing N N 333 
TRP CG  CD1  doub Y N 334 
TRP CG  CD2  sing Y N 335 
TRP CD1 NE1  sing Y N 336 
TRP CD1 HD1  sing N N 337 
TRP CD2 CE2  doub Y N 338 
TRP CD2 CE3  sing Y N 339 
TRP NE1 CE2  sing Y N 340 
TRP NE1 HE1  sing N N 341 
TRP CE2 CZ2  sing Y N 342 
TRP CE3 CZ3  doub Y N 343 
TRP CE3 HE3  sing N N 344 
TRP CZ2 CH2  doub Y N 345 
TRP CZ2 HZ2  sing N N 346 
TRP CZ3 CH2  sing Y N 347 
TRP CZ3 HZ3  sing N N 348 
TRP CH2 HH2  sing N N 349 
TRP OXT HXT  sing N N 350 
TYR N   CA   sing N N 351 
TYR N   H    sing N N 352 
TYR N   H2   sing N N 353 
TYR CA  C    sing N N 354 
TYR CA  CB   sing N N 355 
TYR CA  HA   sing N N 356 
TYR C   O    doub N N 357 
TYR C   OXT  sing N N 358 
TYR CB  CG   sing N N 359 
TYR CB  HB2  sing N N 360 
TYR CB  HB3  sing N N 361 
TYR CG  CD1  doub Y N 362 
TYR CG  CD2  sing Y N 363 
TYR CD1 CE1  sing Y N 364 
TYR CD1 HD1  sing N N 365 
TYR CD2 CE2  doub Y N 366 
TYR CD2 HD2  sing N N 367 
TYR CE1 CZ   doub Y N 368 
TYR CE1 HE1  sing N N 369 
TYR CE2 CZ   sing Y N 370 
TYR CE2 HE2  sing N N 371 
TYR CZ  OH   sing N N 372 
TYR OH  HH   sing N N 373 
TYR OXT HXT  sing N N 374 
VAL N   CA   sing N N 375 
VAL N   H    sing N N 376 
VAL N   H2   sing N N 377 
VAL CA  C    sing N N 378 
VAL CA  CB   sing N N 379 
VAL CA  HA   sing N N 380 
VAL C   O    doub N N 381 
VAL C   OXT  sing N N 382 
VAL CB  CG1  sing N N 383 
VAL CB  CG2  sing N N 384 
VAL CB  HB   sing N N 385 
VAL CG1 HG11 sing N N 386 
VAL CG1 HG12 sing N N 387 
VAL CG1 HG13 sing N N 388 
VAL CG2 HG21 sing N N 389 
VAL CG2 HG22 sing N N 390 
VAL CG2 HG23 sing N N 391 
VAL OXT HXT  sing N N 392 
# 
_pdbx_initial_refinement_model.id               1 
_pdbx_initial_refinement_model.entity_id_list   ? 
_pdbx_initial_refinement_model.type             'experimental model' 
_pdbx_initial_refinement_model.source_name      PDB 
_pdbx_initial_refinement_model.accession_code   2BWK 
_pdbx_initial_refinement_model.details          'PDB ENTRY 2BWK' 
# 
_atom_sites.entry_id                    3ZBV 
_atom_sites.fract_transf_matrix[1][1]   -0.00505625 
_atom_sites.fract_transf_matrix[1][2]   0.00423454 
_atom_sites.fract_transf_matrix[1][3]   -0.00898410 
_atom_sites.fract_transf_matrix[2][1]   -0.00887242 
_atom_sites.fract_transf_matrix[2][2]   -0.00645663 
_atom_sites.fract_transf_matrix[2][3]   0.00195015 
_atom_sites.fract_transf_matrix[3][1]   -0.00620446 
_atom_sites.fract_transf_matrix[3][2]   0.01117088 
_atom_sites.fract_transf_matrix[3][3]   0.00875712 
_atom_sites.fract_transf_vector[1]      0.029086 
_atom_sites.fract_transf_vector[2]      -0.229490 
_atom_sites.fract_transf_vector[3]      -0.206412 
# 
loop_
_atom_type.symbol 
C  
N  
O  
S  
ZN 
# 
loop_
_atom_site.group_PDB 
_atom_site.id 
_atom_site.type_symbol 
_atom_site.label_atom_id 
_atom_site.label_alt_id 
_atom_site.label_comp_id 
_atom_site.label_asym_id 
_atom_site.label_entity_id 
_atom_site.label_seq_id 
_atom_site.pdbx_PDB_ins_code 
_atom_site.Cartn_x 
_atom_site.Cartn_y 
_atom_site.Cartn_z 
_atom_site.occupancy 
_atom_site.B_iso_or_equiv 
_atom_site.pdbx_formal_charge 
_atom_site.auth_seq_id 
_atom_site.auth_comp_id 
_atom_site.auth_asym_id 
_atom_site.auth_atom_id 
_atom_site.pdbx_PDB_model_num 
ATOM   1    N  N   . ASP A 1 3   ? -5.980  -4.102  17.175  1.00 43.35 ? 3    ASP A N   1 
ATOM   2    C  CA  . ASP A 1 3   ? -5.918  -5.100  16.066  1.00 39.68 ? 3    ASP A CA  1 
ATOM   3    C  C   . ASP A 1 3   ? -4.529  -5.154  15.461  1.00 38.15 ? 3    ASP A C   1 
ATOM   4    O  O   . ASP A 1 3   ? -4.094  -4.202  14.808  1.00 37.64 ? 3    ASP A O   1 
ATOM   5    N  N   . SER A 1 4   ? -3.841  -6.273  15.679  1.00 35.18 ? 4    SER A N   1 
ATOM   6    C  CA  . SER A 1 4   ? -2.449  -6.422  15.277  1.00 33.37 ? 4    SER A CA  1 
ATOM   7    C  C   . SER A 1 4   ? -2.255  -6.356  13.765  1.00 30.09 ? 4    SER A C   1 
ATOM   8    O  O   . SER A 1 4   ? -1.414  -5.588  13.279  1.00 27.72 ? 4    SER A O   1 
ATOM   9    C  CB  . SER A 1 4   ? -1.863  -7.721  15.821  1.00 34.71 ? 4    SER A CB  1 
ATOM   10   O  OG  . SER A 1 4   ? -0.459  -7.733  15.624  1.00 38.92 ? 4    SER A OG  1 
ATOM   11   N  N   . ARG A 1 5   ? -3.031  -7.156  13.030  1.00 27.22 ? 5    ARG A N   1 
ATOM   12   C  CA  . ARG A 1 5   ? -2.915  -7.200  11.567  1.00 25.15 ? 5    ARG A CA  1 
ATOM   13   C  C   . ARG A 1 5   ? -3.362  -5.903  10.898  1.00 23.55 ? 5    ARG A C   1 
ATOM   14   O  O   . ARG A 1 5   ? -2.812  -5.524  9.861   1.00 22.61 ? 5    ARG A O   1 
ATOM   15   C  CB  . ARG A 1 5   ? -3.653  -8.404  10.981  1.00 25.40 ? 5    ARG A CB  1 
ATOM   16   C  CG  . ARG A 1 5   ? -2.955  -9.721  11.290  1.00 27.76 ? 5    ARG A CG  1 
ATOM   17   C  CD  . ARG A 1 5   ? -3.800  -10.925 10.925  1.00 29.20 ? 5    ARG A CD  1 
ATOM   18   N  NE  . ARG A 1 5   ? -3.132  -12.144 11.365  1.00 32.36 ? 5    ARG A NE  1 
ATOM   19   C  CZ  . ARG A 1 5   ? -3.733  -13.313 11.549  1.00 34.69 ? 5    ARG A CZ  1 
ATOM   20   N  NH1 . ARG A 1 5   ? -5.038  -13.442 11.339  1.00 35.43 ? 5    ARG A NH1 1 
ATOM   21   N  NH2 . ARG A 1 5   ? -3.022  -14.357 11.954  1.00 37.18 ? 5    ARG A NH2 1 
ATOM   22   N  N   . TYR A 1 6   ? -4.350  -5.229  11.482  1.00 21.75 ? 6    TYR A N   1 
ATOM   23   C  CA  . TYR A 1 6   ? -4.765  -3.907  10.991  1.00 21.07 ? 6    TYR A CA  1 
ATOM   24   C  C   . TYR A 1 6   ? -3.653  -2.872  11.195  1.00 20.53 ? 6    TYR A C   1 
ATOM   25   O  O   . TYR A 1 6   ? -3.339  -2.096  10.291  1.00 18.71 ? 6    TYR A O   1 
ATOM   26   C  CB  . TYR A 1 6   ? -6.077  -3.454  11.662  1.00 20.71 ? 6    TYR A CB  1 
ATOM   27   C  CG  . TYR A 1 6   ? -6.552  -2.063  11.260  1.00 22.19 ? 6    TYR A CG  1 
ATOM   28   C  CD1 . TYR A 1 6   ? -6.779  -1.742  9.921   1.00 21.65 ? 6    TYR A CD1 1 
ATOM   29   C  CD2 . TYR A 1 6   ? -6.796  -1.078  12.219  1.00 22.83 ? 6    TYR A CD2 1 
ATOM   30   C  CE1 . TYR A 1 6   ? -7.220  -0.491  9.545   1.00 23.07 ? 6    TYR A CE1 1 
ATOM   31   C  CE2 . TYR A 1 6   ? -7.248  0.181   11.849  1.00 23.30 ? 6    TYR A CE2 1 
ATOM   32   C  CZ  . TYR A 1 6   ? -7.456  0.465   10.516  1.00 23.26 ? 6    TYR A CZ  1 
ATOM   33   O  OH  . TYR A 1 6   ? -7.882  1.702   10.118  1.00 26.39 ? 6    TYR A OH  1 
ATOM   34   N  N   . THR A 1 7   ? -3.055  -2.866  12.383  1.00 20.57 ? 7    THR A N   1 
ATOM   35   C  CA  . THR A 1 7   ? -1.941  -1.953  12.654  1.00 21.13 ? 7    THR A CA  1 
ATOM   36   C  C   . THR A 1 7   ? -0.768  -2.192  11.716  1.00 20.22 ? 7    THR A C   1 
ATOM   37   O  O   . THR A 1 7   ? -0.161  -1.229  11.225  1.00 20.33 ? 7    THR A O   1 
ATOM   38   C  CB  . THR A 1 7   ? -1.461  -2.079  14.111  1.00 22.51 ? 7    THR A CB  1 
ATOM   39   O  OG1 . THR A 1 7   ? -2.558  -1.784  14.966  1.00 24.92 ? 7    THR A OG1 1 
ATOM   40   C  CG2 . THR A 1 7   ? -0.317  -1.091  14.382  1.00 23.81 ? 7    THR A CG2 1 
ATOM   41   N  N   . LYS A 1 8   ? -0.448  -3.462  11.473  1.00 19.74 ? 8    LYS A N   1 
ATOM   42   C  CA  . LYS A 1 8   ? 0.615   -3.829  10.539  1.00 19.38 ? 8    LYS A CA  1 
ATOM   43   C  C   . LYS A 1 8   ? 0.292   -3.292  9.137   1.00 18.13 ? 8    LYS A C   1 
ATOM   44   O  O   . LYS A 1 8   ? 1.168   -2.713  8.475   1.00 16.54 ? 8    LYS A O   1 
ATOM   45   C  CB  . LYS A 1 8   ? 0.800   -5.353  10.521  1.00 20.64 ? 8    LYS A CB  1 
ATOM   46   C  CG  . LYS A 1 8   ? 1.816   -5.889  9.522   1.00 23.11 ? 8    LYS A CG  1 
ATOM   47   C  CD  . LYS A 1 8   ? 2.087   -7.357  9.825   1.00 26.16 ? 8    LYS A CD  1 
ATOM   48   C  CE  . LYS A 1 8   ? 2.881   -8.051  8.739   1.00 27.22 ? 8    LYS A CE  1 
ATOM   49   N  NZ  . LYS A 1 8   ? 3.239   -9.445  9.133   1.00 28.53 ? 8    LYS A NZ  1 
ATOM   50   N  N   . PHE A 1 9   ? -0.955  -3.480  8.701   1.00 16.91 ? 9    PHE A N   1 
ATOM   51   C  CA  . PHE A 1 9   ? -1.415  -2.927  7.412   1.00 15.49 ? 9    PHE A CA  1 
ATOM   52   C  C   . PHE A 1 9   ? -1.202  -1.412  7.350   1.00 15.25 ? 9    PHE A C   1 
ATOM   53   O  O   . PHE A 1 9   ? -0.723  -0.904  6.343   1.00 15.15 ? 9    PHE A O   1 
ATOM   54   C  CB  . PHE A 1 9   ? -2.884  -3.280  7.134   1.00 14.99 ? 9    PHE A CB  1 
ATOM   55   C  CG  . PHE A 1 9   ? -3.482  -2.535  5.969   1.00 14.75 ? 9    PHE A CG  1 
ATOM   56   C  CD1 . PHE A 1 9   ? -3.383  -3.043  4.675   1.00 14.49 ? 9    PHE A CD1 1 
ATOM   57   C  CD2 . PHE A 1 9   ? -4.127  -1.309  6.158   1.00 14.99 ? 9    PHE A CD2 1 
ATOM   58   C  CE1 . PHE A 1 9   ? -3.926  -2.353  3.598   1.00 14.32 ? 9    PHE A CE1 1 
ATOM   59   C  CE2 . PHE A 1 9   ? -4.650  -0.608  5.080   1.00 15.12 ? 9    PHE A CE2 1 
ATOM   60   C  CZ  . PHE A 1 9   ? -4.563  -1.132  3.798   1.00 14.64 ? 9    PHE A CZ  1 
ATOM   61   N  N   . LEU A 1 10  ? -1.569  -0.698  8.418   1.00 15.44 ? 10   LEU A N   1 
ATOM   62   C  CA  . LEU A 1 10  ? -1.409  0.759   8.445   1.00 15.53 ? 10   LEU A CA  1 
ATOM   63   C  C   . LEU A 1 10  ? 0.055   1.160   8.336   1.00 15.29 ? 10   LEU A C   1 
ATOM   64   O  O   . LEU A 1 10  ? 0.391   2.117   7.622   1.00 15.65 ? 10   LEU A O   1 
ATOM   65   C  CB  . LEU A 1 10  ? -2.060  1.378   9.691   1.00 16.50 ? 10   LEU A CB  1 
ATOM   66   C  CG  . LEU A 1 10  ? -3.592  1.285   9.750   1.00 16.45 ? 10   LEU A CG  1 
ATOM   67   C  CD1 . LEU A 1 10  ? -4.078  1.832   11.091  1.00 18.12 ? 10   LEU A CD1 1 
ATOM   68   C  CD2 . LEU A 1 10  ? -4.272  1.973   8.573   1.00 17.69 ? 10   LEU A CD2 1 
ATOM   69   N  N   . THR A 1 11  ? 0.917   0.418   9.031   1.00 15.35 ? 11   THR A N   1 
ATOM   70   C  CA  . THR A 1 11  ? 2.344   0.680   9.010   1.00 15.60 ? 11   THR A CA  1 
ATOM   71   C  C   . THR A 1 11  ? 2.856   0.521   7.589   1.00 15.00 ? 11   THR A C   1 
ATOM   72   O  O   . THR A 1 11  ? 3.627   1.335   7.094   1.00 15.23 ? 11   THR A O   1 
ATOM   73   C  CB  . THR A 1 11  ? 3.103   -0.244  9.973   1.00 16.62 ? 11   THR A CB  1 
ATOM   74   O  OG1 . THR A 1 11  ? 2.626   0.007   11.309  1.00 17.45 ? 11   THR A OG1 1 
ATOM   75   C  CG2 . THR A 1 11  ? 4.604   0.031   9.904   1.00 17.38 ? 11   THR A CG2 1 
ATOM   76   N  N   . GLN A 1 12  ? 2.378   -0.507  6.918   1.00 14.30 ? 12   GLN A N   1 
ATOM   77   C  CA  . GLN A 1 12  ? 2.892   -0.808  5.597   1.00 14.89 ? 12   GLN A CA  1 
ATOM   78   C  C   . GLN A 1 12  ? 2.305   0.062   4.495   1.00 14.53 ? 12   GLN A C   1 
ATOM   79   O  O   . GLN A 1 12  ? 2.970   0.273   3.484   1.00 15.41 ? 12   GLN A O   1 
ATOM   80   C  CB  . GLN A 1 12  ? 2.664   -2.283  5.289   1.00 15.91 ? 12   GLN A CB  1 
ATOM   81   C  CG  . GLN A 1 12  ? 3.484   -3.177  6.200   1.00 17.32 ? 12   GLN A CG  1 
ATOM   82   C  CD  . GLN A 1 12  ? 3.407   -4.649  5.828   1.00 19.48 ? 12   GLN A CD  1 
ATOM   83   O  OE1 . GLN A 1 12  ? 2.602   -5.054  4.991   1.00 20.25 ? 12   GLN A OE1 1 
ATOM   84   N  NE2 . GLN A 1 12  ? 4.273   -5.451  6.440   1.00 22.39 ? 12   GLN A NE2 1 
ATOM   85   N  N   . HIS A 1 13  ? 1.078   0.575   4.679   1.00 13.79 ? 13   HIS A N   1 
ATOM   86   C  CA  . HIS A 1 13  ? 0.309   1.119   3.539   1.00 14.18 ? 13   HIS A CA  1 
ATOM   87   C  C   . HIS A 1 13  ? -0.382  2.433   3.715   1.00 14.77 ? 13   HIS A C   1 
ATOM   88   O  O   . HIS A 1 13  ? -0.925  2.974   2.750   1.00 15.91 ? 13   HIS A O   1 
ATOM   89   C  CB  . HIS A 1 13  ? -0.718  0.105   3.051   1.00 13.70 ? 13   HIS A CB  1 
ATOM   90   C  CG  . HIS A 1 13  ? -0.107  -1.178  2.575   1.00 13.54 ? 13   HIS A CG  1 
ATOM   91   N  ND1 . HIS A 1 13  ? 0.669   -1.250  1.464   1.00 13.07 ? 13   HIS A ND1 1 
ATOM   92   C  CD2 . HIS A 1 13  ? -0.163  -2.459  3.107   1.00 13.20 ? 13   HIS A CD2 1 
ATOM   93   C  CE1 . HIS A 1 13  ? 1.086   -2.523  1.305   1.00 13.08 ? 13   HIS A CE1 1 
ATOM   94   N  NE2 . HIS A 1 13  ? 0.579   -3.260  2.306   1.00 13.24 ? 13   HIS A NE2 1 
ATOM   95   N  N   . TYR A 1 14  ? -0.420  2.955   4.936   1.00 14.95 ? 14   TYR A N   1 
ATOM   96   C  CA  . TYR A 1 14  ? -1.180  4.186   5.180   1.00 15.18 ? 14   TYR A CA  1 
ATOM   97   C  C   . TYR A 1 14  ? -0.248  5.379   5.359   1.00 15.28 ? 14   TYR A C   1 
ATOM   98   O  O   . TYR A 1 14  ? 0.660   5.333   6.191   1.00 15.08 ? 14   TYR A O   1 
ATOM   99   C  CB  . TYR A 1 14  ? -2.082  3.998   6.414   1.00 15.82 ? 14   TYR A CB  1 
ATOM   100  C  CG  . TYR A 1 14  ? -2.648  5.275   7.018   1.00 16.64 ? 14   TYR A CG  1 
ATOM   101  C  CD1 . TYR A 1 14  ? -3.627  6.016   6.359   1.00 17.52 ? 14   TYR A CD1 1 
ATOM   102  C  CD2 . TYR A 1 14  ? -2.205  5.721   8.263   1.00 17.21 ? 14   TYR A CD2 1 
ATOM   103  C  CE1 . TYR A 1 14  ? -4.145  7.177   6.927   1.00 17.97 ? 14   TYR A CE1 1 
ATOM   104  C  CE2 . TYR A 1 14  ? -2.715  6.881   8.827   1.00 18.65 ? 14   TYR A CE2 1 
ATOM   105  C  CZ  . TYR A 1 14  ? -3.680  7.595   8.161   1.00 18.35 ? 14   TYR A CZ  1 
ATOM   106  O  OH  . TYR A 1 14  ? -4.179  8.759   8.733   1.00 19.87 ? 14   TYR A OH  1 
ATOM   107  N  N   . ASP A 1 15  ? -0.486  6.436   4.580   1.00 15.13 ? 15   ASP A N   1 
ATOM   108  C  CA  . ASP A 1 15  ? 0.290   7.671   4.694   1.00 15.75 ? 15   ASP A CA  1 
ATOM   109  C  C   . ASP A 1 15  ? -0.535  8.841   4.191   1.00 16.05 ? 15   ASP A C   1 
ATOM   110  O  O   . ASP A 1 15  ? -0.529  9.154   3.012   1.00 14.89 ? 15   ASP A O   1 
ATOM   111  C  CB  . ASP A 1 15  ? 1.625   7.579   3.935   1.00 16.84 ? 15   ASP A CB  1 
ATOM   112  C  CG  . ASP A 1 15  ? 2.555   8.740   4.259   1.00 17.37 ? 15   ASP A CG  1 
ATOM   113  O  OD1 . ASP A 1 15  ? 2.290   9.447   5.256   1.00 18.53 ? 15   ASP A OD1 1 
ATOM   114  O  OD2 . ASP A 1 15  ? 3.548   8.940   3.536   1.00 17.96 ? 15   ASP A OD2 1 
ATOM   115  N  N   . ALA A 1 16  ? -1.267  9.462   5.116   1.00 16.18 ? 16   ALA A N   1 
ATOM   116  C  CA  . ALA A 1 16  ? -2.274  10.461  4.780   1.00 18.20 ? 16   ALA A CA  1 
ATOM   117  C  C   . ALA A 1 16  ? -1.688  11.740  4.180   1.00 18.97 ? 16   ALA A C   1 
ATOM   118  O  O   . ALA A 1 16  ? -2.276  12.310  3.257   1.00 21.00 ? 16   ALA A O   1 
ATOM   119  C  CB  . ALA A 1 16  ? -3.098  10.791  6.018   1.00 18.20 ? 16   ALA A CB  1 
ATOM   120  N  N   . LYS A 1 17  ? -0.542  12.171  4.703   1.00 18.92 ? 17   LYS A N   1 
ATOM   121  C  CA  . LYS A 1 17  ? 0.118   13.412  4.265   1.00 19.25 ? 17   LYS A CA  1 
ATOM   122  C  C   . LYS A 1 17  ? 1.541   13.116  3.815   1.00 17.29 ? 17   LYS A C   1 
ATOM   123  O  O   . LYS A 1 17  ? 2.485   13.359  4.543   1.00 17.22 ? 17   LYS A O   1 
ATOM   124  C  CB  . LYS A 1 17  ? 0.124   14.447  5.391   1.00 22.93 ? 17   LYS A CB  1 
ATOM   125  C  CG  . LYS A 1 17  ? -1.267  14.812  5.888   1.00 26.19 ? 17   LYS A CG  1 
ATOM   126  C  CD  . LYS A 1 17  ? -1.180  15.766  7.068   1.00 29.96 ? 17   LYS A CD  1 
ATOM   127  C  CE  . LYS A 1 17  ? -2.532  16.392  7.360   1.00 32.53 ? 17   LYS A CE  1 
ATOM   128  N  NZ  . LYS A 1 17  ? -3.537  15.409  7.864   1.00 35.40 ? 17   LYS A NZ  1 
ATOM   129  N  N   . PRO A 1 18  ? 1.696   12.587  2.590   1.00 16.10 ? 18   PRO A N   1 
ATOM   130  C  CA  . PRO A 1 18  ? 2.999   12.079  2.162   1.00 15.29 ? 18   PRO A CA  1 
ATOM   131  C  C   . PRO A 1 18  ? 3.998   13.189  1.882   1.00 14.88 ? 18   PRO A C   1 
ATOM   132  O  O   . PRO A 1 18  ? 3.649   14.230  1.314   1.00 15.73 ? 18   PRO A O   1 
ATOM   133  C  CB  . PRO A 1 18  ? 2.666   11.312  0.880   1.00 14.97 ? 18   PRO A CB  1 
ATOM   134  C  CG  . PRO A 1 18  ? 1.454   12.034  0.341   1.00 15.06 ? 18   PRO A CG  1 
ATOM   135  C  CD  . PRO A 1 18  ? 0.655   12.361  1.573   1.00 15.85 ? 18   PRO A CD  1 
ATOM   136  N  N   . LYS A 1 19  ? 5.236   12.946  2.283   1.00 15.27 ? 19   LYS A N   1 
ATOM   137  C  CA  . LYS A 1 19  ? 6.306   13.913  2.079   1.00 15.53 ? 19   LYS A CA  1 
ATOM   138  C  C   . LYS A 1 19  ? 6.887   13.809  0.669   1.00 15.42 ? 19   LYS A C   1 
ATOM   139  O  O   . LYS A 1 19  ? 8.020   13.367  0.496   1.00 15.43 ? 19   LYS A O   1 
ATOM   140  C  CB  . LYS A 1 19  ? 7.377   13.722  3.164   1.00 17.39 ? 19   LYS A CB  1 
ATOM   141  C  CG  . LYS A 1 19  ? 6.881   14.160  4.542   1.00 18.07 ? 19   LYS A CG  1 
ATOM   142  C  CD  . LYS A 1 19  ? 7.858   13.777  5.640   1.00 21.13 ? 19   LYS A CD  1 
ATOM   143  C  CE  . LYS A 1 19  ? 7.335   14.260  6.981   1.00 22.41 ? 19   LYS A CE  1 
ATOM   144  N  NZ  . LYS A 1 19  ? 8.360   14.116  8.049   1.00 26.83 ? 19   LYS A NZ  1 
ATOM   145  N  N   . GLY A 1 20  ? 6.103   14.217  -0.334  1.00 15.63 ? 20   GLY A N   1 
ATOM   146  C  CA  . GLY A 1 20  ? 6.635   14.380  -1.701  1.00 15.67 ? 20   GLY A CA  1 
ATOM   147  C  C   . GLY A 1 20  ? 6.332   13.390  -2.813  1.00 15.77 ? 20   GLY A C   1 
ATOM   148  O  O   . GLY A 1 20  ? 6.375   13.763  -3.984  1.00 17.31 ? 20   GLY A O   1 
ATOM   149  N  N   . ARG A 1 21  ? 6.066   12.134  -2.462  1.00 15.66 ? 21   ARG A N   1 
ATOM   150  C  CA  . ARG A 1 21  ? 5.626   11.096  -3.433  1.00 14.51 ? 21   ARG A CA  1 
ATOM   151  C  C   . ARG A 1 21  ? 6.596   10.821  -4.593  1.00 14.11 ? 21   ARG A C   1 
ATOM   152  O  O   . ARG A 1 21  ? 6.172   10.365  -5.669  1.00 14.57 ? 21   ARG A O   1 
ATOM   153  C  CB  . ARG A 1 21  ? 4.228   11.407  -4.005  1.00 14.44 ? 21   ARG A CB  1 
ATOM   154  C  CG  . ARG A 1 21  ? 3.136   11.533  -2.939  1.00 14.27 ? 21   ARG A CG  1 
ATOM   155  C  CD  . ARG A 1 21  ? 1.822   11.963  -3.582  1.00 14.42 ? 21   ARG A CD  1 
ATOM   156  N  NE  . ARG A 1 21  ? 1.177   10.884  -4.351  1.00 14.05 ? 21   ARG A NE  1 
ATOM   157  C  CZ  . ARG A 1 21  ? -0.018  10.971  -4.927  1.00 14.10 ? 21   ARG A CZ  1 
ATOM   158  N  NH1 . ARG A 1 21  ? -0.702  12.110  -4.876  1.00 14.74 ? 21   ARG A NH1 1 
ATOM   159  N  NH2 . ARG A 1 21  ? -0.528  9.923   -5.574  1.00 13.73 ? 21   ARG A NH2 1 
ATOM   160  N  N   . ASP A 1 22  ? 7.878   11.110  -4.369  1.00 14.04 ? 22   ASP A N   1 
ATOM   161  C  CA  . ASP A 1 22  ? 8.935   10.897  -5.361  1.00 13.49 ? 22   ASP A CA  1 
ATOM   162  C  C   . ASP A 1 22  ? 9.804   9.685   -4.977  1.00 13.43 ? 22   ASP A C   1 
ATOM   163  O  O   . ASP A 1 22  ? 9.461   8.954   -4.049  1.00 13.94 ? 22   ASP A O   1 
ATOM   164  C  CB  . ASP A 1 22  ? 9.768   12.177  -5.552  1.00 13.56 ? 22   ASP A CB  1 
ATOM   165  C  CG  . ASP A 1 22  ? 10.537  12.600  -4.302  1.00 14.09 ? 22   ASP A CG  1 
ATOM   166  O  OD1 . ASP A 1 22  ? 10.272  12.082  -3.188  1.00 13.95 ? 22   ASP A OD1 1 
ATOM   167  O  OD2 . ASP A 1 22  ? 11.424  13.471  -4.453  1.00 15.02 ? 22   ASP A OD2 1 
ATOM   168  N  N   . ASP A 1 23  ? 10.908  9.464   -5.695  1.00 13.41 ? 23   ASP A N   1 
ATOM   169  C  CA  . ASP A 1 23  ? 11.740  8.285   -5.433  1.00 12.94 ? 23   ASP A CA  1 
ATOM   170  C  C   . ASP A 1 23  ? 12.324  8.348   -4.029  1.00 13.22 ? 23   ASP A C   1 
ATOM   171  O  O   . ASP A 1 23  ? 12.360  7.343   -3.321  1.00 13.21 ? 23   ASP A O   1 
ATOM   172  C  CB  . ASP A 1 23  ? 12.859  8.174   -6.461  1.00 13.38 ? 23   ASP A CB  1 
ATOM   173  C  CG  . ASP A 1 23  ? 12.358  7.917   -7.875  1.00 13.79 ? 23   ASP A CG  1 
ATOM   174  O  OD1 . ASP A 1 23  ? 11.144  7.744   -8.106  1.00 13.49 ? 23   ASP A OD1 1 
ATOM   175  O  OD2 . ASP A 1 23  ? 13.231  7.920   -8.784  1.00 13.95 ? 23   ASP A OD2 1 
ATOM   176  N  N   . ARG A 1 24  ? 12.783  9.537   -3.636  1.00 12.70 ? 24   ARG A N   1 
ATOM   177  C  CA  . ARG A 1 24  ? 13.319  9.755   -2.297  1.00 13.07 ? 24   ARG A CA  1 
ATOM   178  C  C   . ARG A 1 24  ? 12.290  9.443   -1.217  1.00 12.84 ? 24   ARG A C   1 
ATOM   179  O  O   . ARG A 1 24  ? 12.621  8.805   -0.208  1.00 13.49 ? 24   ARG A O   1 
ATOM   180  C  CB  . ARG A 1 24  ? 13.833  11.189  -2.159  1.00 13.70 ? 24   ARG A CB  1 
ATOM   181  N  N   . TYR A 1 25  ? 11.053  9.899   -1.427  1.00 12.84 ? 25   TYR A N   1 
ATOM   182  C  CA  . TYR A 1 25  ? 9.927   9.543   -0.546  1.00 12.65 ? 25   TYR A CA  1 
ATOM   183  C  C   . TYR A 1 25  ? 9.840   8.031   -0.382  1.00 12.96 ? 25   TYR A C   1 
ATOM   184  O  O   . TYR A 1 25  ? 9.738   7.525   0.729   1.00 13.36 ? 25   TYR A O   1 
ATOM   185  C  CB  . TYR A 1 25  ? 8.614   10.078  -1.131  1.00 12.70 ? 25   TYR A CB  1 
ATOM   186  C  CG  . TYR A 1 25  ? 7.379   9.473   -0.508  1.00 12.92 ? 25   TYR A CG  1 
ATOM   187  C  CD1 . TYR A 1 25  ? 6.833   10.003  0.664   1.00 13.01 ? 25   TYR A CD1 1 
ATOM   188  C  CD2 . TYR A 1 25  ? 6.745   8.365   -1.098  1.00 12.71 ? 25   TYR A CD2 1 
ATOM   189  C  CE1 . TYR A 1 25  ? 5.696   9.446   1.240   1.00 12.96 ? 25   TYR A CE1 1 
ATOM   190  C  CE2 . TYR A 1 25  ? 5.611   7.805   -0.526  1.00 13.36 ? 25   TYR A CE2 1 
ATOM   191  C  CZ  . TYR A 1 25  ? 5.096   8.338   0.635   1.00 12.83 ? 25   TYR A CZ  1 
ATOM   192  O  OH  . TYR A 1 25  ? 3.966   7.768   1.188   1.00 14.20 ? 25   TYR A OH  1 
ATOM   193  N  N   . CYS A 1 26  ? 9.902   7.313   -1.499  1.00 12.72 ? 26   CYS A N   1 
ATOM   194  C  CA  . CYS A 1 26  ? 9.809   5.847   -1.432  1.00 12.72 ? 26   CYS A CA  1 
ATOM   195  C  C   . CYS A 1 26  ? 10.979  5.272   -0.653  1.00 13.03 ? 26   CYS A C   1 
ATOM   196  O  O   . CYS A 1 26  ? 10.792  4.401   0.193   1.00 12.28 ? 26   CYS A O   1 
ATOM   197  C  CB  . CYS A 1 26  ? 9.760   5.240   -2.830  1.00 13.45 ? 26   CYS A CB  1 
ATOM   198  S  SG  . CYS A 1 26  ? 8.099   5.220   -3.523  1.00 14.25 ? 26   CYS A SG  1 
ATOM   199  N  N   . GLU A 1 27  ? 12.182  5.745   -0.955  1.00 13.14 ? 27   GLU A N   1 
ATOM   200  C  CA  . GLU A 1 27  ? 13.375  5.202   -0.297  1.00 13.57 ? 27   GLU A CA  1 
ATOM   201  C  C   . GLU A 1 27  ? 13.339  5.435   1.213   1.00 13.59 ? 27   GLU A C   1 
ATOM   202  O  O   . GLU A 1 27  ? 13.683  4.543   1.986   1.00 14.24 ? 27   GLU A O   1 
ATOM   203  C  CB  . GLU A 1 27  ? 14.654  5.738   -0.950  1.00 14.20 ? 27   GLU A CB  1 
ATOM   204  C  CG  . GLU A 1 27  ? 14.777  5.147   -2.350  1.00 14.53 ? 27   GLU A CG  1 
ATOM   205  C  CD  . GLU A 1 27  ? 15.883  5.732   -3.197  1.00 15.67 ? 27   GLU A CD  1 
ATOM   206  O  OE1 . GLU A 1 27  ? 16.499  6.760   -2.806  1.00 17.55 ? 27   GLU A OE1 1 
ATOM   207  O  OE2 . GLU A 1 27  ? 16.122  5.164   -4.291  1.00 14.92 ? 27   GLU A OE2 1 
ATOM   208  N  N   . SER A 1 28  ? 12.885  6.619   1.613   1.00 14.41 ? 28   SER A N   1 
ATOM   209  C  CA  . SER A 1 28  ? 12.786  6.978   3.028   1.00 14.79 ? 28   SER A CA  1 
ATOM   210  C  C   . SER A 1 28  ? 11.685  6.173   3.715   1.00 14.90 ? 28   SER A C   1 
ATOM   211  O  O   . SER A 1 28  ? 11.888  5.598   4.782   1.00 13.99 ? 28   SER A O   1 
ATOM   212  C  CB  . SER A 1 28  ? 12.518  8.482   3.193   1.00 16.70 ? 28   SER A CB  1 
ATOM   213  O  OG  . SER A 1 28  ? 12.178  8.798   4.544   1.00 20.28 ? 28   SER A OG  1 
ATOM   214  N  N   . MET A 1 29  ? 10.517  6.128   3.086   1.00 14.86 ? 29   MET A N   1 
ATOM   215  C  CA  . MET A 1 29  ? 9.360   5.477   3.704   1.00 15.26 ? 29   MET A CA  1 
ATOM   216  C  C   . MET A 1 29  ? 9.489   3.973   3.802   1.00 15.02 ? 29   MET A C   1 
ATOM   217  O  O   . MET A 1 29  ? 8.997   3.367   4.758   1.00 15.79 ? 29   MET A O   1 
ATOM   218  C  CB  . MET A 1 29  ? 8.071   5.863   2.989   1.00 16.12 ? 29   MET A CB  1 
ATOM   219  C  CG  . MET A 1 29  ? 7.713   7.321   3.185   1.00 16.46 ? 29   MET A CG  1 
ATOM   220  S  SD  A MET A 1 29  ? 7.800   8.037   4.845   0.50 16.84 ? 29   MET A SD  1 
ATOM   221  S  SD  B MET A 1 29  ? 7.302   7.544   4.930   0.50 18.37 ? 29   MET A SD  1 
ATOM   222  C  CE  A MET A 1 29  ? 6.310   7.308   5.537   0.50 16.81 ? 29   MET A CE  1 
ATOM   223  C  CE  B MET A 1 29  ? 7.517   9.319   5.024   0.50 15.86 ? 29   MET A CE  1 
ATOM   224  N  N   . MET A 1 30  ? 10.151  3.359   2.823   1.00 14.75 ? 30   MET A N   1 
ATOM   225  C  CA  . MET A 1 30  ? 10.344  1.914   2.882   1.00 14.99 ? 30   MET A CA  1 
ATOM   226  C  C   . MET A 1 30  ? 11.181  1.536   4.110   1.00 15.64 ? 30   MET A C   1 
ATOM   227  O  O   . MET A 1 30  ? 10.915  0.525   4.764   1.00 16.95 ? 30   MET A O   1 
ATOM   228  C  CB  . MET A 1 30  ? 10.916  1.361   1.577   1.00 14.82 ? 30   MET A CB  1 
ATOM   229  C  CG  . MET A 1 30  ? 9.949   1.416   0.386   1.00 14.22 ? 30   MET A CG  1 
ATOM   230  S  SD  . MET A 1 30  ? 8.460   0.415   0.610   1.00 14.59 ? 30   MET A SD  1 
ATOM   231  C  CE  . MET A 1 30  ? 9.116   -1.221  0.266   1.00 13.83 ? 30   MET A CE  1 
ATOM   232  N  N   . VAL A 1 31  ? 12.144  2.391   4.442   1.00 15.67 ? 31   VAL A N   1 
ATOM   233  C  CA  . VAL A 1 31  ? 12.964  2.230   5.659   1.00 16.12 ? 31   VAL A CA  1 
ATOM   234  C  C   . VAL A 1 31  ? 12.172  2.535   6.937   1.00 17.42 ? 31   VAL A C   1 
ATOM   235  O  O   . VAL A 1 31  ? 12.178  1.732   7.893   1.00 18.11 ? 31   VAL A O   1 
ATOM   236  C  CB  . VAL A 1 31  ? 14.226  3.106   5.581   1.00 16.10 ? 31   VAL A CB  1 
ATOM   237  C  CG1 . VAL A 1 31  ? 14.931  3.164   6.932   1.00 16.65 ? 31   VAL A CG1 1 
ATOM   238  C  CG2 . VAL A 1 31  ? 15.151  2.585   4.498   1.00 16.50 ? 31   VAL A CG2 1 
ATOM   239  N  N   . LYS A 1 32  ? 11.499  3.685   6.946   1.00 17.32 ? 32   LYS A N   1 
ATOM   240  C  CA  . LYS A 1 32  ? 10.745  4.151   8.127   1.00 18.08 ? 32   LYS A CA  1 
ATOM   241  C  C   . LYS A 1 32  ? 9.649   3.175   8.548   1.00 18.89 ? 32   LYS A C   1 
ATOM   242  O  O   . LYS A 1 32  ? 9.417   2.962   9.750   1.00 20.18 ? 32   LYS A O   1 
ATOM   243  C  CB  . LYS A 1 32  ? 10.196  5.547   7.885   1.00 18.21 ? 32   LYS A CB  1 
ATOM   244  C  CG  . LYS A 1 32  ? 11.286  6.597   7.994   1.00 19.21 ? 32   LYS A CG  1 
ATOM   245  C  CD  . LYS A 1 32  ? 10.752  8.005   7.808   1.00 20.30 ? 32   LYS A CD  1 
ATOM   246  C  CE  . LYS A 1 32  ? 11.861  9.053   7.907   1.00 22.92 ? 32   LYS A CE  1 
ATOM   247  N  NZ  . LYS A 1 32  ? 12.750  8.898   9.103   1.00 25.17 ? 32   LYS A NZ  1 
ATOM   248  N  N   . ARG A 1 33  ? 9.027   2.542   7.557   1.00 17.94 ? 33   ARG A N   1 
ATOM   249  C  CA  . ARG A 1 33  ? 7.942   1.573   7.786   1.00 18.92 ? 33   ARG A CA  1 
ATOM   250  C  C   . ARG A 1 33  ? 8.414   0.100   7.851   1.00 20.79 ? 33   ARG A C   1 
ATOM   251  O  O   . ARG A 1 33  ? 7.590   -0.838  7.833   1.00 21.24 ? 33   ARG A O   1 
ATOM   252  C  CB  . ARG A 1 33  ? 6.846   1.777   6.737   1.00 18.10 ? 33   ARG A CB  1 
ATOM   253  C  CG  . ARG A 1 33  ? 6.317   3.210   6.675   1.00 17.17 ? 33   ARG A CG  1 
ATOM   254  C  CD  . ARG A 1 33  ? 5.751   3.667   8.013   1.00 17.26 ? 33   ARG A CD  1 
ATOM   255  N  NE  . ARG A 1 33  ? 5.051   4.947   7.897   1.00 17.16 ? 33   ARG A NE  1 
ATOM   256  C  CZ  . ARG A 1 33  ? 3.790   5.102   7.482   1.00 17.15 ? 33   ARG A CZ  1 
ATOM   257  N  NH1 . ARG A 1 33  ? 3.044   4.060   7.113   1.00 16.95 ? 33   ARG A NH1 1 
ATOM   258  N  NH2 . ARG A 1 33  ? 3.269   6.325   7.421   1.00 17.02 ? 33   ARG A NH2 1 
ATOM   259  N  N   . LYS A 1 34  ? 9.738   -0.085  7.928   1.00 21.96 ? 34   LYS A N   1 
ATOM   260  C  CA  . LYS A 1 34  ? 10.372  -1.392  8.226   1.00 23.58 ? 34   LYS A CA  1 
ATOM   261  C  C   . LYS A 1 34  ? 10.180  -2.461  7.159   1.00 24.38 ? 34   LYS A C   1 
ATOM   262  O  O   . LYS A 1 34  ? 9.938   -3.636  7.481   1.00 24.71 ? 34   LYS A O   1 
ATOM   263  C  CB  . LYS A 1 34  ? 9.887   -1.938  9.581   1.00 26.18 ? 34   LYS A CB  1 
ATOM   264  C  CG  . LYS A 1 34  ? 9.906   -0.924  10.709  1.00 29.07 ? 34   LYS A CG  1 
ATOM   265  C  CD  . LYS A 1 34  ? 11.309  -0.428  10.998  1.00 31.76 ? 34   LYS A CD  1 
ATOM   266  C  CE  . LYS A 1 34  ? 11.292  0.685   12.032  1.00 34.86 ? 34   LYS A CE  1 
ATOM   267  N  NZ  . LYS A 1 34  ? 10.640  0.256   13.298  1.00 35.54 ? 34   LYS A NZ  1 
ATOM   268  N  N   . LEU A 1 35  ? 10.317  -2.063  5.894   1.00 22.11 ? 35   LEU A N   1 
ATOM   269  C  CA  . LEU A 1 35  ? 10.092  -2.967  4.777   1.00 21.56 ? 35   LEU A CA  1 
ATOM   270  C  C   . LEU A 1 35  ? 11.363  -3.284  4.007   1.00 20.63 ? 35   LEU A C   1 
ATOM   271  O  O   . LEU A 1 35  ? 11.302  -3.850  2.912   1.00 20.36 ? 35   LEU A O   1 
ATOM   272  C  CB  . LEU A 1 35  ? 9.034   -2.382  3.829   1.00 20.95 ? 35   LEU A CB  1 
ATOM   273  C  CG  . LEU A 1 35  ? 7.580   -2.410  4.308   1.00 22.00 ? 35   LEU A CG  1 
ATOM   274  C  CD1 . LEU A 1 35  ? 6.726   -1.463  3.474   1.00 21.23 ? 35   LEU A CD1 1 
ATOM   275  C  CD2 . LEU A 1 35  ? 7.007   -3.822  4.303   1.00 23.34 ? 35   LEU A CD2 1 
ATOM   276  N  N   . THR A 1 36  ? 12.521  -2.933  4.571   1.00 20.10 ? 36   THR A N   1 
ATOM   277  C  CA  . THR A 1 36  ? 13.783  -3.092  3.834   1.00 21.20 ? 36   THR A CA  1 
ATOM   278  C  C   . THR A 1 36  ? 14.781  -4.089  4.441   1.00 21.93 ? 36   THR A C   1 
ATOM   279  O  O   . THR A 1 36  ? 15.965  -4.038  4.111   1.00 24.23 ? 36   THR A O   1 
ATOM   280  C  CB  . THR A 1 36  ? 14.486  -1.737  3.540   1.00 20.52 ? 36   THR A CB  1 
ATOM   281  O  OG1 . THR A 1 36  ? 14.827  -1.087  4.773   1.00 21.83 ? 36   THR A OG1 1 
ATOM   282  C  CG2 . THR A 1 36  ? 13.587  -0.825  2.723   1.00 20.55 ? 36   THR A CG2 1 
ATOM   283  N  N   . SER A 1 37  ? 14.317  -5.008  5.283   1.00 22.63 ? 37   SER A N   1 
ATOM   284  C  CA  . SER A 1 37  ? 15.181  -6.106  5.767   0.98 23.73 ? 37   SER A CA  1 
ATOM   285  C  C   . SER A 1 37  ? 15.808  -6.844  4.582   1.00 23.71 ? 37   SER A C   1 
ATOM   286  O  O   . SER A 1 37  ? 17.001  -7.159  4.593   1.00 24.65 ? 37   SER A O   1 
ATOM   287  C  CB  . SER A 1 37  ? 14.409  -7.051  6.681   1.00 25.07 ? 37   SER A CB  1 
ATOM   288  O  OG  . SER A 1 37  ? 14.003  -6.366  7.846   0.63 25.91 ? 37   SER A OG  1 
ATOM   289  N  N   . PHE A 1 38  ? 14.992  -7.120  3.569   1.00 22.48 ? 38   PHE A N   1 
ATOM   290  C  CA  . PHE A 1 38  ? 15.487  -7.293  2.218   1.00 21.54 ? 38   PHE A CA  1 
ATOM   291  C  C   . PHE A 1 38  ? 14.756  -6.203  1.443   1.00 19.49 ? 38   PHE A C   1 
ATOM   292  O  O   . PHE A 1 38  ? 13.804  -5.617  1.950   1.00 19.89 ? 38   PHE A O   1 
ATOM   293  C  CB  . PHE A 1 38  ? 15.224  -8.707  1.652   1.00 23.89 ? 38   PHE A CB  1 
ATOM   294  C  CG  . PHE A 1 38  ? 13.884  -8.876  0.970   1.00 25.85 ? 38   PHE A CG  1 
ATOM   295  C  CD1 . PHE A 1 38  ? 12.735  -9.126  1.712   1.00 26.75 ? 38   PHE A CD1 1 
ATOM   296  C  CD2 . PHE A 1 38  ? 13.772  -8.807  -0.431  1.00 26.53 ? 38   PHE A CD2 1 
ATOM   297  C  CE1 . PHE A 1 38  ? 11.502  -9.293  1.089   1.00 27.22 ? 38   PHE A CE1 1 
ATOM   298  C  CE2 . PHE A 1 38  ? 12.535  -8.974  -1.064  1.00 26.31 ? 38   PHE A CE2 1 
ATOM   299  C  CZ  . PHE A 1 38  ? 11.398  -9.221  -0.297  1.00 26.78 ? 38   PHE A CZ  1 
ATOM   300  N  N   . CYS A 1 39  ? 15.219  -5.909  0.248   1.00 17.12 ? 39   CYS A N   1 
ATOM   301  C  CA  . CYS A 1 39  ? 14.587  -4.886  -0.575  1.00 15.52 ? 39   CYS A CA  1 
ATOM   302  C  C   . CYS A 1 39  ? 13.265  -5.392  -1.131  1.00 14.54 ? 39   CYS A C   1 
ATOM   303  O  O   . CYS A 1 39  ? 13.214  -5.931  -2.241  1.00 15.31 ? 39   CYS A O   1 
ATOM   304  C  CB  . CYS A 1 39  ? 15.526  -4.492  -1.709  1.00 15.28 ? 39   CYS A CB  1 
ATOM   305  S  SG  . CYS A 1 39  ? 17.081  -3.785  -1.139  1.00 15.61 ? 39   CYS A SG  1 
ATOM   306  N  N   . LYS A 1 40  ? 12.195  -5.198  -0.371  1.00 13.95 ? 40   LYS A N   1 
ATOM   307  C  CA  . LYS A 1 40  ? 10.858  -5.562  -0.838  1.00 13.34 ? 40   LYS A CA  1 
ATOM   308  C  C   . LYS A 1 40  ? 10.609  -4.954  -2.220  1.00 12.69 ? 40   LYS A C   1 
ATOM   309  O  O   . LYS A 1 40  ? 10.807  -3.754  -2.427  1.00 12.88 ? 40   LYS A O   1 
ATOM   310  C  CB  . LYS A 1 40  ? 9.772   -5.113  0.147   1.00 14.07 ? 40   LYS A CB  1 
ATOM   311  C  CG  . LYS A 1 40  ? 8.443   -5.774  -0.213  1.00 14.95 ? 40   LYS A CG  1 
ATOM   312  C  CD  . LYS A 1 40  ? 7.366   -5.686  0.828   1.00 16.73 ? 40   LYS A CD  1 
ATOM   313  C  CE  . LYS A 1 40  ? 6.293   -6.724  0.523   1.00 14.67 ? 40   LYS A CE  1 
ATOM   314  N  NZ  . LYS A 1 40  ? 5.627   -6.467  -0.782  1.00 14.07 ? 40   LYS A NZ  1 
ATOM   315  N  N   . ASP A 1 41  ? 10.157  -5.772  -3.163  1.00 12.00 ? 41   ASP A N   1 
ATOM   316  C  CA  . ASP A 1 41  ? 10.082  -5.329  -4.545  1.00 11.96 ? 41   ASP A CA  1 
ATOM   317  C  C   . ASP A 1 41  ? 8.956   -4.357  -4.856  1.00 11.89 ? 41   ASP A C   1 
ATOM   318  O  O   . ASP A 1 41  ? 9.118   -3.508  -5.726  1.00 11.99 ? 41   ASP A O   1 
ATOM   319  C  CB  . ASP A 1 41  ? 10.067  -6.526  -5.494  1.00 12.31 ? 41   ASP A CB  1 
ATOM   320  C  CG  . ASP A 1 41  ? 11.457  -7.070  -5.723  1.00 12.71 ? 41   ASP A CG  1 
ATOM   321  O  OD1 . ASP A 1 41  ? 12.395  -6.261  -5.660  1.00 13.21 ? 41   ASP A OD1 1 
ATOM   322  O  OD2 . ASP A 1 41  ? 11.620  -8.279  -5.949  1.00 13.03 ? 41   ASP A OD2 1 
ATOM   323  N  N   . VAL A 1 42  ? 7.821   -4.491  -4.167  1.00 11.23 ? 42   VAL A N   1 
ATOM   324  C  CA  . VAL A 1 42  ? 6.666   -3.609  -4.454  1.00 12.24 ? 42   VAL A CA  1 
ATOM   325  C  C   . VAL A 1 42  ? 5.932   -3.286  -3.168  1.00 12.22 ? 42   VAL A C   1 
ATOM   326  O  O   . VAL A 1 42  ? 5.711   -4.157  -2.341  1.00 12.54 ? 42   VAL A O   1 
ATOM   327  C  CB  . VAL A 1 42  ? 5.696   -4.204  -5.519  1.00 11.78 ? 42   VAL A CB  1 
ATOM   328  C  CG1 . VAL A 1 42  ? 5.155   -5.568  -5.090  1.00 12.71 ? 42   VAL A CG1 1 
ATOM   329  C  CG2 . VAL A 1 42  ? 4.533   -3.250  -5.810  1.00 12.15 ? 42   VAL A CG2 1 
ATOM   330  N  N   . ASN A 1 43  ? 5.593   -2.012  -2.976  1.00 12.03 ? 43   ASN A N   1 
ATOM   331  C  CA  . ASN A 1 43  ? 4.772   -1.627  -1.841  1.00 12.64 ? 43   ASN A CA  1 
ATOM   332  C  C   . ASN A 1 43  ? 4.063   -0.311  -2.122  1.00 12.51 ? 43   ASN A C   1 
ATOM   333  O  O   . ASN A 1 43  ? 4.696   0.676   -2.513  1.00 12.85 ? 43   ASN A O   1 
ATOM   334  C  CB  . ASN A 1 43  ? 5.614   -1.445  -0.583  1.00 13.27 ? 43   ASN A CB  1 
ATOM   335  C  CG  . ASN A 1 43  ? 4.748   -1.222  0.634   1.00 14.13 ? 43   ASN A CG  1 
ATOM   336  O  OD1 . ASN A 1 43  ? 4.139   -2.164  1.128   1.00 14.74 ? 43   ASN A OD1 1 
ATOM   337  N  ND2 . ASN A 1 43  ? 4.650   0.027   1.091   1.00 13.92 ? 43   ASN A ND2 1 
ATOM   338  N  N   . THR A 1 44  ? 2.758   -0.298  -1.869  1.00 12.22 ? 44   THR A N   1 
ATOM   339  C  CA  . THR A 1 44  ? 1.950   0.896   -2.149  1.00 12.31 ? 44   THR A CA  1 
ATOM   340  C  C   . THR A 1 44  ? 1.535   1.624   -0.883  1.00 11.99 ? 44   THR A C   1 
ATOM   341  O  O   . THR A 1 44  ? 1.055   1.003   0.071   1.00 12.64 ? 44   THR A O   1 
ATOM   342  C  CB  . THR A 1 44  ? 0.713   0.546   -2.985  1.00 12.70 ? 44   THR A CB  1 
ATOM   343  O  OG1 . THR A 1 44  ? 1.134   -0.049  -4.215  1.00 13.21 ? 44   THR A OG1 1 
ATOM   344  C  CG2 . THR A 1 44  ? -0.100  1.814   -3.317  1.00 13.06 ? 44   THR A CG2 1 
ATOM   345  N  N   . PHE A 1 45  ? 1.751   2.939   -0.880  1.00 11.67 ? 45   PHE A N   1 
ATOM   346  C  CA  . PHE A 1 45  ? 1.253   3.803   0.188   1.00 11.93 ? 45   PHE A CA  1 
ATOM   347  C  C   . PHE A 1 45  ? -0.016  4.483   -0.291  1.00 12.02 ? 45   PHE A C   1 
ATOM   348  O  O   . PHE A 1 45  ? -0.085  4.969   -1.427  1.00 12.40 ? 45   PHE A O   1 
ATOM   349  C  CB  . PHE A 1 45  ? 2.322   4.822   0.590   1.00 12.43 ? 45   PHE A CB  1 
ATOM   350  C  CG  . PHE A 1 45  ? 3.521   4.195   1.234   1.00 12.36 ? 45   PHE A CG  1 
ATOM   351  C  CD1 . PHE A 1 45  ? 3.465   3.756   2.559   1.00 13.19 ? 45   PHE A CD1 1 
ATOM   352  C  CD2 . PHE A 1 45  ? 4.695   4.006   0.507   1.00 12.35 ? 45   PHE A CD2 1 
ATOM   353  C  CE1 . PHE A 1 45  ? 4.561   3.141   3.161   1.00 12.78 ? 45   PHE A CE1 1 
ATOM   354  C  CE2 . PHE A 1 45  ? 5.803   3.394   1.103   1.00 12.91 ? 45   PHE A CE2 1 
ATOM   355  C  CZ  . PHE A 1 45  ? 5.732   2.963   2.424   1.00 12.91 ? 45   PHE A CZ  1 
ATOM   356  N  N   . ILE A 1 46  ? -1.028  4.477   0.570   1.00 12.58 ? 46   ILE A N   1 
ATOM   357  C  CA  . ILE A 1 46  ? -2.344  5.059   0.277   1.00 12.96 ? 46   ILE A CA  1 
ATOM   358  C  C   . ILE A 1 46  ? -2.470  6.416   0.964   1.00 13.61 ? 46   ILE A C   1 
ATOM   359  O  O   . ILE A 1 46  ? -2.258  6.527   2.184   1.00 14.54 ? 46   ILE A O   1 
ATOM   360  C  CB  . ILE A 1 46  ? -3.485  4.175   0.797   1.00 13.43 ? 46   ILE A CB  1 
ATOM   361  C  CG1 . ILE A 1 46  ? -3.366  2.748   0.235   1.00 13.47 ? 46   ILE A CG1 1 
ATOM   362  C  CG2 . ILE A 1 46  ? -4.835  4.779   0.410   1.00 13.81 ? 46   ILE A CG2 1 
ATOM   363  C  CD1 . ILE A 1 46  ? -4.215  1.736   0.976   1.00 14.05 ? 46   ILE A CD1 1 
ATOM   364  N  N   . HIS A 1 47  ? -2.862  7.424   0.196   1.00 13.81 ? 47   HIS A N   1 
ATOM   365  C  CA  . HIS A 1 47  ? -3.022  8.779   0.739   1.00 14.02 ? 47   HIS A CA  1 
ATOM   366  C  C   . HIS A 1 47  ? -4.472  9.134   0.846   1.00 14.41 ? 47   HIS A C   1 
ATOM   367  O  O   . HIS A 1 47  ? -5.052  9.797   -0.031  1.00 15.37 ? 47   HIS A O   1 
ATOM   368  C  CB  . HIS A 1 47  ? -2.253  9.775   -0.113  1.00 13.70 ? 47   HIS A CB  1 
ATOM   369  C  CG  . HIS A 1 47  ? -0.898  9.283   -0.538  1.00 12.93 ? 47   HIS A CG  1 
ATOM   370  N  ND1 . HIS A 1 47  ? 0.009   8.838   0.340   1.00 13.31 ? 47   HIS A ND1 1 
ATOM   371  C  CD2 . HIS A 1 47  ? -0.318  9.171   -1.805  1.00 13.21 ? 47   HIS A CD2 1 
ATOM   372  C  CE1 . HIS A 1 47  ? 1.127   8.453   -0.330  1.00 13.18 ? 47   HIS A CE1 1 
ATOM   373  N  NE2 . HIS A 1 47  ? 0.925   8.665   -1.637  1.00 13.28 ? 47   HIS A NE2 1 
ATOM   374  N  N   . ASP A 1 48  ? -5.069  8.670   1.936   1.00 15.76 ? 48   ASP A N   1 
ATOM   375  C  CA  . ASP A 1 48  ? -6.486  8.899   2.209   1.00 16.41 ? 48   ASP A CA  1 
ATOM   376  C  C   . ASP A 1 48  ? -6.713  8.583   3.675   1.00 17.38 ? 48   ASP A C   1 
ATOM   377  O  O   . ASP A 1 48  ? -5.775  8.237   4.396   1.00 17.46 ? 48   ASP A O   1 
ATOM   378  C  CB  . ASP A 1 48  ? -7.347  8.013   1.300   1.00 17.09 ? 48   ASP A CB  1 
ATOM   379  C  CG  . ASP A 1 48  ? -8.684  8.652   0.946   1.00 17.22 ? 48   ASP A CG  1 
ATOM   380  O  OD1 . ASP A 1 48  ? -9.341  9.191   1.851   1.00 17.50 ? 48   ASP A OD1 1 
ATOM   381  O  OD2 . ASP A 1 48  ? -9.061  8.627   -0.236  1.00 17.80 ? 48   ASP A OD2 1 
ATOM   382  N  N   . THR A 1 49  ? -7.953  8.693   4.129   1.00 17.57 ? 49   THR A N   1 
ATOM   383  C  CA  . THR A 1 49  ? -8.250  8.471   5.538   1.00 18.09 ? 49   THR A CA  1 
ATOM   384  C  C   . THR A 1 49  ? -8.337  6.986   5.872   1.00 17.67 ? 49   THR A C   1 
ATOM   385  O  O   . THR A 1 49  ? -8.649  6.145   5.007   1.00 17.17 ? 49   THR A O   1 
ATOM   386  C  CB  . THR A 1 49  ? -9.574  9.151   5.954   1.00 18.51 ? 49   THR A CB  1 
ATOM   387  O  OG1 . THR A 1 49  ? -10.683 8.445   5.385   1.00 18.32 ? 49   THR A OG1 1 
ATOM   388  C  CG2 . THR A 1 49  ? -9.609  10.607  5.508   1.00 19.35 ? 49   THR A CG2 1 
ATOM   389  N  N   . LYS A 1 50  ? -8.071  6.665   7.130   1.00 17.59 ? 50   LYS A N   1 
ATOM   390  C  CA  . LYS A 1 50  ? -8.244  5.301   7.616   1.00 17.96 ? 50   LYS A CA  1 
ATOM   391  C  C   . LYS A 1 50  ? -9.698  4.870   7.448   1.00 17.89 ? 50   LYS A C   1 
ATOM   392  O  O   . LYS A 1 50  ? -9.969  3.723   7.091   1.00 17.64 ? 50   LYS A O   1 
ATOM   393  C  CB  . LYS A 1 50  ? -7.824  5.176   9.083   1.00 19.37 ? 50   LYS A CB  1 
ATOM   394  C  CG  . LYS A 1 50  ? -6.339  5.399   9.332   1.00 20.12 ? 50   LYS A CG  1 
ATOM   395  C  CD  . LYS A 1 50  ? -5.985  5.131   10.795  1.00 21.90 ? 50   LYS A CD  1 
ATOM   396  C  CE  . LYS A 1 50  ? -6.600  6.145   11.746  1.00 25.22 ? 50   LYS A CE  1 
ATOM   397  N  NZ  . LYS A 1 50  ? -6.001  7.496   11.559  1.00 25.95 ? 50   LYS A NZ  1 
ATOM   398  N  N   . ASN A 1 51  ? -10.629 5.800   7.679   1.00 17.81 ? 51   ASN A N   1 
ATOM   399  C  CA  . ASN A 1 51  ? -12.051 5.487   7.515   1.00 17.97 ? 51   ASN A CA  1 
ATOM   400  C  C   . ASN A 1 51  ? -12.368 5.071   6.086   1.00 16.87 ? 51   ASN A C   1 
ATOM   401  O  O   . ASN A 1 51  ? -13.093 4.098   5.856   1.00 16.88 ? 51   ASN A O   1 
ATOM   402  C  CB  . ASN A 1 51  ? -12.929 6.681   7.913   1.00 18.73 ? 51   ASN A CB  1 
ATOM   403  C  CG  . ASN A 1 51  ? -12.915 6.933   9.406   1.00 20.35 ? 51   ASN A CG  1 
ATOM   404  O  OD1 . ASN A 1 51  ? -12.735 6.010   10.206  1.00 20.57 ? 51   ASN A OD1 1 
ATOM   405  N  ND2 . ASN A 1 51  ? -13.081 8.199   9.790   1.00 21.30 ? 51   ASN A ND2 1 
ATOM   406  N  N   . ASN A 1 52  ? -11.824 5.803   5.120   1.00 16.78 ? 52   ASN A N   1 
ATOM   407  C  CA  . ASN A 1 52  ? -12.094 5.483   3.716   1.00 16.35 ? 52   ASN A CA  1 
ATOM   408  C  C   . ASN A 1 52  ? -11.472 4.159   3.284   1.00 16.13 ? 52   ASN A C   1 
ATOM   409  O  O   . ASN A 1 52  ? -12.071 3.409   2.504   1.00 16.40 ? 52   ASN A O   1 
ATOM   410  C  CB  . ASN A 1 52  ? -11.682 6.629   2.788   1.00 17.13 ? 52   ASN A CB  1 
ATOM   411  C  CG  . ASN A 1 52  ? -12.637 7.805   2.864   1.00 17.61 ? 52   ASN A CG  1 
ATOM   412  O  OD1 . ASN A 1 52  ? -13.779 7.662   3.305   1.00 18.18 ? 52   ASN A OD1 1 
ATOM   413  N  ND2 . ASN A 1 52  ? -12.179 8.971   2.428   1.00 17.69 ? 52   ASN A ND2 1 
ATOM   414  N  N   . ILE A 1 53  ? -10.283 3.866   3.798   1.00 15.97 ? 53   ILE A N   1 
ATOM   415  C  CA  . ILE A 1 53  ? -9.620  2.603   3.456   1.00 16.41 ? 53   ILE A CA  1 
ATOM   416  C  C   . ILE A 1 53  ? -10.391 1.432   4.070   1.00 16.27 ? 53   ILE A C   1 
ATOM   417  O  O   . ILE A 1 53  ? -10.656 0.418   3.408   1.00 16.05 ? 53   ILE A O   1 
ATOM   418  C  CB  . ILE A 1 53  ? -8.152  2.584   3.919   1.00 17.02 ? 53   ILE A CB  1 
ATOM   419  C  CG1 . ILE A 1 53  ? -7.339  3.658   3.188   1.00 17.09 ? 53   ILE A CG1 1 
ATOM   420  C  CG2 . ILE A 1 53  ? -7.524  1.211   3.660   1.00 17.08 ? 53   ILE A CG2 1 
ATOM   421  C  CD1 . ILE A 1 53  ? -6.010  3.973   3.863   1.00 17.76 ? 53   ILE A CD1 1 
ATOM   422  N  N   . LYS A 1 54  ? -10.766 1.575   5.336   1.00 16.59 ? 54   LYS A N   1 
ATOM   423  C  CA  . LYS A 1 54  ? -11.482 0.511   6.028   1.00 17.22 ? 54   LYS A CA  1 
ATOM   424  C  C   . LYS A 1 54  ? -12.814 0.195   5.358   1.00 16.92 ? 54   LYS A C   1 
ATOM   425  O  O   . LYS A 1 54  ? -13.229 -0.963  5.313   1.00 16.91 ? 54   LYS A O   1 
ATOM   426  C  CB  . LYS A 1 54  ? -11.690 0.864   7.503   1.00 18.79 ? 54   LYS A CB  1 
ATOM   427  C  CG  . LYS A 1 54  ? -12.309 -0.283  8.281   1.00 20.68 ? 54   LYS A CG  1 
ATOM   428  C  CD  . LYS A 1 54  ? -12.776 0.151   9.664   1.00 23.62 ? 54   LYS A CD  1 
ATOM   429  C  CE  . LYS A 1 54  ? -13.446 -1.001  10.407  1.00 25.12 ? 54   LYS A CE  1 
ATOM   430  N  NZ  . LYS A 1 54  ? -14.834 -1.225  9.920   1.00 28.59 ? 54   LYS A NZ  1 
ATOM   431  N  N   . ALA A 1 55  ? -13.471 1.227   4.819   1.00 16.78 ? 55   ALA A N   1 
ATOM   432  C  CA  . ALA A 1 55  ? -14.769 1.086   4.154   1.00 16.93 ? 55   ALA A CA  1 
ATOM   433  C  C   . ALA A 1 55  ? -14.721 0.131   2.972   1.00 16.85 ? 55   ALA A C   1 
ATOM   434  O  O   . ALA A 1 55  ? -15.739 -0.416  2.569   1.00 17.78 ? 55   ALA A O   1 
ATOM   435  C  CB  . ALA A 1 55  ? -15.301 2.450   3.718   1.00 17.22 ? 55   ALA A CB  1 
ATOM   436  N  N   . ILE A 1 56  ? -13.529 -0.080  2.418   1.00 15.87 ? 56   ILE A N   1 
ATOM   437  C  CA  . ILE A 1 56  ? -13.372 -1.073  1.352   1.00 17.25 ? 56   ILE A CA  1 
ATOM   438  C  C   . ILE A 1 56  ? -13.718 -2.493  1.830   1.00 17.69 ? 56   ILE A C   1 
ATOM   439  O  O   . ILE A 1 56  ? -14.191 -3.321  1.046   1.00 16.99 ? 56   ILE A O   1 
ATOM   440  C  CB  . ILE A 1 56  ? -11.946 -1.050  0.757   1.00 16.88 ? 56   ILE A CB  1 
ATOM   441  C  CG1 . ILE A 1 56  ? -11.592 0.354   0.248   1.00 17.03 ? 56   ILE A CG1 1 
ATOM   442  C  CG2 . ILE A 1 56  ? -11.823 -2.057  -0.391  1.00 17.48 ? 56   ILE A CG2 1 
ATOM   443  C  CD1 . ILE A 1 56  ? -10.099 0.531   -0.011  1.00 16.18 ? 56   ILE A CD1 1 
ATOM   444  N  N   . CYS A 1 57  ? -13.485 -2.771  3.111   1.00 18.71 ? 57   CYS A N   1 
ATOM   445  C  CA  . CYS A 1 57  ? -13.813 -4.077  3.671   1.00 19.38 ? 57   CYS A CA  1 
ATOM   446  C  C   . CYS A 1 57  ? -15.310 -4.209  3.996   1.00 20.47 ? 57   CYS A C   1 
ATOM   447  O  O   . CYS A 1 57  ? -15.777 -5.287  4.354   1.00 22.32 ? 57   CYS A O   1 
ATOM   448  C  CB  . CYS A 1 57  ? -12.889 -4.420  4.857   1.00 20.90 ? 57   CYS A CB  1 
ATOM   449  S  SG  . CYS A 1 57  ? -11.148 -4.647  4.384   1.00 23.79 ? 57   CYS A SG  1 
ATOM   450  N  N   . GLY A 1 58  ? -16.054 -3.117  3.824   1.00 19.53 ? 58   GLY A N   1 
ATOM   451  C  CA  . GLY A 1 58  ? -17.518 -3.117  3.914   1.00 20.74 ? 58   GLY A CA  1 
ATOM   452  C  C   . GLY A 1 58  ? -18.218 -2.850  2.589   1.00 21.57 ? 58   GLY A C   1 
ATOM   453  O  O   . GLY A 1 58  ? -17.798 -3.334  1.542   1.00 20.83 ? 58   GLY A O   1 
ATOM   454  N  N   . LYS A 1 59  ? -19.279 -2.039  2.615   1.00 22.30 ? 59   LYS A N   1 
ATOM   455  C  CA  . LYS A 1 59  ? -20.124 -1.887  1.428   1.00 23.70 ? 59   LYS A CA  1 
ATOM   456  C  C   . LYS A 1 59  ? -19.514 -0.982  0.363   1.00 22.20 ? 59   LYS A C   1 
ATOM   457  O  O   . LYS A 1 59  ? -20.032 -0.898  -0.756  1.00 24.39 ? 59   LYS A O   1 
ATOM   458  C  CB  . LYS A 1 59  ? -21.555 -1.422  1.782   1.00 25.01 ? 59   LYS A CB  1 
ATOM   459  C  CG  . LYS A 1 59  ? -22.328 -2.381  2.683   1.00 27.22 ? 59   LYS A CG  1 
ATOM   460  C  CD  . LYS A 1 59  ? -22.635 -1.762  4.047   1.00 29.08 ? 59   LYS A CD  1 
ATOM   461  C  CE  . LYS A 1 59  ? -21.513 -1.904  5.072   1.00 28.71 ? 59   LYS A CE  1 
ATOM   462  N  NZ  . LYS A 1 59  ? -20.442 -0.876  4.950   1.00 26.10 ? 59   LYS A NZ  1 
ATOM   463  N  N   . LYS A 1 60  ? -18.406 -0.317  0.694   1.00 20.80 ? 60   LYS A N   1 
ATOM   464  C  CA  . LYS A 1 60  ? -17.706 0.468   -0.308  1.00 19.65 ? 60   LYS A CA  1 
ATOM   465  C  C   . LYS A 1 60  ? -16.603 -0.308  -1.043  1.00 19.42 ? 60   LYS A C   1 
ATOM   466  O  O   . LYS A 1 60  ? -15.786 0.281   -1.754  1.00 18.81 ? 60   LYS A O   1 
ATOM   467  C  CB  . LYS A 1 60  ? -17.229 1.801   0.277   1.00 19.44 ? 60   LYS A CB  1 
ATOM   468  C  CG  . LYS A 1 60  ? -18.409 2.734   0.545   1.00 19.79 ? 60   LYS A CG  1 
ATOM   469  C  CD  . LYS A 1 60  ? -17.968 4.130   0.953   1.00 20.26 ? 60   LYS A CD  1 
ATOM   470  C  CE  . LYS A 1 60  ? -17.283 4.830   -0.221  1.00 20.84 ? 60   LYS A CE  1 
ATOM   471  N  NZ  . LYS A 1 60  ? -17.092 6.271   0.048   1.00 20.91 ? 60   LYS A NZ  1 
ATOM   472  N  N   . GLY A 1 61  ? -16.621 -1.632  -0.879  1.00 18.52 ? 61   GLY A N   1 
ATOM   473  C  CA  . GLY A 1 61  ? -15.795 -2.542  -1.680  1.00 19.19 ? 61   GLY A CA  1 
ATOM   474  C  C   . GLY A 1 61  ? -16.671 -3.589  -2.343  1.00 18.88 ? 61   GLY A C   1 
ATOM   475  O  O   . GLY A 1 61  ? -17.828 -3.777  -1.944  1.00 19.82 ? 61   GLY A O   1 
ATOM   476  N  N   . SER A 1 62  ? -16.134 -4.252  -3.366  1.00 18.91 ? 62   SER A N   1 
ATOM   477  C  CA  . SER A 1 62  ? -16.802 -5.382  -4.032  1.00 18.34 ? 62   SER A CA  1 
ATOM   478  C  C   . SER A 1 62  ? -15.921 -6.620  -3.883  1.00 18.07 ? 62   SER A C   1 
ATOM   479  O  O   . SER A 1 62  ? -14.700 -6.514  -3.977  1.00 17.09 ? 62   SER A O   1 
ATOM   480  C  CB  . SER A 1 62  ? -17.004 -5.099  -5.533  1.00 19.18 ? 62   SER A CB  1 
ATOM   481  O  OG  . SER A 1 62  ? -17.789 -3.926  -5.769  1.00 21.18 ? 62   SER A OG  1 
ATOM   482  N  N   . PRO A 1 63  ? -16.520 -7.803  -3.647  1.00 17.95 ? 63   PRO A N   1 
ATOM   483  C  CA  . PRO A 1 63  ? -15.687 -9.018  -3.586  1.00 17.38 ? 63   PRO A CA  1 
ATOM   484  C  C   . PRO A 1 63  ? -14.860 -9.203  -4.859  1.00 17.02 ? 63   PRO A C   1 
ATOM   485  O  O   . PRO A 1 63  ? -15.385 -9.031  -5.967  1.00 16.11 ? 63   PRO A O   1 
ATOM   486  C  CB  . PRO A 1 63  ? -16.711 -10.146 -3.458  1.00 17.70 ? 63   PRO A CB  1 
ATOM   487  C  CG  . PRO A 1 63  ? -17.915 -9.492  -2.852  1.00 18.88 ? 63   PRO A CG  1 
ATOM   488  C  CD  . PRO A 1 63  ? -17.946 -8.090  -3.393  1.00 18.43 ? 63   PRO A CD  1 
ATOM   489  N  N   . TYR A 1 64  ? -13.579 -9.534  -4.689  1.00 16.78 ? 64   TYR A N   1 
ATOM   490  C  CA  . TYR A 1 64  ? -12.660 -9.709  -5.821  1.00 16.82 ? 64   TYR A CA  1 
ATOM   491  C  C   . TYR A 1 64  ? -11.918 -11.037 -5.724  1.00 16.79 ? 64   TYR A C   1 
ATOM   492  O  O   . TYR A 1 64  ? -10.693 -11.090 -5.855  1.00 17.06 ? 64   TYR A O   1 
ATOM   493  C  CB  . TYR A 1 64  ? -11.664 -8.540  -5.935  1.00 16.68 ? 64   TYR A CB  1 
ATOM   494  C  CG  . TYR A 1 64  ? -10.999 -8.479  -7.301  1.00 17.33 ? 64   TYR A CG  1 
ATOM   495  C  CD1 . TYR A 1 64  ? -11.720 -8.055  -8.427  1.00 17.44 ? 64   TYR A CD1 1 
ATOM   496  C  CD2 . TYR A 1 64  ? -9.666  -8.868  -7.468  1.00 17.49 ? 64   TYR A CD2 1 
ATOM   497  C  CE1 . TYR A 1 64  ? -11.129 -8.027  -9.687  1.00 18.05 ? 64   TYR A CE1 1 
ATOM   498  C  CE2 . TYR A 1 64  ? -9.065  -8.839  -8.722  1.00 17.99 ? 64   TYR A CE2 1 
ATOM   499  C  CZ  . TYR A 1 64  ? -9.799  -8.417  -9.823  1.00 18.46 ? 64   TYR A CZ  1 
ATOM   500  O  OH  . TYR A 1 64  ? -9.176  -8.393  -11.051 1.00 19.38 ? 64   TYR A OH  1 
ATOM   501  N  N   . GLY A 1 65  ? -12.665 -12.117 -5.532  1.00 16.99 ? 65   GLY A N   1 
ATOM   502  C  CA  . GLY A 1 65  ? -12.015 -13.405 -5.290  1.00 16.92 ? 65   GLY A CA  1 
ATOM   503  C  C   . GLY A 1 65  ? -11.736 -13.556 -3.809  1.00 16.81 ? 65   GLY A C   1 
ATOM   504  O  O   . GLY A 1 65  ? -11.839 -12.597 -3.051  1.00 16.81 ? 65   GLY A O   1 
ATOM   505  N  N   . ARG A 1 66  ? -11.368 -14.762 -3.399  1.00 17.13 ? 66   ARG A N   1 
ATOM   506  C  CA  . ARG A 1 66  ? -11.307 -15.096 -1.972  1.00 16.47 ? 66   ARG A CA  1 
ATOM   507  C  C   . ARG A 1 66  ? -10.437 -14.139 -1.163  1.00 15.96 ? 66   ARG A C   1 
ATOM   508  O  O   . ARG A 1 66  ? -9.270  -13.904 -1.496  1.00 14.84 ? 66   ARG A O   1 
ATOM   509  C  CB  . ARG A 1 66  ? -10.815 -16.534 -1.799  1.00 18.50 ? 66   ARG A CB  1 
ATOM   510  C  CG  . ARG A 1 66  ? -10.748 -17.023 -0.355  1.00 20.65 ? 66   ARG A CG  1 
ATOM   511  C  CD  . ARG A 1 66  ? -9.877  -18.278 -0.232  1.00 23.59 ? 66   ARG A CD  1 
ATOM   512  N  NE  . ARG A 1 66  ? -10.131 -19.210 -1.320  1.00 25.32 ? 66   ARG A NE  1 
ATOM   513  C  CZ  . ARG A 1 66  ? -9.387  -20.272 -1.595  1.00 27.14 ? 66   ARG A CZ  1 
ATOM   514  N  NH1 . ARG A 1 66  ? -8.344  -20.577 -0.837  1.00 27.04 ? 66   ARG A NH1 1 
ATOM   515  N  NH2 . ARG A 1 66  ? -9.712  -21.048 -2.619  1.00 29.50 ? 66   ARG A NH2 1 
ATOM   516  N  N   . ASN A 1 67  ? -11.028 -13.592 -0.101  1.00 14.95 ? 67   ASN A N   1 
ATOM   517  C  CA  . ASN A 1 67  ? -10.334 -12.716 0.861   1.00 15.49 ? 67   ASN A CA  1 
ATOM   518  C  C   . ASN A 1 67  ? -9.917  -11.343 0.331   1.00 15.40 ? 67   ASN A C   1 
ATOM   519  O  O   . ASN A 1 67  ? -9.258  -10.584 1.054   1.00 16.35 ? 67   ASN A O   1 
ATOM   520  C  CB  . ASN A 1 67  ? -9.147  -13.439 1.515   1.00 16.18 ? 67   ASN A CB  1 
ATOM   521  C  CG  . ASN A 1 67  ? -9.594  -14.584 2.391   1.00 16.81 ? 67   ASN A CG  1 
ATOM   522  O  OD1 . ASN A 1 67  ? -10.697 -14.549 2.950   1.00 17.88 ? 67   ASN A OD1 1 
ATOM   523  N  ND2 . ASN A 1 67  ? -8.756  -15.619 2.513   1.00 16.10 ? 67   ASN A ND2 1 
ATOM   524  N  N   . LEU A 1 68  ? -10.310 -11.024 -0.907  1.00 14.51 ? 68   LEU A N   1 
ATOM   525  C  CA  . LEU A 1 68  ? -10.007 -9.724  -1.517  1.00 14.47 ? 68   LEU A CA  1 
ATOM   526  C  C   . LEU A 1 68  ? -11.248 -8.904  -1.818  1.00 14.83 ? 68   LEU A C   1 
ATOM   527  O  O   . LEU A 1 68  ? -12.311 -9.453  -2.138  1.00 14.58 ? 68   LEU A O   1 
ATOM   528  C  CB  . LEU A 1 68  ? -9.225  -9.886  -2.820  1.00 13.73 ? 68   LEU A CB  1 
ATOM   529  C  CG  . LEU A 1 68  ? -7.895  -10.644 -2.738  1.00 13.93 ? 68   LEU A CG  1 
ATOM   530  C  CD1 . LEU A 1 68  ? -7.306  -10.728 -4.133  1.00 14.01 ? 68   LEU A CD1 1 
ATOM   531  C  CD2 . LEU A 1 68  ? -6.911  -10.001 -1.759  1.00 14.31 ? 68   LEU A CD2 1 
ATOM   532  N  N   . ARG A 1 69  ? -11.096 -7.587  -1.692  1.00 15.62 ? 69   ARG A N   1 
ATOM   533  C  CA  . ARG A 1 69  ? -12.136 -6.638  -2.081  1.00 16.51 ? 69   ARG A CA  1 
ATOM   534  C  C   . ARG A 1 69  ? -11.540 -5.508  -2.896  1.00 16.15 ? 69   ARG A C   1 
ATOM   535  O  O   . ARG A 1 69  ? -10.478 -4.991  -2.549  1.00 16.08 ? 69   ARG A O   1 
ATOM   536  C  CB  . ARG A 1 69  ? -12.855 -6.090  -0.837  1.00 18.34 ? 69   ARG A CB  1 
ATOM   537  C  CG  . ARG A 1 69  ? -13.798 -7.106  -0.210  1.00 20.82 ? 69   ARG A CG  1 
ATOM   538  C  CD  . ARG A 1 69  ? -14.526 -6.609  1.033   1.00 22.41 ? 69   ARG A CD  1 
ATOM   539  N  NE  . ARG A 1 69  ? -15.798 -5.948  0.741   1.00 24.40 ? 69   ARG A NE  1 
ATOM   540  C  CZ  . ARG A 1 69  ? -16.935 -6.583  0.450   1.00 26.05 ? 69   ARG A CZ  1 
ATOM   541  N  NH1 . ARG A 1 69  ? -16.978 -7.909  0.385   1.00 26.94 ? 69   ARG A NH1 1 
ATOM   542  N  NH2 . ARG A 1 69  ? -18.033 -5.888  0.207   1.00 27.36 ? 69   ARG A NH2 1 
ATOM   543  N  N   . ILE A 1 70  ? -12.227 -5.118  -3.968  1.00 16.02 ? 70   ILE A N   1 
ATOM   544  C  CA  . ILE A 1 70  ? -11.798 -3.997  -4.793  1.00 16.23 ? 70   ILE A CA  1 
ATOM   545  C  C   . ILE A 1 70  ? -12.632 -2.768  -4.430  1.00 15.57 ? 70   ILE A C   1 
ATOM   546  O  O   . ILE A 1 70  ? -13.856 -2.853  -4.246  1.00 15.56 ? 70   ILE A O   1 
ATOM   547  C  CB  . ILE A 1 70  ? -11.858 -4.321  -6.317  1.00 16.16 ? 70   ILE A CB  1 
ATOM   548  C  CG1 . ILE A 1 70  ? -11.260 -3.171  -7.142  1.00 17.03 ? 70   ILE A CG1 1 
ATOM   549  C  CG2 . ILE A 1 70  ? -13.285 -4.675  -6.741  1.00 16.07 ? 70   ILE A CG2 1 
ATOM   550  C  CD1 . ILE A 1 70  ? -10.936 -3.537  -8.579  1.00 17.49 ? 70   ILE A CD1 1 
ATOM   551  N  N   . SER A 1 71  ? -11.954 -1.639  -4.272  1.00 15.46 ? 71   SER A N   1 
ATOM   552  C  CA  . SER A 1 71  ? -12.633 -0.408  -3.876  1.00 15.99 ? 71   SER A CA  1 
ATOM   553  C  C   . SER A 1 71  ? -13.604 0.076   -4.944  1.00 16.26 ? 71   SER A C   1 
ATOM   554  O  O   . SER A 1 71  ? -13.357 -0.061  -6.146  1.00 16.22 ? 71   SER A O   1 
ATOM   555  C  CB  . SER A 1 71  ? -11.610 0.697   -3.531  1.00 15.79 ? 71   SER A CB  1 
ATOM   556  O  OG  . SER A 1 71  ? -10.872 1.114   -4.665  1.00 15.91 ? 71   SER A OG  1 
ATOM   557  N  N   . LYS A 1 72  ? -14.712 0.643   -4.477  1.00 16.93 ? 72   LYS A N   1 
ATOM   558  C  CA  . LYS A 1 72  ? -15.700 1.258   -5.349  1.00 18.70 ? 72   LYS A CA  1 
ATOM   559  C  C   . LYS A 1 72  ? -15.285 2.669   -5.738  1.00 19.44 ? 72   LYS A C   1 
ATOM   560  O  O   . LYS A 1 72  ? -15.735 3.196   -6.756  1.00 20.91 ? 72   LYS A O   1 
ATOM   561  C  CB  . LYS A 1 72  ? -17.067 1.270   -4.662  1.00 19.40 ? 72   LYS A CB  1 
ATOM   562  C  CG  . LYS A 1 72  ? -17.716 -0.109  -4.689  1.00 19.75 ? 72   LYS A CG  1 
ATOM   563  C  CD  . LYS A 1 72  ? -19.035 -0.100  -3.942  1.00 20.88 ? 72   LYS A CD  1 
ATOM   564  C  CE  . LYS A 1 72  ? -19.688 -1.471  -3.977  1.00 21.47 ? 72   LYS A CE  1 
ATOM   565  N  NZ  . LYS A 1 72  ? -21.057 -1.418  -3.394  1.00 23.04 ? 72   LYS A NZ  1 
ATOM   566  N  N   . SER A 1 73  ? -14.419 3.257   -4.916  1.00 20.44 ? 73   SER A N   1 
ATOM   567  C  CA  . SER A 1 73  ? -13.869 4.587   -5.153  1.00 20.11 ? 73   SER A CA  1 
ATOM   568  C  C   . SER A 1 73  ? -12.389 4.533   -5.478  1.00 19.33 ? 73   SER A C   1 
ATOM   569  O  O   . SER A 1 73  ? -11.684 3.636   -5.022  1.00 18.29 ? 73   SER A O   1 
ATOM   570  C  CB  . SER A 1 73  ? -14.041 5.431   -3.905  1.00 21.37 ? 73   SER A CB  1 
ATOM   571  O  OG  . SER A 1 73  ? -15.416 5.602   -3.592  1.00 25.05 ? 73   SER A OG  1 
ATOM   572  N  N   . HIS A 1 74  ? -11.909 5.531   -6.264  1.00 19.18 ? 74   HIS A N   1 
ATOM   573  C  CA  . HIS A 1 74  ? -10.472 5.728   -6.537  1.00 19.60 ? 74   HIS A CA  1 
ATOM   574  C  C   . HIS A 1 74  ? -9.749  6.269   -5.327  1.00 18.32 ? 74   HIS A C   1 
ATOM   575  O  O   . HIS A 1 74  ? -10.306 7.059   -4.556  1.00 18.48 ? 74   HIS A O   1 
ATOM   576  C  CB  . HIS A 1 74  ? -10.253 6.730   -7.668  1.00 22.59 ? 74   HIS A CB  1 
ATOM   577  C  CG  . HIS A 1 74  ? -10.434 6.184   -9.071  1.00 27.05 ? 74   HIS A CG  1 
ATOM   578  N  ND1 . HIS A 1 74  ? -10.652 6.998   -10.131 1.00 28.96 ? 74   HIS A ND1 1 
ATOM   579  C  CD2 . HIS A 1 74  ? -10.399 4.895   -9.572  1.00 29.66 ? 74   HIS A CD2 1 
ATOM   580  C  CE1 . HIS A 1 74  ? -10.760 6.261   -11.254 1.00 30.94 ? 74   HIS A CE1 1 
ATOM   581  N  NE2 . HIS A 1 74  ? -10.600 4.976   -10.918 1.00 33.42 ? 74   HIS A NE2 1 
ATOM   582  N  N   . PHE A 1 75  ? -8.474  5.902   -5.164  1.00 16.37 ? 75   PHE A N   1 
ATOM   583  C  CA  . PHE A 1 75  ? -7.617  6.392   -4.077  1.00 15.12 ? 75   PHE A CA  1 
ATOM   584  C  C   . PHE A 1 75  ? -6.323  6.950   -4.647  1.00 14.95 ? 75   PHE A C   1 
ATOM   585  O  O   . PHE A 1 75  ? -5.769  6.379   -5.594  1.00 15.19 ? 75   PHE A O   1 
ATOM   586  C  CB  . PHE A 1 75  ? -7.266  5.245   -3.124  1.00 14.55 ? 75   PHE A CB  1 
ATOM   587  C  CG  . PHE A 1 75  ? -8.387  4.864   -2.197  1.00 14.66 ? 75   PHE A CG  1 
ATOM   588  C  CD1 . PHE A 1 75  ? -9.486  4.141   -2.671  1.00 14.77 ? 75   PHE A CD1 1 
ATOM   589  C  CD2 . PHE A 1 75  ? -8.336  5.213   -0.852  1.00 14.75 ? 75   PHE A CD2 1 
ATOM   590  C  CE1 . PHE A 1 75  ? -10.519 3.791   -1.821  1.00 14.85 ? 75   PHE A CE1 1 
ATOM   591  C  CE2 . PHE A 1 75  ? -9.366  4.867   0.006   1.00 15.00 ? 75   PHE A CE2 1 
ATOM   592  C  CZ  . PHE A 1 75  ? -10.456 4.149   -0.476  1.00 14.73 ? 75   PHE A CZ  1 
ATOM   593  N  N   . GLN A 1 76  ? -5.848  8.062   -4.081  1.00 14.43 ? 76   GLN A N   1 
ATOM   594  C  CA  . GLN A 1 76  ? -4.498  8.545   -4.374  1.00 14.20 ? 76   GLN A CA  1 
ATOM   595  C  C   . GLN A 1 76  ? -3.489  7.591   -3.758  1.00 13.46 ? 76   GLN A C   1 
ATOM   596  O  O   . GLN A 1 76  ? -3.575  7.277   -2.568  1.00 13.43 ? 76   GLN A O   1 
ATOM   597  C  CB  . GLN A 1 76  ? -4.278  9.931   -3.772  1.00 14.83 ? 76   GLN A CB  1 
ATOM   598  C  CG  . GLN A 1 76  ? -4.995  11.025  -4.537  1.00 16.48 ? 76   GLN A CG  1 
ATOM   599  C  CD  . GLN A 1 76  ? -4.379  11.314  -5.898  1.00 17.18 ? 76   GLN A CD  1 
ATOM   600  O  OE1 . GLN A 1 76  ? -3.193  11.064  -6.131  1.00 17.75 ? 76   GLN A OE1 1 
ATOM   601  N  NE2 . GLN A 1 76  ? -5.179  11.863  -6.803  1.00 17.57 ? 76   GLN A NE2 1 
ATOM   602  N  N   . VAL A 1 77  ? -2.546  7.122   -4.570  1.00 13.27 ? 77   VAL A N   1 
ATOM   603  C  CA  . VAL A 1 77  ? -1.545  6.143   -4.100  1.00 12.80 ? 77   VAL A CA  1 
ATOM   604  C  C   . VAL A 1 77  ? -0.158  6.462   -4.647  1.00 12.14 ? 77   VAL A C   1 
ATOM   605  O  O   . VAL A 1 77  ? -0.025  7.124   -5.685  1.00 12.23 ? 77   VAL A O   1 
ATOM   606  C  CB  . VAL A 1 77  ? -1.920  4.675   -4.466  1.00 13.12 ? 77   VAL A CB  1 
ATOM   607  C  CG1 . VAL A 1 77  ? -3.239  4.265   -3.828  1.00 13.35 ? 77   VAL A CG1 1 
ATOM   608  C  CG2 . VAL A 1 77  ? -1.986  4.470   -5.975  1.00 14.00 ? 77   VAL A CG2 1 
ATOM   609  N  N   . THR A 1 78  ? 0.868   5.977   -3.955  1.00 11.76 ? 78   THR A N   1 
ATOM   610  C  CA  . THR A 1 78  ? 2.229   6.017   -4.487  1.00 11.82 ? 78   THR A CA  1 
ATOM   611  C  C   . THR A 1 78  ? 2.802   4.617   -4.357  1.00 11.68 ? 78   THR A C   1 
ATOM   612  O  O   . THR A 1 78  ? 2.917   4.072   -3.255  1.00 11.66 ? 78   THR A O   1 
ATOM   613  C  CB  . THR A 1 78  ? 3.118   7.052   -3.757  1.00 11.93 ? 78   THR A CB  1 
ATOM   614  O  OG1 . THR A 1 78  ? 2.487   8.345   -3.796  1.00 12.79 ? 78   THR A OG1 1 
ATOM   615  C  CG2 . THR A 1 78  ? 4.486   7.157   -4.432  1.00 12.32 ? 78   THR A CG2 1 
ATOM   616  N  N   . THR A 1 79  ? 3.108   4.011   -5.501  1.00 11.99 ? 79   THR A N   1 
ATOM   617  C  CA  . THR A 1 79  ? 3.616   2.646   -5.498  1.00 12.08 ? 79   THR A CA  1 
ATOM   618  C  C   . THR A 1 79  ? 5.127   2.691   -5.643  1.00 12.08 ? 79   THR A C   1 
ATOM   619  O  O   . THR A 1 79  ? 5.661   3.276   -6.597  1.00 12.41 ? 79   THR A O   1 
ATOM   620  C  CB  . THR A 1 79  ? 2.987   1.801   -6.617  1.00 12.40 ? 79   THR A CB  1 
ATOM   621  O  OG1 . THR A 1 79  ? 1.574   1.728   -6.414  1.00 12.87 ? 79   THR A OG1 1 
ATOM   622  C  CG2 . THR A 1 79  ? 3.584   0.385   -6.601  1.00 13.03 ? 79   THR A CG2 1 
ATOM   623  N  N   . CYS A 1 80  ? 5.813   2.085   -4.678  1.00 12.29 ? 80   CYS A N   1 
ATOM   624  C  CA  . CYS A 1 80  ? 7.270   2.054   -4.648  1.00 12.52 ? 80   CYS A CA  1 
ATOM   625  C  C   . CYS A 1 80  ? 7.753   0.714   -5.188  1.00 12.19 ? 80   CYS A C   1 
ATOM   626  O  O   . CYS A 1 80  ? 7.355   -0.338  -4.689  1.00 12.31 ? 80   CYS A O   1 
ATOM   627  C  CB  . CYS A 1 80  ? 7.757   2.216   -3.208  1.00 13.05 ? 80   CYS A CB  1 
ATOM   628  S  SG  . CYS A 1 80  ? 7.181   3.748   -2.441  1.00 13.89 ? 80   CYS A SG  1 
ATOM   629  N  N   . THR A 1 81  ? 8.605   0.739   -6.210  1.00 11.95 ? 81   THR A N   1 
ATOM   630  C  CA  . THR A 1 81  ? 9.167   -0.527  -6.693  1.00 12.18 ? 81   THR A CA  1 
ATOM   631  C  C   . THR A 1 81  ? 10.678  -0.510  -6.668  1.00 11.88 ? 81   THR A C   1 
ATOM   632  O  O   . THR A 1 81  ? 11.311  0.492   -6.996  1.00 12.31 ? 81   THR A O   1 
ATOM   633  C  CB  . THR A 1 81  ? 8.683   -0.916  -8.111  1.00 12.24 ? 81   THR A CB  1 
ATOM   634  O  OG1 . THR A 1 81  ? 8.973   0.135   -9.041  1.00 12.30 ? 81   THR A OG1 1 
ATOM   635  C  CG2 . THR A 1 81  ? 7.164   -1.215  -8.117  1.00 13.05 ? 81   THR A CG2 1 
ATOM   636  N  N   . HIS A 1 82  ? 11.255  -1.636  -6.268  1.00 12.10 ? 82   HIS A N   1 
ATOM   637  C  CA  . HIS A 1 82  ? 12.701  -1.761  -6.177  1.00 12.37 ? 82   HIS A CA  1 
ATOM   638  C  C   . HIS A 1 82  ? 13.330  -1.608  -7.535  1.00 12.73 ? 82   HIS A C   1 
ATOM   639  O  O   . HIS A 1 82  ? 12.856  -2.205  -8.517  1.00 12.79 ? 82   HIS A O   1 
ATOM   640  C  CB  . HIS A 1 82  ? 13.032  -3.115  -5.568  1.00 12.28 ? 82   HIS A CB  1 
ATOM   641  C  CG  . HIS A 1 82  ? 14.506  -3.341  -5.339  1.00 11.97 ? 82   HIS A CG  1 
ATOM   642  N  ND1 . HIS A 1 82  ? 15.100  -4.529  -5.589  1.00 11.86 ? 82   HIS A ND1 1 
ATOM   643  C  CD2 . HIS A 1 82  ? 15.500  -2.496  -4.832  1.00 12.07 ? 82   HIS A CD2 1 
ATOM   644  C  CE1 . HIS A 1 82  ? 16.418  -4.439  -5.285  1.00 11.76 ? 82   HIS A CE1 1 
ATOM   645  N  NE2 . HIS A 1 82  ? 16.656  -3.201  -4.810  1.00 12.04 ? 82   HIS A NE2 1 
ATOM   646  N  N   . LYS A 1 83  ? 14.402  -0.804  -7.616  1.00 13.22 ? 83   LYS A N   1 
ATOM   647  C  CA  . LYS A 1 83  ? 15.075  -0.548  -8.900  1.00 13.57 ? 83   LYS A CA  1 
ATOM   648  C  C   . LYS A 1 83  ? 16.549  -0.928  -8.905  1.00 14.33 ? 83   LYS A C   1 
ATOM   649  O  O   . LYS A 1 83  ? 17.311  -0.479  -9.765  1.00 15.39 ? 83   LYS A O   1 
ATOM   650  C  CB  . LYS A 1 83  ? 14.887  0.916   -9.348  1.00 13.54 ? 83   LYS A CB  1 
ATOM   651  C  CG  . LYS A 1 83  ? 15.579  1.944   -8.475  1.00 13.49 ? 83   LYS A CG  1 
ATOM   652  C  CD  . LYS A 1 83  ? 15.243  3.365   -8.922  1.00 13.91 ? 83   LYS A CD  1 
ATOM   653  C  CE  . LYS A 1 83  ? 15.981  4.388   -8.068  1.00 14.12 ? 83   LYS A CE  1 
ATOM   654  N  NZ  . LYS A 1 83  ? 15.453  5.765   -8.348  1.00 14.67 ? 83   LYS A NZ  1 
ATOM   655  N  N   . GLY A 1 84  ? 16.952  -1.778  -7.974  1.00 14.82 ? 84   GLY A N   1 
ATOM   656  C  CA  . GLY A 1 84  ? 18.375  -2.108  -7.848  1.00 14.88 ? 84   GLY A CA  1 
ATOM   657  C  C   . GLY A 1 84  ? 18.653  -3.521  -8.285  1.00 15.24 ? 84   GLY A C   1 
ATOM   658  O  O   . GLY A 1 84  ? 17.736  -4.251  -8.665  1.00 15.56 ? 84   GLY A O   1 
ATOM   659  N  N   . ARG A 1 85  ? 19.928  -3.899  -8.240  1.00 15.36 ? 85   ARG A N   1 
ATOM   660  C  CA  . ARG A 1 85  ? 20.343  -5.265  -8.549  1.00 15.78 ? 85   ARG A CA  1 
ATOM   661  C  C   . ARG A 1 85  ? 20.562  -6.131  -7.308  1.00 16.82 ? 85   ARG A C   1 
ATOM   662  O  O   . ARG A 1 85  ? 20.778  -7.335  -7.441  1.00 17.14 ? 85   ARG A O   1 
ATOM   663  C  CB  . ARG A 1 85  ? 21.626  -5.268  -9.407  1.00 15.40 ? 85   ARG A CB  1 
ATOM   664  C  CG  . ARG A 1 85  ? 22.869  -4.789  -8.659  1.00 15.06 ? 85   ARG A CG  1 
ATOM   665  C  CD  . ARG A 1 85  ? 24.137  -5.062  -9.469  1.00 15.53 ? 85   ARG A CD  1 
ATOM   666  N  NE  . ARG A 1 85  ? 25.274  -4.355  -8.884  1.00 17.25 ? 85   ARG A NE  1 
ATOM   667  C  CZ  . ARG A 1 85  ? 26.412  -4.089  -9.514  1.00 16.92 ? 85   ARG A CZ  1 
ATOM   668  N  NH1 . ARG A 1 85  ? 26.607  -4.496  -10.766 1.00 17.47 ? 85   ARG A NH1 1 
ATOM   669  N  NH2 . ARG A 1 85  ? 27.365  -3.408  -8.874  1.00 18.34 ? 85   ARG A NH2 1 
ATOM   670  N  N   . SER A 1 86  ? 20.553  -5.522  -6.119  1.00 17.06 ? 86   SER A N   1 
ATOM   671  C  CA  . SER A 1 86  ? 20.829  -6.252  -4.883  1.00 17.67 ? 86   SER A CA  1 
ATOM   672  C  C   . SER A 1 86  ? 19.610  -6.272  -3.970  1.00 17.87 ? 86   SER A C   1 
ATOM   673  O  O   . SER A 1 86  ? 18.942  -5.257  -3.843  1.00 17.27 ? 86   SER A O   1 
ATOM   674  C  CB  . SER A 1 86  ? 21.989  -5.594  -4.143  1.00 19.26 ? 86   SER A CB  1 
ATOM   675  O  OG  . SER A 1 86  ? 22.146  -6.171  -2.856  1.00 19.28 ? 86   SER A OG  1 
ATOM   676  N  N   . PRO A 1 87  ? 19.332  -7.419  -3.323  1.00 18.67 ? 87   PRO A N   1 
ATOM   677  C  CA  . PRO A 1 87  ? 18.216  -7.511  -2.378  1.00 19.01 ? 87   PRO A CA  1 
ATOM   678  C  C   . PRO A 1 87  ? 18.588  -7.058  -0.962  1.00 19.80 ? 87   PRO A C   1 
ATOM   679  O  O   . PRO A 1 87  ? 17.760  -7.160  -0.062  1.00 20.04 ? 87   PRO A O   1 
ATOM   680  C  CB  . PRO A 1 87  ? 17.901  -9.000  -2.383  1.00 19.48 ? 87   PRO A CB  1 
ATOM   681  C  CG  . PRO A 1 87  ? 19.245  -9.630  -2.553  1.00 19.35 ? 87   PRO A CG  1 
ATOM   682  C  CD  . PRO A 1 87  ? 19.996  -8.725  -3.502  1.00 19.07 ? 87   PRO A CD  1 
ATOM   683  N  N   . ARG A 1 88  ? 19.824  -6.598  -0.777  1.00 20.12 ? 88   ARG A N   1 
ATOM   684  C  CA  . ARG A 1 88  ? 20.331  -6.194  0.540   1.00 22.02 ? 88   ARG A CA  1 
ATOM   685  C  C   . ARG A 1 88  ? 20.251  -4.677  0.689   1.00 20.28 ? 88   ARG A C   1 
ATOM   686  O  O   . ARG A 1 88  ? 20.674  -3.970  -0.208  1.00 20.22 ? 88   ARG A O   1 
ATOM   687  C  CB  . ARG A 1 88  ? 21.801  -6.625  0.686   1.00 24.84 ? 88   ARG A CB  1 
ATOM   688  C  CG  . ARG A 1 88  ? 22.048  -8.125  0.544   1.00 30.08 ? 88   ARG A CG  1 
ATOM   689  C  CD  . ARG A 1 88  ? 23.523  -8.484  0.690   1.00 33.17 ? 88   ARG A CD  1 
ATOM   690  N  NE  . ARG A 1 88  ? 24.022  -8.232  2.045   1.00 38.30 ? 88   ARG A NE  1 
ATOM   691  C  CZ  . ARG A 1 88  ? 24.878  -7.263  2.373   1.00 37.81 ? 88   ARG A CZ  1 
ATOM   692  N  NH1 . ARG A 1 88  ? 25.372  -6.454  1.446   1.00 40.63 ? 88   ARG A NH1 1 
ATOM   693  N  NH2 . ARG A 1 88  ? 25.257  -7.119  3.632   1.00 38.58 ? 88   ARG A NH2 1 
ATOM   694  N  N   . PRO A 1 89  ? 19.739  -4.164  1.833   1.00 20.32 ? 89   PRO A N   1 
ATOM   695  C  CA  . PRO A 1 89  ? 19.749  -2.702  2.011   1.00 20.29 ? 89   PRO A CA  1 
ATOM   696  C  C   . PRO A 1 89  ? 21.164  -2.112  2.077   1.00 20.46 ? 89   PRO A C   1 
ATOM   697  O  O   . PRO A 1 89  ? 22.111  -2.847  2.388   1.00 20.61 ? 89   PRO A O   1 
ATOM   698  C  CB  . PRO A 1 89  ? 19.015  -2.483  3.346   1.00 20.55 ? 89   PRO A CB  1 
ATOM   699  C  CG  . PRO A 1 89  ? 19.068  -3.806  4.039   1.00 21.47 ? 89   PRO A CG  1 
ATOM   700  C  CD  . PRO A 1 89  ? 19.097  -4.856  2.963   1.00 20.88 ? 89   PRO A CD  1 
ATOM   701  N  N   . PRO A 1 90  ? 21.310  -0.804  1.777   1.00 20.62 ? 90   PRO A N   1 
ATOM   702  C  CA  . PRO A 1 90  ? 20.240  0.156   1.420   1.00 20.39 ? 90   PRO A CA  1 
ATOM   703  C  C   . PRO A 1 90  ? 19.558  -0.126  0.082   1.00 19.42 ? 90   PRO A C   1 
ATOM   704  O  O   . PRO A 1 90  ? 20.208  -0.574  -0.871  1.00 19.71 ? 90   PRO A O   1 
ATOM   705  C  CB  . PRO A 1 90  ? 20.972  1.503   1.368   1.00 21.89 ? 90   PRO A CB  1 
ATOM   706  C  CG  . PRO A 1 90  ? 22.389  1.143   1.073   1.00 22.98 ? 90   PRO A CG  1 
ATOM   707  C  CD  . PRO A 1 90  ? 22.639  -0.162  1.762   1.00 22.45 ? 90   PRO A CD  1 
ATOM   708  N  N   . CYS A 1 91  ? 18.259  0.167   0.025   1.00 17.12 ? 91   CYS A N   1 
ATOM   709  C  CA  . CYS A 1 91  ? 17.425  -0.189  -1.112  1.00 15.84 ? 91   CYS A CA  1 
ATOM   710  C  C   . CYS A 1 91  ? 16.980  1.034   -1.897  1.00 15.01 ? 91   CYS A C   1 
ATOM   711  O  O   . CYS A 1 91  ? 16.520  2.022   -1.321  1.00 16.24 ? 91   CYS A O   1 
ATOM   712  C  CB  . CYS A 1 91  ? 16.193  -0.950  -0.624  1.00 15.21 ? 91   CYS A CB  1 
ATOM   713  S  SG  . CYS A 1 91  ? 16.576  -2.447  0.298   1.00 15.84 ? 91   CYS A SG  1 
ATOM   714  N  N   . ARG A 1 92  ? 17.146  0.963   -3.211  1.00 14.41 ? 92   ARG A N   1 
ATOM   715  C  CA  . ARG A 1 92  ? 16.757  2.063   -4.089  1.00 13.45 ? 92   ARG A CA  1 
ATOM   716  C  C   . ARG A 1 92  ? 15.402  1.770   -4.711  1.00 13.25 ? 92   ARG A C   1 
ATOM   717  O  O   . ARG A 1 92  ? 15.117  0.620   -5.073  1.00 12.96 ? 92   ARG A O   1 
ATOM   718  C  CB  . ARG A 1 92  ? 17.799  2.297   -5.177  1.00 14.12 ? 92   ARG A CB  1 
ATOM   719  C  CG  . ARG A 1 92  ? 19.155  2.752   -4.631  1.00 14.38 ? 92   ARG A CG  1 
ATOM   720  C  CD  . ARG A 1 92  ? 20.126  3.164   -5.725  1.00 15.04 ? 92   ARG A CD  1 
ATOM   721  N  NE  . ARG A 1 92  ? 20.404  2.045   -6.627  1.00 15.26 ? 92   ARG A NE  1 
ATOM   722  C  CZ  . ARG A 1 92  ? 20.084  2.028   -7.917  1.00 14.84 ? 92   ARG A CZ  1 
ATOM   723  N  NH1 . ARG A 1 92  ? 19.528  3.088   -8.491  1.00 15.76 ? 92   ARG A NH1 1 
ATOM   724  N  NH2 . ARG A 1 92  ? 20.354  0.953   -8.638  1.00 15.15 ? 92   ARG A NH2 1 
ATOM   725  N  N   . TYR A 1 93  ? 14.583  2.816   -4.842  1.00 12.96 ? 93   TYR A N   1 
ATOM   726  C  CA  . TYR A 1 93  ? 13.195  2.700   -5.300  1.00 12.93 ? 93   TYR A CA  1 
ATOM   727  C  C   . TYR A 1 93  ? 12.845  3.731   -6.351  1.00 12.99 ? 93   TYR A C   1 
ATOM   728  O  O   . TYR A 1 93  ? 13.392  4.837   -6.370  1.00 13.13 ? 93   TYR A O   1 
ATOM   729  C  CB  . TYR A 1 93  ? 12.199  2.861   -4.126  1.00 12.87 ? 93   TYR A CB  1 
ATOM   730  C  CG  . TYR A 1 93  ? 12.175  1.620   -3.279  1.00 12.76 ? 93   TYR A CG  1 
ATOM   731  C  CD1 . TYR A 1 93  ? 11.377  0.530   -3.634  1.00 12.64 ? 93   TYR A CD1 1 
ATOM   732  C  CD2 . TYR A 1 93  ? 13.022  1.494   -2.183  1.00 12.67 ? 93   TYR A CD2 1 
ATOM   733  C  CE1 . TYR A 1 93  ? 11.407  -0.644  -2.891  1.00 13.10 ? 93   TYR A CE1 1 
ATOM   734  C  CE2 . TYR A 1 93  ? 13.054  0.332   -1.431  1.00 12.71 ? 93   TYR A CE2 1 
ATOM   735  C  CZ  . TYR A 1 93  ? 12.239  -0.729  -1.788  1.00 12.72 ? 93   TYR A CZ  1 
ATOM   736  O  OH  . TYR A 1 93  ? 12.307  -1.875  -1.062  1.00 13.29 ? 93   TYR A OH  1 
ATOM   737  N  N   . ARG A 1 94  ? 11.898  3.357   -7.194  1.00 12.96 ? 94   ARG A N   1 
ATOM   738  C  CA  . ARG A 1 94  ? 11.182  4.327   -8.025  1.00 12.66 ? 94   ARG A CA  1 
ATOM   739  C  C   . ARG A 1 94  ? 9.747   4.467   -7.489  1.00 13.09 ? 94   ARG A C   1 
ATOM   740  O  O   . ARG A 1 94  ? 9.150   3.495   -7.019  1.00 12.49 ? 94   ARG A O   1 
ATOM   741  C  CB  . ARG A 1 94  ? 11.199  3.891   -9.497  1.00 13.60 ? 94   ARG A CB  1 
ATOM   742  C  CG  . ARG A 1 94  ? 10.452  2.600   -9.754  1.00 14.12 ? 94   ARG A CG  1 
ATOM   743  C  CD  . ARG A 1 94  ? 10.391  2.227   -11.222 1.00 14.42 ? 94   ARG A CD  1 
ATOM   744  N  NE  . ARG A 1 94  ? 11.644  1.746   -11.793 1.00 14.73 ? 94   ARG A NE  1 
ATOM   745  C  CZ  . ARG A 1 94  ? 12.159  0.530   -11.583 1.00 15.05 ? 94   ARG A CZ  1 
ATOM   746  N  NH1 . ARG A 1 94  ? 11.580  -0.331  -10.730 1.00 14.18 ? 94   ARG A NH1 1 
ATOM   747  N  NH2 . ARG A 1 94  ? 13.280  0.190   -12.212 1.00 14.93 ? 94   ARG A NH2 1 
ATOM   748  N  N   . ALA A 1 95  ? 9.208   5.686   -7.559  1.00 12.81 ? 95   ALA A N   1 
ATOM   749  C  CA  . ALA A 1 95  ? 7.809   5.967   -7.186  1.00 13.37 ? 95   ALA A CA  1 
ATOM   750  C  C   . ALA A 1 95  ? 6.934   6.089   -8.424  1.00 14.16 ? 95   ALA A C   1 
ATOM   751  O  O   . ALA A 1 95  ? 7.359   6.662   -9.430  1.00 15.56 ? 95   ALA A O   1 
ATOM   752  C  CB  . ALA A 1 95  ? 7.723   7.264   -6.390  1.00 13.50 ? 95   ALA A CB  1 
ATOM   753  N  N   . SER A 1 96  ? 5.721   5.551   -8.339  1.00 13.92 ? 96   SER A N   1 
ATOM   754  C  CA  . SER A 1 96  ? 4.702   5.725   -9.367  0.65 13.24 ? 96   SER A CA  1 
ATOM   755  C  C   . SER A 1 96  ? 3.432   6.210   -8.698  1.00 14.12 ? 96   SER A C   1 
ATOM   756  O  O   . SER A 1 96  ? 2.806   5.461   -7.947  1.00 13.88 ? 96   SER A O   1 
ATOM   757  C  CB  . SER A 1 96  ? 4.413   4.400   -10.083 0.65 13.46 ? 96   SER A CB  1 
ATOM   758  O  OG  . SER A 1 96  ? 3.385   4.553   -11.050 0.65 14.43 ? 96   SER A OG  1 
ATOM   759  N  N   . LYS A 1 97  ? 3.054   7.459   -8.972  1.00 14.22 ? 97   LYS A N   1 
ATOM   760  C  CA  . LYS A 1 97  ? 1.821   8.007   -8.436  1.00 15.32 ? 97   LYS A CA  1 
ATOM   761  C  C   . LYS A 1 97  ? 0.641   7.516   -9.254  1.00 15.91 ? 97   LYS A C   1 
ATOM   762  O  O   . LYS A 1 97  ? 0.724   7.376   -10.494 1.00 16.92 ? 97   LYS A O   1 
ATOM   763  C  CB  . LYS A 1 97  ? 1.852   9.539   -8.432  1.00 16.51 ? 97   LYS A CB  1 
ATOM   764  C  CG  . LYS A 1 97  ? 3.031   10.128  -7.666  1.00 17.50 ? 97   LYS A CG  1 
ATOM   765  C  CD  . LYS A 1 97  ? 3.008   11.653  -7.699  1.00 18.86 ? 97   LYS A CD  1 
ATOM   766  C  CE  . LYS A 1 97  ? 3.162   12.202  -9.116  1.00 20.88 ? 97   LYS A CE  1 
ATOM   767  N  NZ  . LYS A 1 97  ? 4.485   11.900  -9.751  1.00 23.52 ? 97   LYS A NZ  1 
ATOM   768  N  N   . GLY A 1 98  ? -0.467  7.282   -8.563  1.00 15.88 ? 98   GLY A N   1 
ATOM   769  C  CA  . GLY A 1 98  ? -1.699  6.868   -9.210  1.00 17.28 ? 98   GLY A CA  1 
ATOM   770  C  C   . GLY A 1 98  ? -2.931  7.385   -8.496  1.00 16.70 ? 98   GLY A C   1 
ATOM   771  O  O   . GLY A 1 98  ? -2.870  7.808   -7.332  1.00 16.25 ? 98   GLY A O   1 
ATOM   772  N  N   . PHE A 1 99  ? -4.036  7.376   -9.230  1.00 16.87 ? 99   PHE A N   1 
ATOM   773  C  CA  . PHE A 1 99  ? -5.359  7.617   -8.671  1.00 17.07 ? 99   PHE A CA  1 
ATOM   774  C  C   . PHE A 1 99  ? -6.254  6.537   -9.255  1.00 17.51 ? 99   PHE A C   1 
ATOM   775  O  O   . PHE A 1 99  ? -6.643  6.604   -10.425 1.00 18.30 ? 99   PHE A O   1 
ATOM   776  C  CB  . PHE A 1 99  ? -5.853  9.020   -9.034  1.00 18.13 ? 99   PHE A CB  1 
ATOM   777  C  CG  . PHE A 1 99  ? -7.194  9.365   -8.442  1.00 18.53 ? 99   PHE A CG  1 
ATOM   778  C  CD1 . PHE A 1 99  ? -7.390  9.366   -7.058  1.00 19.61 ? 99   PHE A CD1 1 
ATOM   779  C  CD2 . PHE A 1 99  ? -8.267  9.701   -9.271  1.00 19.97 ? 99   PHE A CD2 1 
ATOM   780  C  CE1 . PHE A 1 99  ? -8.626  9.693   -6.515  1.00 19.68 ? 99   PHE A CE1 1 
ATOM   781  C  CE2 . PHE A 1 99  ? -9.506  10.029  -8.728  1.00 20.26 ? 99   PHE A CE2 1 
ATOM   782  C  CZ  . PHE A 1 99  ? -9.683  10.025  -7.352  1.00 20.32 ? 99   PHE A CZ  1 
ATOM   783  N  N   . ARG A 1 100 ? -6.529  5.503   -8.466  1.00 17.20 ? 100  ARG A N   1 
ATOM   784  C  CA  . ARG A 1 100 ? -7.137  4.302   -9.026  1.00 17.79 ? 100  ARG A CA  1 
ATOM   785  C  C   . ARG A 1 100 ? -7.875  3.496   -7.976  1.00 17.37 ? 100  ARG A C   1 
ATOM   786  O  O   . ARG A 1 100 ? -7.712  3.724   -6.770  1.00 16.72 ? 100  ARG A O   1 
ATOM   787  C  CB  . ARG A 1 100 ? -6.067  3.413   -9.659  1.00 18.53 ? 100  ARG A CB  1 
ATOM   788  C  CG  . ARG A 1 100 ? -5.003  2.922   -8.690  1.00 19.25 ? 100  ARG A CG  1 
ATOM   789  C  CD  . ARG A 1 100 ? -4.254  1.747   -9.298  1.00 21.35 ? 100  ARG A CD  1 
ATOM   790  N  NE  . ARG A 1 100 ? -3.107  1.331   -8.480  1.00 22.92 ? 100  ARG A NE  1 
ATOM   791  C  CZ  . ARG A 1 100 ? -3.123  0.348   -7.573  1.00 25.49 ? 100  ARG A CZ  1 
ATOM   792  N  NH1 . ARG A 1 100 ? -4.233  -0.349  -7.334  1.00 26.06 ? 100  ARG A NH1 1 
ATOM   793  N  NH2 . ARG A 1 100 ? -2.019  0.055   -6.896  1.00 26.68 ? 100  ARG A NH2 1 
ATOM   794  N  N   . TYR A 1 101 ? -8.658  2.527   -8.444  1.00 17.73 ? 101  TYR A N   1 
ATOM   795  C  CA  . TYR A 1 101 ? -9.258  1.557   -7.536  1.00 17.57 ? 101  TYR A CA  1 
ATOM   796  C  C   . TYR A 1 101 ? -8.153  0.693   -6.974  1.00 16.92 ? 101  TYR A C   1 
ATOM   797  O  O   . TYR A 1 101 ? -7.152  0.424   -7.648  1.00 17.59 ? 101  TYR A O   1 
ATOM   798  C  CB  . TYR A 1 101 ? -10.287 0.685   -8.248  1.00 19.70 ? 101  TYR A CB  1 
ATOM   799  C  CG  . TYR A 1 101 ? -11.325 1.498   -8.964  1.00 20.69 ? 101  TYR A CG  1 
ATOM   800  C  CD1 . TYR A 1 101 ? -12.288 2.225   -8.262  1.00 21.56 ? 101  TYR A CD1 1 
ATOM   801  C  CD2 . TYR A 1 101 ? -11.322 1.563   -10.353 1.00 22.38 ? 101  TYR A CD2 1 
ATOM   802  C  CE1 . TYR A 1 101 ? -13.235 2.984   -8.940  1.00 23.35 ? 101  TYR A CE1 1 
ATOM   803  C  CE2 . TYR A 1 101 ? -12.262 2.313   -11.029 1.00 23.88 ? 101  TYR A CE2 1 
ATOM   804  C  CZ  . TYR A 1 101 ? -13.204 3.020   -10.325 1.00 24.31 ? 101  TYR A CZ  1 
ATOM   805  O  OH  . TYR A 1 101 ? -14.131 3.763   -11.045 1.00 27.40 ? 101  TYR A OH  1 
ATOM   806  N  N   . ILE A 1 102 ? -8.329  0.290   -5.725  1.00 15.56 ? 102  ILE A N   1 
ATOM   807  C  CA  . ILE A 1 102 ? -7.327  -0.533  -5.050  1.00 15.17 ? 102  ILE A CA  1 
ATOM   808  C  C   . ILE A 1 102 ? -7.952  -1.824  -4.529  1.00 14.83 ? 102  ILE A C   1 
ATOM   809  O  O   . ILE A 1 102 ? -9.134  -1.857  -4.172  1.00 14.81 ? 102  ILE A O   1 
ATOM   810  C  CB  . ILE A 1 102 ? -6.615  0.234   -3.921  1.00 15.15 ? 102  ILE A CB  1 
ATOM   811  C  CG1 . ILE A 1 102 ? -7.622  0.752   -2.875  1.00 14.71 ? 102  ILE A CG1 1 
ATOM   812  C  CG2 . ILE A 1 102 ? -5.761  1.350   -4.503  1.00 15.06 ? 102  ILE A CG2 1 
ATOM   813  C  CD1 . ILE A 1 102 ? -6.942  1.378   -1.670  1.00 15.35 ? 102  ILE A CD1 1 
ATOM   814  N  N   . ILE A 1 103 ? -7.143  -2.878  -4.503  1.00 14.32 ? 103  ILE A N   1 
ATOM   815  C  CA  . ILE A 1 103 ? -7.583  -4.187  -4.005  1.00 14.87 ? 103  ILE A CA  1 
ATOM   816  C  C   . ILE A 1 103 ? -6.899  -4.475  -2.674  1.00 14.97 ? 103  ILE A C   1 
ATOM   817  O  O   . ILE A 1 103 ? -5.667  -4.424  -2.570  1.00 15.56 ? 103  ILE A O   1 
ATOM   818  C  CB  . ILE A 1 103 ? -7.275  -5.290  -5.039  1.00 14.88 ? 103  ILE A CB  1 
ATOM   819  C  CG1 . ILE A 1 103 ? -8.009  -4.977  -6.347  1.00 15.75 ? 103  ILE A CG1 1 
ATOM   820  C  CG2 . ILE A 1 103 ? -7.670  -6.665  -4.513  1.00 14.77 ? 103  ILE A CG2 1 
ATOM   821  C  CD1 . ILE A 1 103 ? -7.548  -5.804  -7.533  1.00 17.06 ? 103  ILE A CD1 1 
ATOM   822  N  N   . ILE A 1 104 ? -7.705  -4.757  -1.648  1.00 15.01 ? 104  ILE A N   1 
ATOM   823  C  CA  . ILE A 1 104 ? -7.152  -5.044  -0.324  1.00 16.66 ? 104  ILE A CA  1 
ATOM   824  C  C   . ILE A 1 104 ? -7.646  -6.384  0.226   1.00 15.37 ? 104  ILE A C   1 
ATOM   825  O  O   . ILE A 1 104 ? -8.692  -6.883  -0.182  1.00 15.11 ? 104  ILE A O   1 
ATOM   826  C  CB  . ILE A 1 104 ? -7.383  -3.896  0.684   1.00 18.52 ? 104  ILE A CB  1 
ATOM   827  C  CG1 . ILE A 1 104 ? -8.866  -3.672  0.924   1.00 20.18 ? 104  ILE A CG1 1 
ATOM   828  C  CG2 . ILE A 1 104 ? -6.676  -2.599  0.239   1.00 19.45 ? 104  ILE A CG2 1 
ATOM   829  C  CD1 . ILE A 1 104 ? -9.126  -2.972  2.249   1.00 20.77 ? 104  ILE A CD1 1 
ATOM   830  N  N   . GLY A 1 105 ? -6.863  -6.992  1.107   1.00 15.24 ? 105  GLY A N   1 
ATOM   831  C  CA  . GLY A 1 105 ? -7.293  -8.218  1.780   1.00 15.32 ? 105  GLY A CA  1 
ATOM   832  C  C   . GLY A 1 105 ? -7.925  -7.823  3.091   1.00 15.75 ? 105  GLY A C   1 
ATOM   833  O  O   . GLY A 1 105 ? -7.386  -6.976  3.806   1.00 15.40 ? 105  GLY A O   1 
ATOM   834  N  N   . CYS A 1 106 ? -9.081  -8.415  3.375   1.00 16.55 ? 106  CYS A N   1 
ATOM   835  C  CA  . CYS A 1 106 ? -9.899  -8.033  4.515   1.00 18.59 ? 106  CYS A CA  1 
ATOM   836  C  C   . CYS A 1 106 ? -10.051 -9.196  5.486   1.00 19.06 ? 106  CYS A C   1 
ATOM   837  O  O   . CYS A 1 106 ? -10.145 -10.350 5.061   1.00 18.14 ? 106  CYS A O   1 
ATOM   838  C  CB  . CYS A 1 106 ? -11.271 -7.602  4.009   1.00 20.52 ? 106  CYS A CB  1 
ATOM   839  S  SG  . CYS A 1 106 ? -11.197 -6.110  2.999   1.00 22.11 ? 106  CYS A SG  1 
ATOM   840  N  N   . GLU A 1 107 ? -10.086 -8.885  6.781   1.00 20.11 ? 107  GLU A N   1 
ATOM   841  C  CA  . GLU A 1 107 ? -10.395 -9.887  7.802   1.00 22.32 ? 107  GLU A CA  1 
ATOM   842  C  C   . GLU A 1 107 ? -11.292 -9.280  8.864   1.00 23.71 ? 107  GLU A C   1 
ATOM   843  O  O   . GLU A 1 107 ? -10.897 -8.327  9.552   1.00 22.40 ? 107  GLU A O   1 
ATOM   844  C  CB  . GLU A 1 107 ? -9.131  -10.464 8.444   1.00 23.64 ? 107  GLU A CB  1 
ATOM   845  C  CG  . GLU A 1 107 ? -9.428  -11.684 9.320   1.00 25.51 ? 107  GLU A CG  1 
ATOM   846  C  CD  . GLU A 1 107 ? -8.204  -12.290 9.981   1.00 28.22 ? 107  GLU A CD  1 
ATOM   847  O  OE1 . GLU A 1 107 ? -7.129  -11.659 9.989   1.00 28.89 ? 107  GLU A OE1 1 
ATOM   848  O  OE2 . GLU A 1 107 ? -8.326  -13.421 10.506  1.00 30.68 ? 107  GLU A OE2 1 
ATOM   849  N  N   . ASN A 1 108 ? -12.497 -9.841  8.972   1.00 25.57 ? 108  ASN A N   1 
ATOM   850  C  CA  . ASN A 1 108 ? -13.517 -9.387  9.930   1.00 27.12 ? 108  ASN A CA  1 
ATOM   851  C  C   . ASN A 1 108 ? -13.764 -7.875  9.874   1.00 26.53 ? 108  ASN A C   1 
ATOM   852  O  O   . ASN A 1 108 ? -13.858 -7.201  10.909  1.00 27.54 ? 108  ASN A O   1 
ATOM   853  C  CB  . ASN A 1 108 ? -13.175 -9.847  11.353  1.00 29.91 ? 108  ASN A CB  1 
ATOM   854  C  CG  . ASN A 1 108 ? -12.970 -11.354 11.454  1.00 31.06 ? 108  ASN A CG  1 
ATOM   855  O  OD1 . ASN A 1 108 ? -13.670 -12.144 10.813  1.00 33.67 ? 108  ASN A OD1 1 
ATOM   856  N  ND2 . ASN A 1 108 ? -12.006 -11.759 12.265  1.00 34.15 ? 108  ASN A ND2 1 
ATOM   857  N  N   . GLY A 1 109 ? -13.843 -7.352  8.655   1.00 24.51 ? 109  GLY A N   1 
ATOM   858  C  CA  . GLY A 1 109 ? -14.106 -5.935  8.439   1.00 23.91 ? 109  GLY A CA  1 
ATOM   859  C  C   . GLY A 1 109 ? -12.893 -5.023  8.438   1.00 21.66 ? 109  GLY A C   1 
ATOM   860  O  O   . GLY A 1 109 ? -13.038 -3.823  8.209   1.00 21.52 ? 109  GLY A O   1 
ATOM   861  N  N   . TRP A 1 110 ? -11.703 -5.573  8.678   1.00 20.65 ? 110  TRP A N   1 
ATOM   862  C  CA  . TRP A 1 110 ? -10.484 -4.750  8.774   1.00 21.16 ? 110  TRP A CA  1 
ATOM   863  C  C   . TRP A 1 110 ? -9.524  -5.001  7.647   1.00 18.88 ? 110  TRP A C   1 
ATOM   864  O  O   . TRP A 1 110 ? -9.293  -6.154  7.300   1.00 18.50 ? 110  TRP A O   1 
ATOM   865  C  CB  . TRP A 1 110 ? -9.759  -5.015  10.089  1.00 24.69 ? 110  TRP A CB  1 
ATOM   866  C  CG  . TRP A 1 110 ? -10.531 -4.606  11.323  1.00 28.21 ? 110  TRP A CG  1 
ATOM   867  C  CD1 . TRP A 1 110 ? -11.260 -5.431  12.179  1.00 30.02 ? 110  TRP A CD1 1 
ATOM   868  C  CD2 . TRP A 1 110 ? -10.680 -3.251  11.883  1.00 29.83 ? 110  TRP A CD2 1 
ATOM   869  N  NE1 . TRP A 1 110 ? -11.829 -4.701  13.197  1.00 31.33 ? 110  TRP A NE1 1 
ATOM   870  C  CE2 . TRP A 1 110 ? -11.525 -3.392  13.079  1.00 31.67 ? 110  TRP A CE2 1 
ATOM   871  C  CE3 . TRP A 1 110 ? -10.221 -1.988  11.528  1.00 30.38 ? 110  TRP A CE3 1 
ATOM   872  C  CZ2 . TRP A 1 110 ? -11.870 -2.301  13.869  1.00 32.82 ? 110  TRP A CZ2 1 
ATOM   873  C  CZ3 . TRP A 1 110 ? -10.575 -0.896  12.333  1.00 32.35 ? 110  TRP A CZ3 1 
ATOM   874  C  CH2 . TRP A 1 110 ? -11.384 -1.049  13.472  1.00 32.42 ? 110  TRP A CH2 1 
ATOM   875  N  N   . PRO A 1 111 ? -8.926  -3.929  7.081   1.00 17.17 ? 111  PRO A N   1 
ATOM   876  C  CA  . PRO A 1 111 ? -7.855  -4.154  6.095   1.00 16.61 ? 111  PRO A CA  1 
ATOM   877  C  C   . PRO A 1 111 ? -6.640  -4.790  6.734   1.00 15.91 ? 111  PRO A C   1 
ATOM   878  O  O   . PRO A 1 111 ? -6.165  -4.321  7.784   1.00 16.29 ? 111  PRO A O   1 
ATOM   879  C  CB  . PRO A 1 111 ? -7.497  -2.750  5.610   1.00 16.23 ? 111  PRO A CB  1 
ATOM   880  C  CG  . PRO A 1 111 ? -8.671  -1.901  5.954   1.00 17.55 ? 111  PRO A CG  1 
ATOM   881  C  CD  . PRO A 1 111 ? -9.246  -2.496  7.220   1.00 16.95 ? 111  PRO A CD  1 
ATOM   882  N  N   . VAL A 1 112 ? -6.150  -5.863  6.118   1.00 14.92 ? 112  VAL A N   1 
ATOM   883  C  CA  . VAL A 1 112 ? -4.989  -6.585  6.635   1.00 14.91 ? 112  VAL A CA  1 
ATOM   884  C  C   . VAL A 1 112 ? -3.882  -6.797  5.582   1.00 14.84 ? 112  VAL A C   1 
ATOM   885  O  O   . VAL A 1 112 ? -2.779  -7.234  5.921   1.00 15.18 ? 112  VAL A O   1 
ATOM   886  C  CB  . VAL A 1 112 ? -5.361  -7.938  7.308   1.00 15.25 ? 112  VAL A CB  1 
ATOM   887  C  CG1 . VAL A 1 112 ? -6.330  -7.742  8.480   1.00 15.25 ? 112  VAL A CG1 1 
ATOM   888  C  CG2 . VAL A 1 112 ? -5.931  -8.926  6.290   1.00 15.72 ? 112  VAL A CG2 1 
ATOM   889  N  N   . HIS A 1 113 ? -4.161  -6.478  4.320   1.00 14.43 ? 113  HIS A N   1 
ATOM   890  C  CA  . HIS A 1 113 ? -3.156  -6.702  3.253   1.00 13.57 ? 113  HIS A CA  1 
ATOM   891  C  C   . HIS A 1 113 ? -3.477  -5.827  2.083   1.00 13.77 ? 113  HIS A C   1 
ATOM   892  O  O   . HIS A 1 113 ? -4.630  -5.427  1.911   1.00 14.24 ? 113  HIS A O   1 
ATOM   893  C  CB  . HIS A 1 113 ? -3.189  -8.165  2.825   1.00 13.66 ? 113  HIS A CB  1 
ATOM   894  C  CG  . HIS A 1 113 ? -1.851  -8.707  2.321   1.00 13.55 ? 113  HIS A CG  1 
ATOM   895  N  ND1 . HIS A 1 113 ? -0.811  -8.963  3.143   1.00 13.91 ? 113  HIS A ND1 1 
ATOM   896  C  CD2 . HIS A 1 113 ? -1.432  -9.053  1.034   1.00 13.87 ? 113  HIS A CD2 1 
ATOM   897  C  CE1 . HIS A 1 113 ? 0.227   -9.446  2.429   1.00 14.43 ? 113  HIS A CE1 1 
ATOM   898  N  NE2 . HIS A 1 113 ? -0.155  -9.517  1.136   1.00 13.60 ? 113  HIS A NE2 1 
ATOM   899  N  N   . PHE A 1 114 ? -2.471  -5.539  1.251   1.00 13.59 ? 114  PHE A N   1 
ATOM   900  C  CA  . PHE A 1 114 ? -2.674  -4.767  0.020   1.00 14.02 ? 114  PHE A CA  1 
ATOM   901  C  C   . PHE A 1 114 ? -2.259  -5.652  -1.152  1.00 13.95 ? 114  PHE A C   1 
ATOM   902  O  O   . PHE A 1 114 ? -1.151  -6.208  -1.156  1.00 14.55 ? 114  PHE A O   1 
ATOM   903  C  CB  . PHE A 1 114 ? -1.837  -3.468  0.027   1.00 13.83 ? 114  PHE A CB  1 
ATOM   904  C  CG  . PHE A 1 114 ? -2.186  -2.509  -1.083  1.00 13.81 ? 114  PHE A CG  1 
ATOM   905  C  CD1 . PHE A 1 114 ? -1.606  -2.627  -2.346  1.00 13.45 ? 114  PHE A CD1 1 
ATOM   906  C  CD2 . PHE A 1 114 ? -3.095  -1.486  -0.867  1.00 13.42 ? 114  PHE A CD2 1 
ATOM   907  C  CE1 . PHE A 1 114 ? -1.938  -1.745  -3.367  1.00 13.76 ? 114  PHE A CE1 1 
ATOM   908  C  CE2 . PHE A 1 114 ? -3.423  -0.598  -1.882  1.00 13.52 ? 114  PHE A CE2 1 
ATOM   909  C  CZ  . PHE A 1 114 ? -2.847  -0.729  -3.141  1.00 13.68 ? 114  PHE A CZ  1 
ATOM   910  N  N   . ASP A 1 115 ? -3.145  -5.801  -2.129  1.00 14.25 ? 115  ASP A N   1 
ATOM   911  C  CA  . ASP A 1 115 ? -2.809  -6.574  -3.322  1.00 13.92 ? 115  ASP A CA  1 
ATOM   912  C  C   . ASP A 1 115 ? -2.043  -5.673  -4.267  1.00 14.60 ? 115  ASP A C   1 
ATOM   913  O  O   . ASP A 1 115 ? -2.532  -4.588  -4.629  1.00 14.63 ? 115  ASP A O   1 
ATOM   914  C  CB  . ASP A 1 115 ? -4.061  -7.122  -3.989  1.00 14.35 ? 115  ASP A CB  1 
ATOM   915  C  CG  . ASP A 1 115 ? -3.738  -8.026  -5.142  1.00 14.51 ? 115  ASP A CG  1 
ATOM   916  O  OD1 . ASP A 1 115 ? -3.352  -7.494  -6.199  1.00 15.67 ? 115  ASP A OD1 1 
ATOM   917  O  OD2 . ASP A 1 115 ? -3.861  -9.257  -4.969  1.00 15.04 ? 115  ASP A OD2 1 
ATOM   918  N  N   . GLU A 1 116 ? -0.835  -6.110  -4.638  1.00 14.21 ? 116  GLU A N   1 
ATOM   919  C  CA  . GLU A 1 116 ? 0.118   -5.269  -5.387  1.00 14.79 ? 116  GLU A CA  1 
ATOM   920  C  C   . GLU A 1 116 ? 0.140   -5.573  -6.881  1.00 16.40 ? 116  GLU A C   1 
ATOM   921  O  O   . GLU A 1 116 ? 0.998   -5.068  -7.612  1.00 17.10 ? 116  GLU A O   1 
ATOM   922  C  CB  . GLU A 1 116 ? 1.543   -5.371  -4.789  1.00 14.05 ? 116  GLU A CB  1 
ATOM   923  C  CG  . GLU A 1 116 ? 1.653   -4.923  -3.338  1.00 14.52 ? 116  GLU A CG  1 
ATOM   924  C  CD  . GLU A 1 116 ? 1.639   -3.403  -3.167  1.00 13.76 ? 116  GLU A CD  1 
ATOM   925  O  OE1 . GLU A 1 116 ? 1.469   -2.675  -4.168  1.00 14.91 ? 116  GLU A OE1 1 
ATOM   926  O  OE2 . GLU A 1 116 ? 1.790   -2.942  -2.015  1.00 14.06 ? 116  GLU A OE2 1 
ATOM   927  N  N   . SER A 1 117 ? -0.811  -6.376  -7.351  1.00 16.93 ? 117  SER A N   1 
ATOM   928  C  CA  . SER A 1 117 ? -0.841  -6.725  -8.777  1.00 18.99 ? 117  SER A CA  1 
ATOM   929  C  C   . SER A 1 117 ? -1.338  -5.568  -9.651  1.00 20.84 ? 117  SER A C   1 
ATOM   930  O  O   . SER A 1 117 ? -1.907  -4.596  -9.154  1.00 20.07 ? 117  SER A O   1 
ATOM   931  C  CB  . SER A 1 117 ? -1.665  -7.998  -9.020  1.00 18.24 ? 117  SER A CB  1 
ATOM   932  O  OG  . SER A 1 117 ? -3.044  -7.787  -8.768  1.00 17.30 ? 117  SER A OG  1 
ATOM   933  N  N   . PHE A 1 118 ? -1.115  -5.674  -10.957 1.00 24.61 ? 118  PHE A N   1 
ATOM   934  C  CA  . PHE A 1 118 ? -1.501  -4.606  -11.892 1.00 29.65 ? 118  PHE A CA  1 
ATOM   935  C  C   . PHE A 1 118 ? -3.010  -4.452  -12.099 1.00 32.24 ? 118  PHE A C   1 
ATOM   936  O  O   . PHE A 1 118 ? -3.720  -5.432  -12.376 1.00 32.21 ? 118  PHE A O   1 
ATOM   937  C  CB  . PHE A 1 118 ? -0.795  -4.783  -13.247 1.00 31.67 ? 118  PHE A CB  1 
ATOM   938  C  CG  . PHE A 1 118 ? -1.187  -3.756  -14.282 1.00 35.12 ? 118  PHE A CG  1 
ATOM   939  C  CD1 . PHE A 1 118 ? -0.682  -2.456  -14.223 1.00 36.31 ? 118  PHE A CD1 1 
ATOM   940  C  CD2 . PHE A 1 118 ? -2.059  -4.089  -15.321 1.00 36.67 ? 118  PHE A CD2 1 
ATOM   941  C  CE1 . PHE A 1 118 ? -1.043  -1.509  -15.174 1.00 38.27 ? 118  PHE A CE1 1 
ATOM   942  C  CE2 . PHE A 1 118 ? -2.423  -3.146  -16.273 1.00 38.48 ? 118  PHE A CE2 1 
ATOM   943  C  CZ  . PHE A 1 118 ? -1.916  -1.856  -16.198 1.00 38.64 ? 118  PHE A CZ  1 
ATOM   944  N  N   . ILE A 1 119 ? -3.485  -3.211  -11.958 1.00 35.08 ? 119  ILE A N   1 
ATOM   945  C  CA  . ILE A 1 119 ? -4.858  -2.830  -12.314 1.00 38.02 ? 119  ILE A CA  1 
ATOM   946  C  C   . ILE A 1 119 ? -4.791  -1.813  -13.448 1.00 40.62 ? 119  ILE A C   1 
ATOM   947  O  O   . ILE A 1 119 ? -3.946  -0.911  -13.429 1.00 42.89 ? 119  ILE A O   1 
ATOM   948  C  CB  . ILE A 1 119 ? -5.632  -2.214  -11.124 1.00 37.90 ? 119  ILE A CB  1 
ATOM   949  C  CG1 . ILE A 1 119 ? -5.641  -3.170  -9.927  1.00 37.24 ? 119  ILE A CG1 1 
ATOM   950  C  CG2 . ILE A 1 119 ? -7.070  -1.868  -11.525 1.00 38.01 ? 119  ILE A CG2 1 
ATOM   951  C  CD1 . ILE A 1 119 ? -6.293  -2.585  -8.690  1.00 36.31 ? 119  ILE A CD1 1 
ATOM   952  N  N   . SER A 1 120 ? -5.673  -1.963  -14.433 1.00 43.30 ? 120  SER A N   1 
ATOM   953  C  CA  . SER A 1 120 ? -5.686  -1.075  -15.598 1.00 46.30 ? 120  SER A CA  1 
ATOM   954  C  C   . SER A 1 120 ? -7.030  -0.413  -15.819 1.00 47.12 ? 120  SER A C   1 
ATOM   955  O  O   . SER A 1 120 ? -7.899  -0.969  -16.489 1.00 47.62 ? 120  SER A O   1 
HETATM 956  ZN ZN  . ZN  B 2 .   ? 14.319  -6.367  -6.143  1.00 13.54 ? 1121 ZN  A ZN  1 
HETATM 957  S  S   . SO4 C 3 .   ? 7.870   -8.520  -2.863  0.50 12.92 ? 1122 SO4 A S   1 
HETATM 958  O  O1  . SO4 C 3 .   ? 9.338   -8.380  -2.765  0.50 12.83 ? 1122 SO4 A O1  1 
HETATM 959  O  O2  . SO4 C 3 .   ? 7.522   -9.291  -4.069  0.50 12.30 ? 1122 SO4 A O2  1 
HETATM 960  O  O3  . SO4 C 3 .   ? 7.250   -7.184  -2.921  0.50 12.42 ? 1122 SO4 A O3  1 
HETATM 961  O  O4  . SO4 C 3 .   ? 7.383   -9.254  -1.675  0.50 12.57 ? 1122 SO4 A O4  1 
HETATM 962  S  S   . SO4 D 3 .   ? 21.693  -1.524  -6.232  1.00 17.76 ? 1123 SO4 A S   1 
HETATM 963  O  O1  . SO4 D 3 .   ? 20.950  -0.391  -5.653  1.00 19.94 ? 1123 SO4 A O1  1 
HETATM 964  O  O2  . SO4 D 3 .   ? 23.102  -1.460  -5.818  1.00 20.04 ? 1123 SO4 A O2  1 
HETATM 965  O  O3  . SO4 D 3 .   ? 21.594  -1.501  -7.714  1.00 17.17 ? 1123 SO4 A O3  1 
HETATM 966  O  O4  . SO4 D 3 .   ? 21.088  -2.766  -5.704  1.00 18.83 ? 1123 SO4 A O4  1 
HETATM 967  C  C1  . GOL E 4 .   ? -9.124  8.689   11.307  1.00 30.32 ? 1124 GOL A C1  1 
HETATM 968  O  O1  . GOL E 4 .   ? -8.011  9.256   12.012  1.00 37.12 ? 1124 GOL A O1  1 
HETATM 969  C  C2  . GOL E 4 .   ? -9.026  9.005   9.823   1.00 27.72 ? 1124 GOL A C2  1 
HETATM 970  O  O2  . GOL E 4 .   ? -10.011 8.191   9.190   1.00 26.50 ? 1124 GOL A O2  1 
HETATM 971  C  C3  . GOL E 4 .   ? -7.630  8.674   9.271   1.00 27.05 ? 1124 GOL A C3  1 
HETATM 972  O  O3  . GOL E 4 .   ? -7.060  9.693   8.442   1.00 33.92 ? 1124 GOL A O3  1 
HETATM 973  O  O   . HOH F 5 .   ? -6.326  -6.765  13.144  1.00 30.48 ? 2001 HOH A O   1 
HETATM 974  O  O   . HOH F 5 .   ? -4.963  -9.270  14.015  1.00 36.11 ? 2002 HOH A O   1 
HETATM 975  O  O   . HOH F 5 .   ? -0.932  -9.840  8.203   1.00 26.14 ? 2003 HOH A O   1 
HETATM 976  O  O   . HOH F 5 .   ? -1.330  -7.072  8.234   1.00 22.52 ? 2004 HOH A O   1 
HETATM 977  O  O   . HOH F 5 .   ? -1.893  -13.554 8.437   1.00 35.83 ? 2005 HOH A O   1 
HETATM 978  O  O   . HOH F 5 .   ? 5.275   -9.555  4.902   1.00 35.58 ? 2006 HOH A O   1 
HETATM 979  O  O   . HOH F 5 .   ? -0.484  3.777   11.927  1.00 35.86 ? 2007 HOH A O   1 
HETATM 980  O  O   . HOH F 5 .   ? -8.855  3.100   12.037  1.00 28.95 ? 2008 HOH A O   1 
HETATM 981  O  O   . HOH F 5 .   ? 3.735   -8.992  2.507   1.00 19.97 ? 2009 HOH A O   1 
HETATM 982  O  O   . HOH F 5 .   ? 5.012   -10.276 7.217   1.00 36.29 ? 2010 HOH A O   1 
HETATM 983  O  O   . HOH F 5 .   ? 0.679   -11.135 10.083  1.00 32.68 ? 2011 HOH A O   1 
HETATM 984  O  O   . HOH F 5 .   ? 11.062  14.841  3.354   1.00 29.09 ? 2012 HOH A O   1 
HETATM 985  O  O   . HOH F 5 .   ? -0.669  14.725  -1.382  1.00 36.36 ? 2013 HOH A O   1 
HETATM 986  O  O   . HOH F 5 .   ? 0.864   4.364   9.540   1.00 23.86 ? 2014 HOH A O   1 
HETATM 987  O  O   . HOH F 5 .   ? 3.098   -2.463  12.693  1.00 34.79 ? 2015 HOH A O   1 
HETATM 988  O  O   . HOH F 5 .   ? 2.852   -8.202  5.360   1.00 29.78 ? 2016 HOH A O   1 
HETATM 989  O  O   . HOH F 5 .   ? -0.186  -5.457  4.975   1.00 18.61 ? 2017 HOH A O   1 
HETATM 990  O  O   . HOH F 5 .   ? 3.230   -6.285  2.465   1.00 29.87 ? 2018 HOH A O   1 
HETATM 991  O  O   . HOH F 5 .   ? 17.904  10.622  -2.728  1.00 38.05 ? 2019 HOH A O   1 
HETATM 992  O  O   . HOH F 5 .   ? 0.258   -5.914  2.270   1.00 15.78 ? 2020 HOH A O   1 
HETATM 993  O  O   . HOH F 5 .   ? 18.467  0.964   4.444   1.00 24.65 ? 2021 HOH A O   1 
HETATM 994  O  O   . HOH F 5 .   ? 18.965  3.748   3.817   0.50 33.60 ? 2022 HOH A O   1 
HETATM 995  O  O   . HOH F 5 .   ? 4.261   12.208  6.627   1.00 33.80 ? 2023 HOH A O   1 
HETATM 996  O  O   . HOH F 5 .   ? 4.198   9.245   7.627   1.00 29.51 ? 2024 HOH A O   1 
HETATM 997  O  O   . HOH F 5 .   ? 5.365   10.850  4.401   1.00 16.81 ? 2025 HOH A O   1 
HETATM 998  O  O   . HOH F 5 .   ? 1.045   11.191  6.871   1.00 26.89 ? 2026 HOH A O   1 
HETATM 999  O  O   . HOH F 5 .   ? -0.546  9.275   7.976   1.00 21.83 ? 2027 HOH A O   1 
HETATM 1000 O  O   . HOH F 5 .   ? 2.000   16.103  2.422   1.00 26.74 ? 2028 HOH A O   1 
HETATM 1001 O  O   . HOH F 5 .   ? -5.992  12.002  3.588   1.00 39.32 ? 2029 HOH A O   1 
HETATM 1002 O  O   . HOH F 5 .   ? -13.363 6.662   -0.228  1.00 20.20 ? 2030 HOH A O   1 
HETATM 1003 O  O   . HOH F 5 .   ? 10.542  13.101  -0.650  1.00 19.54 ? 2031 HOH A O   1 
HETATM 1004 O  O   . HOH F 5 .   ? 10.912  12.173  2.043   1.00 27.23 ? 2032 HOH A O   1 
HETATM 1005 O  O   . HOH F 5 .   ? -16.683 5.268   7.171   1.00 23.27 ? 2033 HOH A O   1 
HETATM 1006 O  O   . HOH F 5 .   ? 6.380   13.835  -6.646  1.00 21.12 ? 2034 HOH A O   1 
HETATM 1007 O  O   . HOH F 5 .   ? 7.793   16.173  -4.758  1.00 20.46 ? 2035 HOH A O   1 
HETATM 1008 O  O   . HOH F 5 .   ? -17.482 5.271   4.461   0.50 19.65 ? 2036 HOH A O   1 
HETATM 1009 O  O   . HOH F 5 .   ? 6.678   11.415  -8.111  1.00 24.03 ? 2037 HOH A O   1 
HETATM 1010 O  O   . HOH F 5 .   ? -2.428  12.672  -2.110  1.00 40.61 ? 2038 HOH A O   1 
HETATM 1011 O  O   . HOH F 5 .   ? -0.388  14.595  -7.298  1.00 41.72 ? 2039 HOH A O   1 
HETATM 1012 O  O   . HOH F 5 .   ? -1.842  10.972  -8.747  1.00 33.38 ? 2040 HOH A O   1 
HETATM 1013 O  O   . HOH F 5 .   ? 13.357  14.711  -2.958  1.00 16.16 ? 2041 HOH A O   1 
HETATM 1014 O  O   . HOH F 5 .   ? 9.970   16.007  -3.139  1.00 19.57 ? 2042 HOH A O   1 
HETATM 1015 O  O   . HOH F 5 .   ? 10.502  8.138   -10.719 1.00 20.61 ? 2043 HOH A O   1 
HETATM 1016 O  O   . HOH F 5 .   ? 15.890  8.559   -8.684  1.00 16.28 ? 2044 HOH A O   1 
HETATM 1017 O  O   . HOH F 5 .   ? -13.202 -1.640  -10.760 1.00 34.30 ? 2045 HOH A O   1 
HETATM 1018 O  O   . HOH F 5 .   ? 14.978  2.201   1.115   1.00 17.57 ? 2046 HOH A O   1 
HETATM 1019 O  O   . HOH F 5 .   ? 17.171  8.002   -0.604  1.00 26.97 ? 2047 HOH A O   1 
HETATM 1020 O  O   . HOH F 5 .   ? 16.993  6.845   -6.197  1.00 16.08 ? 2048 HOH A O   1 
HETATM 1021 O  O   . HOH F 5 .   ? 19.364  6.601   -3.744  1.00 33.47 ? 2049 HOH A O   1 
HETATM 1022 O  O   . HOH F 5 .   ? 9.986   10.450  4.192   1.00 25.56 ? 2050 HOH A O   1 
HETATM 1023 O  O   . HOH F 5 .   ? 4.792   0.620   -10.332 1.00 26.00 ? 2051 HOH A O   1 
HETATM 1024 O  O   . HOH F 5 .   ? 25.402  -5.878  -5.407  1.00 36.70 ? 2052 HOH A O   1 
HETATM 1025 O  O   . HOH F 5 .   ? 7.145   2.014   11.187  1.00 38.98 ? 2053 HOH A O   1 
HETATM 1026 O  O   . HOH F 5 .   ? 6.523   7.159   9.438   1.00 29.89 ? 2054 HOH A O   1 
HETATM 1027 O  O   . HOH F 5 .   ? 0.803   7.142   9.485   1.00 27.13 ? 2055 HOH A O   1 
HETATM 1028 O  O   . HOH F 5 .   ? 13.618  -1.842  7.391   1.00 31.76 ? 2056 HOH A O   1 
HETATM 1029 O  O   . HOH F 5 .   ? 10.948  -7.087  3.865   1.00 35.91 ? 2057 HOH A O   1 
HETATM 1030 O  O   . HOH F 5 .   ? 16.842  0.657   2.394   1.00 22.44 ? 2058 HOH A O   1 
HETATM 1031 O  O   . HOH F 5 .   ? 19.094  -8.616  3.174   1.00 33.77 ? 2059 HOH A O   1 
HETATM 1032 O  O   . HOH F 5 .   ? 20.233  -3.032  -2.682  1.00 21.16 ? 2060 HOH A O   1 
HETATM 1033 O  O   . HOH F 5 .   ? 3.515   -4.610  0.124   1.00 19.12 ? 2061 HOH A O   1 
HETATM 1034 O  O   . HOH F 5 .   ? 4.363   -2.494  -9.461  1.00 30.38 ? 2062 HOH A O   1 
HETATM 1035 O  O   . HOH F 5 .   ? 1.317   -2.352  -6.983  1.00 23.48 ? 2063 HOH A O   1 
HETATM 1036 O  O   . HOH F 5 .   ? -7.209  9.422   -2.017  1.00 20.18 ? 2064 HOH A O   1 
HETATM 1037 O  O   . HOH F 5 .   ? -11.014 10.789  -0.688  1.00 36.63 ? 2065 HOH A O   1 
HETATM 1038 O  O   . HOH F 5 .   ? -9.120  12.156  2.130   1.00 37.29 ? 2066 HOH A O   1 
HETATM 1039 O  O   . HOH F 5 .   ? -11.168 7.649   -1.779  1.00 20.57 ? 2067 HOH A O   1 
HETATM 1040 O  O   . HOH F 5 .   ? -12.868 9.886   5.590   1.00 28.68 ? 2068 HOH A O   1 
HETATM 1041 O  O   . HOH F 5 .   ? -14.868 3.072   7.709   1.00 19.06 ? 2069 HOH A O   1 
HETATM 1042 O  O   . HOH F 5 .   ? -10.292 5.696   11.618  1.00 30.56 ? 2070 HOH A O   1 
HETATM 1043 O  O   . HOH F 5 .   ? -12.578 10.736  8.112   1.00 38.03 ? 2071 HOH A O   1 
HETATM 1044 O  O   . HOH F 5 .   ? -13.952 4.119   0.605   1.00 17.40 ? 2072 HOH A O   1 
HETATM 1045 O  O   . HOH F 5 .   ? -15.567 5.730   2.519   1.00 19.90 ? 2073 HOH A O   1 
HETATM 1046 O  O   . HOH F 5 .   ? -13.170 11.707  3.336   1.00 37.53 ? 2074 HOH A O   1 
HETATM 1047 O  O   . HOH F 5 .   ? -15.371 -2.464  7.301   1.00 34.36 ? 2075 HOH A O   1 
HETATM 1048 O  O   . HOH F 5 .   ? -16.156 0.578   7.405   1.00 29.78 ? 2076 HOH A O   1 
HETATM 1049 O  O   . HOH F 5 .   ? -14.678 -7.725  4.409   1.00 29.83 ? 2077 HOH A O   1 
HETATM 1050 O  O   . HOH F 5 .   ? -14.132 2.615   -1.823  1.00 17.37 ? 2078 HOH A O   1 
HETATM 1051 O  O   . HOH F 5 .   ? -16.814 9.457   0.348   0.50 27.46 ? 2079 HOH A O   1 
HETATM 1052 O  O   . HOH F 5 .   ? -17.933 -8.544  -7.107  1.00 27.73 ? 2080 HOH A O   1 
HETATM 1053 O  O   . HOH F 5 .   ? -9.422  -6.137  -12.628 1.00 28.10 ? 2081 HOH A O   1 
HETATM 1054 O  O   . HOH F 5 .   ? -6.707  -9.417  -11.359 1.00 23.27 ? 2082 HOH A O   1 
HETATM 1055 O  O   . HOH F 5 .   ? -15.083 -13.053 -4.003  1.00 21.03 ? 2083 HOH A O   1 
HETATM 1056 O  O   . HOH F 5 .   ? -14.196 -11.431 -1.501  1.00 21.53 ? 2084 HOH A O   1 
HETATM 1057 O  O   . HOH F 5 .   ? -7.840  -14.363 -3.920  1.00 14.11 ? 2085 HOH A O   1 
HETATM 1058 O  O   . HOH F 5 .   ? -7.301  -19.736 -4.768  1.00 20.83 ? 2086 HOH A O   1 
HETATM 1059 O  O   . HOH F 5 .   ? -11.280 -16.908 -5.265  1.00 17.45 ? 2087 HOH A O   1 
HETATM 1060 O  O   . HOH F 5 .   ? -8.193  -23.035 -4.086  1.00 38.64 ? 2088 HOH A O   1 
HETATM 1061 O  O   . HOH F 5 .   ? -13.899 -13.840 0.200   1.00 22.50 ? 2089 HOH A O   1 
HETATM 1062 O  O   . HOH F 5 .   ? -11.935 -16.995 3.329   0.70 20.06 ? 2090 HOH A O   1 
HETATM 1063 O  O   . HOH F 5 .   ? -12.628 -12.362 3.658   1.00 28.10 ? 2091 HOH A O   1 
HETATM 1064 O  O   . HOH F 5 .   ? -9.494  -18.582 4.092   1.00 42.52 ? 2092 HOH A O   1 
HETATM 1065 O  O   . HOH F 5 .   ? -15.409 -10.155 0.552   1.00 27.43 ? 2093 HOH A O   1 
HETATM 1066 O  O   . HOH F 5 .   ? -20.371 -7.433  -0.879  1.00 38.45 ? 2094 HOH A O   1 
HETATM 1067 O  O   . HOH F 5 .   ? -14.687 -0.888  -8.451  1.00 26.69 ? 2095 HOH A O   1 
HETATM 1068 O  O   . HOH F 5 .   ? -13.923 7.826   -7.508  1.00 34.78 ? 2096 HOH A O   1 
HETATM 1069 O  O   . HOH F 5 .   ? -12.280 9.073   -4.789  1.00 28.24 ? 2097 HOH A O   1 
HETATM 1070 O  O   . HOH F 5 .   ? -4.432  13.045  -9.449  1.00 35.78 ? 2098 HOH A O   1 
HETATM 1071 O  O   . HOH F 5 .   ? -7.664  13.068  -5.611  1.00 24.29 ? 2099 HOH A O   1 
HETATM 1072 O  O   . HOH F 5 .   ? 6.945   2.178   -8.951  1.00 15.29 ? 2100 HOH A O   1 
HETATM 1073 O  O   . HOH F 5 .   ? 0.867   3.780   -9.133  1.00 28.51 ? 2101 HOH A O   1 
HETATM 1074 O  O   . HOH F 5 .   ? 18.716  -1.307  -4.133  1.00 17.49 ? 2102 HOH A O   1 
HETATM 1075 O  O   . HOH F 5 .   ? 22.716  -9.025  -6.329  1.00 22.57 ? 2103 HOH A O   1 
HETATM 1076 O  O   . HOH F 5 .   ? 28.338  -4.574  -13.568 1.00 31.42 ? 2104 HOH A O   1 
HETATM 1077 O  O   . HOH F 5 .   ? 25.037  -3.312  -6.169  1.00 26.46 ? 2105 HOH A O   1 
HETATM 1078 O  O   . HOH F 5 .   ? 27.645  -2.112  -6.338  1.00 34.56 ? 2106 HOH A O   1 
HETATM 1079 O  O   . HOH F 5 .   ? 25.545  -6.259  -2.149  1.00 46.19 ? 2107 HOH A O   1 
HETATM 1080 O  O   . HOH F 5 .   ? 22.411  -5.085  4.128   1.00 25.92 ? 2108 HOH A O   1 
HETATM 1081 O  O   . HOH F 5 .   ? 21.526  0.706   -3.057  1.00 30.09 ? 2109 HOH A O   1 
HETATM 1082 O  O   . HOH F 5 .   ? 18.451  4.265   -0.497  1.00 33.30 ? 2110 HOH A O   1 
HETATM 1083 O  O   . HOH F 5 .   ? 23.898  1.455   -6.193  1.00 28.44 ? 2111 HOH A O   1 
HETATM 1084 O  O   . HOH F 5 .   ? 7.409   8.694   -11.036 0.50 26.81 ? 2112 HOH A O   1 
HETATM 1085 O  O   . HOH F 5 .   ? 2.245   1.444   -10.133 1.00 30.84 ? 2113 HOH A O   1 
HETATM 1086 O  O   . HOH F 5 .   ? 4.363   5.236   -13.503 1.00 30.20 ? 2114 HOH A O   1 
HETATM 1087 O  O   . HOH F 5 .   ? 4.519   9.199   -10.732 1.00 20.42 ? 2115 HOH A O   1 
HETATM 1088 O  O   . HOH F 5 .   ? -0.278  5.152   -12.000 1.00 33.62 ? 2116 HOH A O   1 
HETATM 1089 O  O   . HOH F 5 .   ? -3.508  6.736   -12.020 1.00 29.74 ? 2117 HOH A O   1 
HETATM 1090 O  O   . HOH F 5 .   ? -1.575  2.962   -9.238  1.00 28.51 ? 2118 HOH A O   1 
HETATM 1091 O  O   . HOH F 5 .   ? -4.480  -2.723  -5.600  1.00 15.78 ? 2119 HOH A O   1 
HETATM 1092 O  O   . HOH F 5 .   ? -1.534  -2.913  -6.800  1.00 27.64 ? 2120 HOH A O   1 
HETATM 1093 O  O   . HOH F 5 .   ? -13.607 -8.949  6.515   1.00 29.53 ? 2121 HOH A O   1 
HETATM 1094 O  O   . HOH F 5 .   ? -8.513  -8.198  11.721  1.00 31.95 ? 2122 HOH A O   1 
HETATM 1095 O  O   . HOH F 5 .   ? -5.641  -12.233 7.679   1.00 29.06 ? 2123 HOH A O   1 
HETATM 1096 O  O   . HOH F 5 .   ? 0.134   -8.534  5.752   1.00 18.76 ? 2124 HOH A O   1 
HETATM 1097 O  O   . HOH F 5 .   ? -2.216  -9.464  6.030   1.00 53.65 ? 2125 HOH A O   1 
HETATM 1098 O  O   . HOH F 5 .   ? 2.533   -10.994 1.009   1.00 15.37 ? 2126 HOH A O   1 
HETATM 1099 O  O   . HOH F 5 .   ? 1.266   -6.558  -0.027  1.00 27.54 ? 2127 HOH A O   1 
HETATM 1100 O  O   . HOH F 5 .   ? -0.344  -9.227  -1.863  1.00 14.42 ? 2128 HOH A O   1 
HETATM 1101 O  O   . HOH F 5 .   ? -4.269  -4.883  -7.230  1.00 20.51 ? 2129 HOH A O   1 
HETATM 1102 O  O   . HOH F 5 .   ? -3.060  -9.810  -2.250  1.00 13.00 ? 2130 HOH A O   1 
HETATM 1103 O  O   . HOH F 5 .   ? 0.127   -8.901  -4.638  1.00 13.98 ? 2131 HOH A O   1 
HETATM 1104 O  O   . HOH F 5 .   ? 2.079   -8.357  -6.522  1.00 15.33 ? 2132 HOH A O   1 
HETATM 1105 O  O   . HOH F 5 .   ? 3.318   -6.471  -8.482  1.00 19.33 ? 2133 HOH A O   1 
HETATM 1106 O  O   . HOH F 5 .   ? -4.348  -7.912  -11.157 1.00 28.33 ? 2134 HOH A O   1 
HETATM 1107 O  O   . HOH F 5 .   ? 1.673   -3.382  -11.310 1.00 48.65 ? 2135 HOH A O   1 
HETATM 1108 O  O   . HOH F 5 .   ? -1.899  -0.853  -11.224 1.00 36.38 ? 2136 HOH A O   1 
HETATM 1109 O  O   . HOH F 5 .   ? -6.370  12.345  6.616   1.00 48.11 ? 2137 HOH A O   1 
# 
